data_9OJL
#
_entry.id   9OJL
#
_cell.length_a   109.918
_cell.length_b   154.033
_cell.length_c   156.602
_cell.angle_alpha   90.00
_cell.angle_beta   90.00
_cell.angle_gamma   90.00
#
_symmetry.space_group_name_H-M   'P 21 21 21'
#
loop_
_entity.id
_entity.type
_entity.pdbx_description
1 polymer Chitinase
2 non-polymer 1,2-ETHANEDIOL
3 non-polymer 'SULFATE ION'
4 non-polymer DI(HYDROXYETHYL)ETHER
5 water water
#
_entity_poly.entity_id   1
_entity_poly.type   'polypeptide(L)'
_entity_poly.pdbx_seq_one_letter_code
;APTAPMTNPDSGVVVGYWHNWCDGGGYQGGNAPCVTLDEVNPMYNIVNVSFMKVYDVADGRIPTFKLDPTIGLSEEQFID
QISELNKQGRSVLLALGGADAHVELETGDERAFADEIIRLTERYGFDGLDIDLEQAAVTAANNQTVIPDALKLVKDHYRA
EGKNFLITMAPEFPYLTTGGKYVPYIDNLEGYYDWINPQFYNQGGDGIWVDGVGWIAQNNDALKEEFIYYISDSLINGTR
GFHKIPHDKLVFGIPSSIDAAATGFVQDPQDLYDAFETLTTQGQPLRGVMTWSINWDMGTNKNGQQYNEQFIKDYGPFVH
GQVTPPPVLEHHHHHH
;
_entity_poly.pdbx_strand_id   A,B,C,D,E,F
#
loop_
_chem_comp.id
_chem_comp.type
_chem_comp.name
_chem_comp.formula
EDO non-polymer 1,2-ETHANEDIOL 'C2 H6 O2'
PEG non-polymer DI(HYDROXYETHYL)ETHER 'C4 H10 O3'
SO4 non-polymer 'SULFATE ION' 'O4 S -2'
#
# COMPACT_ATOMS: atom_id res chain seq x y z
N PRO A 5 6.88 28.81 41.14
CA PRO A 5 5.67 29.18 41.88
C PRO A 5 4.46 28.33 41.45
N MET A 6 4.70 27.05 41.18
CA MET A 6 3.80 26.21 40.38
C MET A 6 3.02 25.26 41.31
N THR A 7 1.81 25.66 41.68
CA THR A 7 1.07 24.98 42.75
C THR A 7 0.44 23.69 42.25
N ASN A 8 0.69 22.57 42.94
CA ASN A 8 0.08 21.27 42.66
C ASN A 8 -0.80 20.81 43.82
N PRO A 9 -1.82 20.00 43.55
CA PRO A 9 -2.62 19.44 44.65
C PRO A 9 -1.93 18.26 45.30
N ASP A 10 -2.16 18.14 46.62
CA ASP A 10 -1.62 17.04 47.42
C ASP A 10 -2.49 15.80 47.40
N SER A 11 -3.81 15.92 47.23
CA SER A 11 -4.65 14.72 47.16
C SER A 11 -5.81 14.90 46.19
N GLY A 12 -7.06 14.78 46.67
CA GLY A 12 -8.21 14.78 45.78
C GLY A 12 -8.42 16.13 45.12
N VAL A 13 -9.13 16.13 43.99
CA VAL A 13 -9.32 17.36 43.23
C VAL A 13 -10.80 17.49 42.93
N VAL A 14 -11.32 18.71 43.01
CA VAL A 14 -12.54 19.08 42.33
C VAL A 14 -12.13 20.13 41.31
N VAL A 15 -12.18 19.77 40.03
CA VAL A 15 -11.79 20.63 38.92
C VAL A 15 -13.03 21.37 38.47
N GLY A 16 -12.92 22.68 38.33
CA GLY A 16 -14.00 23.49 37.78
C GLY A 16 -13.49 24.44 36.71
N TYR A 17 -14.24 24.53 35.62
CA TYR A 17 -13.89 25.52 34.59
C TYR A 17 -14.45 26.91 34.90
N TRP A 18 -13.66 27.92 34.55
CA TRP A 18 -13.95 29.34 34.77
C TRP A 18 -14.04 30.05 33.42
N HIS A 19 -15.22 30.62 33.11
CA HIS A 19 -15.48 31.25 31.81
C HIS A 19 -14.74 32.58 31.69
N ASN A 20 -13.93 32.72 30.66
CA ASN A 20 -13.39 34.04 30.27
C ASN A 20 -14.40 34.81 29.40
N TRP A 21 -15.66 34.89 29.83
CA TRP A 21 -16.70 35.69 29.16
C TRP A 21 -17.89 35.80 30.10
N CYS A 22 -18.81 36.70 29.75
CA CYS A 22 -19.94 37.00 30.63
C CYS A 22 -21.25 36.57 30.01
N ASP A 23 -22.17 36.13 30.87
CA ASP A 23 -23.56 35.78 30.51
C ASP A 23 -23.68 34.79 29.32
N GLY A 24 -23.14 33.59 29.50
CA GLY A 24 -23.44 32.50 28.56
C GLY A 24 -24.87 31.97 28.72
N GLY A 25 -25.51 31.65 27.58
CA GLY A 25 -26.83 31.00 27.60
C GLY A 25 -26.71 29.48 27.73
N GLY A 26 -27.69 28.86 28.39
CA GLY A 26 -27.59 27.47 28.76
C GLY A 26 -28.45 26.54 27.91
N TYR A 27 -28.21 25.24 28.08
CA TYR A 27 -28.99 24.25 27.35
C TYR A 27 -30.44 24.25 27.72
N GLN A 28 -30.82 24.89 28.82
CA GLN A 28 -32.23 24.98 29.19
C GLN A 28 -32.61 26.44 29.44
N GLY A 29 -31.86 27.35 28.85
CA GLY A 29 -32.22 28.75 28.87
C GLY A 29 -31.75 29.53 30.08
N GLY A 30 -30.87 28.95 30.91
CA GLY A 30 -30.32 29.69 32.03
C GLY A 30 -29.25 30.67 31.58
N ASN A 31 -28.57 31.26 32.54
CA ASN A 31 -27.56 32.24 32.29
C ASN A 31 -26.37 31.99 33.21
N ALA A 32 -25.18 32.10 32.66
CA ALA A 32 -23.92 31.87 33.39
C ALA A 32 -23.15 33.18 33.44
N PRO A 33 -23.15 33.88 34.56
CA PRO A 33 -22.49 35.19 34.62
C PRO A 33 -21.00 34.99 34.68
N CYS A 34 -20.26 36.05 34.31
CA CYS A 34 -18.88 36.01 34.66
C CYS A 34 -18.74 36.26 36.15
N VAL A 35 -17.66 35.72 36.71
CA VAL A 35 -17.32 35.91 38.11
C VAL A 35 -15.81 36.12 38.18
N THR A 36 -15.34 36.80 39.24
CA THR A 36 -13.90 36.93 39.45
C THR A 36 -13.34 35.63 40.01
N LEU A 37 -12.01 35.51 39.99
CA LEU A 37 -11.37 34.32 40.56
C LEU A 37 -11.57 34.30 42.07
N ASP A 38 -11.52 35.47 42.71
N ASP A 38 -11.49 35.49 42.69
CA ASP A 38 -11.72 35.50 44.15
CA ASP A 38 -11.84 35.74 44.08
C ASP A 38 -13.16 35.15 44.56
C ASP A 38 -13.11 35.03 44.49
N GLU A 39 -14.12 35.13 43.63
CA GLU A 39 -15.47 34.70 43.97
C GLU A 39 -15.66 33.19 43.93
N VAL A 40 -14.68 32.45 43.40
CA VAL A 40 -14.81 30.99 43.26
C VAL A 40 -14.71 30.29 44.60
N ASN A 41 -15.68 29.40 44.87
CA ASN A 41 -15.68 28.63 46.11
C ASN A 41 -14.33 27.94 46.28
N PRO A 42 -13.67 28.06 47.43
CA PRO A 42 -12.33 27.46 47.58
C PRO A 42 -12.31 25.93 47.42
N MET A 43 -13.46 25.25 47.53
CA MET A 43 -13.46 23.80 47.32
C MET A 43 -13.18 23.42 45.88
N TYR A 44 -13.36 24.36 44.94
CA TYR A 44 -12.76 24.17 43.62
C TYR A 44 -11.26 24.42 43.75
N ASN A 45 -10.51 23.34 43.96
CA ASN A 45 -9.08 23.54 44.17
C ASN A 45 -8.26 23.46 42.90
N ILE A 46 -8.88 23.12 41.77
CA ILE A 46 -8.28 23.27 40.44
C ILE A 46 -9.23 24.11 39.62
N VAL A 47 -8.78 25.27 39.15
CA VAL A 47 -9.63 26.19 38.42
C VAL A 47 -9.06 26.34 37.01
N ASN A 48 -9.86 26.00 36.00
CA ASN A 48 -9.40 26.02 34.59
C ASN A 48 -9.95 27.22 33.83
N VAL A 49 -9.07 28.19 33.57
CA VAL A 49 -9.41 29.41 32.83
C VAL A 49 -9.69 29.05 31.37
N SER A 50 -10.88 29.36 30.89
CA SER A 50 -11.34 28.91 29.58
C SER A 50 -11.60 30.11 28.68
N PHE A 51 -10.95 30.21 27.49
CA PHE A 51 -10.05 29.24 26.84
C PHE A 51 -8.86 29.90 26.19
N MET A 52 -7.76 29.16 26.17
CA MET A 52 -6.68 29.49 25.24
C MET A 52 -7.17 29.10 23.84
N LYS A 53 -7.04 30.01 22.87
CA LYS A 53 -7.61 29.77 21.56
C LYS A 53 -6.93 30.70 20.55
N VAL A 54 -7.28 30.54 19.29
CA VAL A 54 -6.96 31.52 18.27
C VAL A 54 -8.11 32.52 18.20
N TYR A 55 -7.82 33.76 18.54
CA TYR A 55 -8.84 34.81 18.51
C TYR A 55 -9.10 35.32 17.10
N ASP A 56 -8.07 35.38 16.26
CA ASP A 56 -8.21 35.94 14.93
C ASP A 56 -7.22 35.20 14.04
N VAL A 57 -7.73 34.50 13.01
CA VAL A 57 -6.83 33.68 12.20
C VAL A 57 -5.74 34.52 11.53
N ALA A 58 -5.96 35.83 11.39
CA ALA A 58 -4.92 36.71 10.86
C ALA A 58 -3.69 36.76 11.74
N ASP A 59 -3.78 36.35 13.00
CA ASP A 59 -2.63 36.37 13.89
C ASP A 59 -1.88 35.05 13.90
N GLY A 60 -2.26 34.11 13.05
CA GLY A 60 -1.50 32.89 12.93
C GLY A 60 -2.12 31.77 13.74
N ARG A 61 -1.50 30.61 13.61
CA ARG A 61 -2.07 29.38 14.16
C ARG A 61 -1.80 29.21 15.64
N ILE A 62 -0.93 30.00 16.26
CA ILE A 62 -0.57 29.72 17.65
C ILE A 62 -1.65 30.22 18.60
N PRO A 63 -2.25 29.34 19.41
CA PRO A 63 -3.25 29.80 20.39
C PRO A 63 -2.64 30.71 21.44
N THR A 64 -3.49 31.56 22.00
CA THR A 64 -3.01 32.44 23.05
C THR A 64 -4.19 32.69 23.99
N PHE A 65 -3.96 33.54 25.00
CA PHE A 65 -5.01 33.90 25.94
C PHE A 65 -5.09 35.42 26.06
N LYS A 66 -6.30 35.95 25.98
CA LYS A 66 -6.56 37.40 26.16
C LYS A 66 -7.69 37.55 27.16
N LEU A 67 -7.37 38.06 28.35
CA LEU A 67 -8.40 38.27 29.37
C LEU A 67 -9.51 39.16 28.85
N ASP A 68 -10.75 38.75 29.06
CA ASP A 68 -11.90 39.55 28.63
C ASP A 68 -12.10 40.71 29.61
N PRO A 69 -11.96 41.98 29.18
CA PRO A 69 -12.09 43.10 30.14
C PRO A 69 -13.49 43.24 30.73
N THR A 70 -14.54 42.74 30.06
CA THR A 70 -15.87 42.90 30.62
C THR A 70 -16.07 42.14 31.93
N ILE A 71 -15.17 41.22 32.30
CA ILE A 71 -15.23 40.58 33.61
C ILE A 71 -14.95 41.58 34.74
N GLY A 72 -14.33 42.71 34.44
CA GLY A 72 -14.08 43.74 35.44
C GLY A 72 -12.75 43.64 36.15
N LEU A 73 -11.86 42.75 35.72
CA LEU A 73 -10.53 42.61 36.31
C LEU A 73 -9.50 43.24 35.38
N SER A 74 -8.62 44.06 35.93
CA SER A 74 -7.45 44.43 35.16
C SER A 74 -6.52 43.24 35.08
N GLU A 75 -5.60 43.32 34.13
CA GLU A 75 -4.48 42.38 34.11
C GLU A 75 -3.88 42.17 35.49
N GLU A 76 -3.55 43.28 36.16
N GLU A 76 -3.51 43.27 36.17
CA GLU A 76 -2.86 43.21 37.43
CA GLU A 76 -2.84 43.10 37.45
C GLU A 76 -3.72 42.52 38.49
C GLU A 76 -3.74 42.45 38.49
N GLN A 77 -5.03 42.79 38.48
CA GLN A 77 -5.93 42.16 39.43
C GLN A 77 -6.08 40.67 39.15
N PHE A 78 -6.15 40.30 37.87
CA PHE A 78 -6.26 38.90 37.48
C PHE A 78 -5.03 38.12 37.94
N ILE A 79 -3.84 38.66 37.64
CA ILE A 79 -2.59 38.06 38.09
C ILE A 79 -2.55 37.93 39.61
N ASP A 80 -2.98 38.98 40.33
CA ASP A 80 -2.98 38.93 41.79
C ASP A 80 -3.95 37.87 42.30
N GLN A 81 -5.11 37.73 41.65
CA GLN A 81 -6.06 36.76 42.17
C GLN A 81 -5.58 35.33 41.95
N ILE A 82 -4.83 35.09 40.86
CA ILE A 82 -4.15 33.80 40.69
C ILE A 82 -3.15 33.58 41.81
N SER A 83 -2.31 34.60 42.09
CA SER A 83 -1.34 34.47 43.17
C SER A 83 -2.04 34.13 44.47
N GLU A 84 -3.20 34.73 44.70
CA GLU A 84 -3.92 34.46 45.93
C GLU A 84 -4.47 33.04 45.94
N LEU A 85 -4.96 32.53 44.79
CA LEU A 85 -5.37 31.12 44.76
C LEU A 85 -4.18 30.23 45.08
N ASN A 86 -3.02 30.53 44.51
CA ASN A 86 -1.84 29.72 44.79
C ASN A 86 -1.50 29.76 46.28
N LYS A 87 -1.66 30.93 46.93
CA LYS A 87 -1.33 31.00 48.35
C LYS A 87 -2.27 30.11 49.16
N GLN A 88 -3.49 29.91 48.68
CA GLN A 88 -4.41 28.97 49.31
C GLN A 88 -4.11 27.52 48.96
N GLY A 89 -3.10 27.24 48.14
CA GLY A 89 -2.79 25.88 47.73
C GLY A 89 -3.56 25.39 46.51
N ARG A 90 -4.30 26.26 45.87
CA ARG A 90 -5.15 25.92 44.73
C ARG A 90 -4.38 26.19 43.44
N SER A 91 -4.70 25.40 42.41
CA SER A 91 -4.04 25.54 41.10
C SER A 91 -4.95 26.25 40.12
N VAL A 92 -4.34 26.98 39.18
CA VAL A 92 -5.08 27.63 38.11
C VAL A 92 -4.44 27.20 36.81
N LEU A 93 -5.17 26.41 36.01
CA LEU A 93 -4.69 25.94 34.73
C LEU A 93 -5.27 26.81 33.63
N LEU A 94 -4.62 26.79 32.48
CA LEU A 94 -5.16 27.36 31.27
C LEU A 94 -5.78 26.23 30.46
N ALA A 95 -7.07 26.35 30.11
CA ALA A 95 -7.75 25.31 29.34
C ALA A 95 -7.65 25.66 27.85
N LEU A 96 -7.08 24.77 27.06
CA LEU A 96 -6.91 24.97 25.62
C LEU A 96 -8.11 24.42 24.86
N GLY A 97 -8.72 25.24 24.02
CA GLY A 97 -9.74 24.76 23.11
C GLY A 97 -11.10 25.46 23.26
N GLY A 98 -12.15 24.68 23.51
CA GLY A 98 -13.50 25.21 23.51
C GLY A 98 -14.06 25.43 22.11
N ALA A 99 -15.32 25.90 22.08
CA ALA A 99 -16.00 26.06 20.82
C ALA A 99 -15.35 27.14 19.98
N ASP A 100 -15.29 26.90 18.66
CA ASP A 100 -14.90 27.93 17.71
C ASP A 100 -13.53 28.51 18.07
N ALA A 101 -12.61 27.63 18.46
CA ALA A 101 -11.28 28.03 18.93
C ALA A 101 -10.26 28.16 17.82
N HIS A 102 -10.54 27.59 16.64
CA HIS A 102 -9.64 27.62 15.49
C HIS A 102 -8.26 27.06 15.84
N VAL A 103 -8.22 26.01 16.67
CA VAL A 103 -6.96 25.34 16.97
C VAL A 103 -6.72 24.30 15.89
N GLU A 104 -5.76 24.56 15.02
CA GLU A 104 -5.51 23.72 13.85
C GLU A 104 -4.01 23.72 13.62
N LEU A 105 -3.27 23.26 14.64
CA LEU A 105 -1.82 23.39 14.64
C LEU A 105 -1.23 22.46 13.60
N GLU A 106 -0.14 22.91 12.98
CA GLU A 106 0.53 22.16 11.92
C GLU A 106 1.93 21.74 12.36
N THR A 107 2.33 20.56 11.87
CA THR A 107 3.67 20.04 12.08
C THR A 107 4.70 21.13 11.86
N GLY A 108 5.53 21.35 12.87
CA GLY A 108 6.49 22.42 12.90
C GLY A 108 6.12 23.56 13.86
N ASP A 109 4.83 23.68 14.22
CA ASP A 109 4.41 24.72 15.15
C ASP A 109 4.77 24.42 16.59
N GLU A 110 5.28 23.22 16.89
CA GLU A 110 5.25 22.80 18.29
C GLU A 110 6.19 23.64 19.14
N ARG A 111 7.33 24.07 18.59
CA ARG A 111 8.24 24.89 19.37
C ARG A 111 7.60 26.24 19.71
N ALA A 112 7.00 26.90 18.72
CA ALA A 112 6.41 28.19 19.01
C ALA A 112 5.18 28.04 19.91
N PHE A 113 4.44 26.95 19.78
CA PHE A 113 3.31 26.78 20.70
C PHE A 113 3.82 26.63 22.13
N ALA A 114 4.85 25.79 22.32
CA ALA A 114 5.45 25.64 23.65
C ALA A 114 5.96 26.98 24.18
N ASP A 115 6.58 27.79 23.32
CA ASP A 115 7.06 29.10 23.74
C ASP A 115 5.93 29.97 24.26
N GLU A 116 4.78 29.94 23.57
CA GLU A 116 3.67 30.79 23.98
C GLU A 116 3.04 30.28 25.28
N ILE A 117 3.00 28.97 25.49
CA ILE A 117 2.46 28.44 26.75
C ILE A 117 3.36 28.88 27.88
N ILE A 118 4.68 28.78 27.67
CA ILE A 118 5.63 29.22 28.70
C ILE A 118 5.48 30.73 28.94
N ARG A 119 5.37 31.53 27.88
CA ARG A 119 5.23 32.97 28.07
C ARG A 119 3.99 33.33 28.90
N LEU A 120 2.84 32.70 28.59
CA LEU A 120 1.63 33.00 29.37
C LEU A 120 1.75 32.49 30.79
N THR A 121 2.39 31.34 30.96
CA THR A 121 2.61 30.76 32.29
C THR A 121 3.47 31.68 33.16
N GLU A 122 4.56 32.22 32.59
CA GLU A 122 5.38 33.20 33.31
C GLU A 122 4.62 34.48 33.59
N ARG A 123 3.84 34.96 32.63
CA ARG A 123 3.13 36.22 32.83
C ARG A 123 2.01 36.09 33.87
N TYR A 124 1.21 35.04 33.79
CA TYR A 124 0.01 34.98 34.62
C TYR A 124 0.15 34.11 35.87
N GLY A 125 1.12 33.22 35.92
CA GLY A 125 1.26 32.34 37.06
C GLY A 125 0.47 31.06 36.94
N PHE A 126 0.08 30.68 35.73
CA PHE A 126 -0.69 29.44 35.51
C PHE A 126 0.13 28.27 36.02
N ASP A 127 -0.56 27.25 36.55
CA ASP A 127 0.09 26.07 37.08
C ASP A 127 0.10 24.89 36.11
N GLY A 128 -0.45 25.06 34.92
CA GLY A 128 -0.48 23.97 33.97
C GLY A 128 -1.51 24.25 32.89
N LEU A 129 -1.87 23.18 32.15
CA LEU A 129 -2.72 23.35 30.97
C LEU A 129 -3.61 22.13 30.85
N ASP A 130 -4.89 22.37 30.53
CA ASP A 130 -5.87 21.31 30.27
C ASP A 130 -6.22 21.30 28.79
N ILE A 131 -6.09 20.13 28.15
CA ILE A 131 -6.46 19.97 26.74
C ILE A 131 -7.97 19.77 26.69
N ASP A 132 -8.70 20.80 26.22
CA ASP A 132 -10.16 20.77 26.19
C ASP A 132 -10.67 21.11 24.78
N LEU A 133 -10.21 20.34 23.80
CA LEU A 133 -10.57 20.59 22.40
C LEU A 133 -12.03 20.26 22.14
N GLU A 134 -12.67 21.04 21.25
CA GLU A 134 -13.98 20.69 20.74
C GLU A 134 -13.88 19.46 19.85
N GLN A 135 -15.00 18.73 19.74
N GLN A 135 -14.98 18.70 19.71
CA GLN A 135 -15.12 17.48 19.00
CA GLN A 135 -14.88 17.39 19.06
C GLN A 135 -14.34 17.50 17.71
C GLN A 135 -14.26 17.47 17.66
N ALA A 136 -14.63 18.47 16.86
CA ALA A 136 -14.00 18.59 15.54
C ALA A 136 -12.50 18.90 15.59
N ALA A 137 -11.99 19.45 16.68
CA ALA A 137 -10.58 19.81 16.73
C ALA A 137 -9.68 18.64 17.14
N VAL A 138 -10.26 17.58 17.72
CA VAL A 138 -9.45 16.46 18.21
C VAL A 138 -8.57 15.87 17.12
N THR A 139 -9.09 15.76 15.89
CA THR A 139 -8.27 15.21 14.80
C THR A 139 -7.94 16.26 13.73
N ALA A 140 -8.26 17.51 13.99
CA ALA A 140 -7.97 18.58 13.04
C ALA A 140 -6.46 18.74 12.83
N ALA A 141 -6.09 18.94 11.57
CA ALA A 141 -4.73 19.33 11.13
C ALA A 141 -3.74 18.35 11.77
N ASN A 142 -2.68 18.82 12.43
CA ASN A 142 -1.79 17.93 13.17
C ASN A 142 -1.95 18.09 14.68
N ASN A 143 -3.16 18.38 15.15
CA ASN A 143 -3.33 18.59 16.59
C ASN A 143 -2.87 17.37 17.40
N GLN A 144 -3.17 16.15 16.92
CA GLN A 144 -2.86 14.94 17.72
C GLN A 144 -1.38 14.76 17.99
N THR A 145 -0.51 15.33 17.18
CA THR A 145 0.92 15.26 17.41
C THR A 145 1.52 16.58 17.89
N VAL A 146 1.13 17.74 17.32
CA VAL A 146 1.77 19.00 17.71
C VAL A 146 1.44 19.36 19.17
N ILE A 147 0.20 19.18 19.58
CA ILE A 147 -0.16 19.58 20.95
C ILE A 147 0.62 18.76 21.97
N PRO A 148 0.63 17.41 21.92
CA PRO A 148 1.51 16.66 22.84
C PRO A 148 2.98 17.03 22.72
N ASP A 149 3.49 17.25 21.51
CA ASP A 149 4.91 17.59 21.36
C ASP A 149 5.24 18.91 22.06
N ALA A 150 4.40 19.93 21.84
CA ALA A 150 4.57 21.20 22.53
C ALA A 150 4.50 21.01 24.04
N LEU A 151 3.52 20.24 24.53
CA LEU A 151 3.44 20.11 26.00
C LEU A 151 4.63 19.35 26.59
N LYS A 152 5.22 18.40 25.86
CA LYS A 152 6.42 17.76 26.40
C LYS A 152 7.54 18.80 26.57
N LEU A 153 7.69 19.69 25.59
CA LEU A 153 8.67 20.75 25.71
C LEU A 153 8.40 21.60 26.94
N VAL A 154 7.13 21.97 27.15
CA VAL A 154 6.81 22.78 28.33
C VAL A 154 7.12 22.01 29.61
N LYS A 155 6.65 20.76 29.70
CA LYS A 155 6.87 19.98 30.91
C LYS A 155 8.35 19.92 31.25
N ASP A 156 9.17 19.61 30.25
CA ASP A 156 10.56 19.38 30.54
C ASP A 156 11.28 20.69 30.86
N HIS A 157 10.88 21.78 30.21
CA HIS A 157 11.35 23.12 30.57
C HIS A 157 11.17 23.37 32.05
N TYR A 158 9.98 23.09 32.58
CA TYR A 158 9.77 23.38 33.99
C TYR A 158 10.39 22.32 34.88
N ARG A 159 10.47 21.07 34.41
CA ARG A 159 11.14 20.04 35.17
C ARG A 159 12.59 20.43 35.42
N ALA A 160 13.21 21.09 34.45
CA ALA A 160 14.60 21.54 34.59
C ALA A 160 14.77 22.66 35.63
N GLU A 161 13.70 23.37 35.97
CA GLU A 161 13.64 24.30 37.09
C GLU A 161 13.09 23.65 38.36
N GLY A 162 12.96 22.33 38.40
CA GLY A 162 12.42 21.67 39.56
C GLY A 162 10.94 21.90 39.81
N LYS A 163 10.15 22.12 38.76
CA LYS A 163 8.72 22.42 38.88
C LYS A 163 7.91 21.44 38.05
N ASN A 164 6.69 21.13 38.52
CA ASN A 164 5.80 20.19 37.84
C ASN A 164 4.66 21.01 37.21
N PHE A 165 4.74 21.24 35.91
CA PHE A 165 3.69 21.93 35.19
C PHE A 165 2.56 20.90 34.97
N LEU A 166 1.37 21.20 35.48
CA LEU A 166 0.28 20.22 35.38
C LEU A 166 -0.21 20.10 33.94
N ILE A 167 -0.43 18.86 33.51
CA ILE A 167 -1.01 18.58 32.20
C ILE A 167 -2.23 17.68 32.42
N THR A 168 -3.39 18.18 32.00
CA THR A 168 -4.61 17.41 32.15
C THR A 168 -5.33 17.42 30.81
N MET A 169 -6.35 16.56 30.67
CA MET A 169 -7.05 16.45 29.40
C MET A 169 -8.51 16.16 29.68
N ALA A 170 -9.38 16.69 28.82
CA ALA A 170 -10.84 16.57 28.91
C ALA A 170 -11.42 15.93 27.65
N PRO A 171 -11.05 14.67 27.33
CA PRO A 171 -11.65 13.99 26.18
C PRO A 171 -13.12 13.71 26.41
N GLU A 172 -13.91 13.75 25.34
CA GLU A 172 -15.25 13.17 25.42
C GLU A 172 -15.12 11.65 25.61
N PHE A 173 -15.88 11.05 26.53
CA PHE A 173 -15.54 9.68 26.92
C PHE A 173 -15.60 8.64 25.79
N PRO A 174 -16.46 8.72 24.76
CA PRO A 174 -16.49 7.61 23.79
C PRO A 174 -15.21 7.48 23.01
N TYR A 175 -14.40 8.55 22.97
CA TYR A 175 -13.19 8.56 22.17
C TYR A 175 -12.00 7.93 22.90
N LEU A 176 -12.20 7.42 24.13
CA LEU A 176 -11.17 6.76 24.92
C LEU A 176 -11.09 5.26 24.67
N THR A 177 -11.73 4.75 23.62
CA THR A 177 -11.59 3.34 23.29
C THR A 177 -10.16 3.04 22.87
N THR A 178 -9.81 1.75 22.89
CA THR A 178 -8.47 1.29 22.54
C THR A 178 -8.04 1.79 21.17
N GLY A 179 -8.97 1.80 20.21
CA GLY A 179 -8.72 2.35 18.89
C GLY A 179 -9.34 3.71 18.69
N GLY A 180 -9.57 4.47 19.77
CA GLY A 180 -10.33 5.72 19.63
C GLY A 180 -9.49 6.92 19.18
N LYS A 181 -10.18 7.97 18.71
CA LYS A 181 -9.45 9.13 18.17
C LYS A 181 -8.61 9.87 19.21
N TYR A 182 -8.90 9.68 20.51
CA TYR A 182 -8.14 10.40 21.52
C TYR A 182 -6.86 9.71 21.93
N VAL A 183 -6.68 8.43 21.61
CA VAL A 183 -5.51 7.67 22.05
C VAL A 183 -4.17 8.40 21.89
N PRO A 184 -3.88 9.07 20.75
CA PRO A 184 -2.54 9.70 20.65
C PRO A 184 -2.26 10.74 21.72
N TYR A 185 -3.27 11.49 22.17
CA TYR A 185 -3.00 12.46 23.23
C TYR A 185 -2.53 11.73 24.48
N ILE A 186 -3.15 10.60 24.78
CA ILE A 186 -2.80 9.87 25.99
C ILE A 186 -1.48 9.14 25.83
N ASP A 187 -1.28 8.41 24.73
CA ASP A 187 -0.01 7.71 24.53
C ASP A 187 1.17 8.67 24.43
N ASN A 188 1.03 9.74 23.63
CA ASN A 188 2.12 10.70 23.42
C ASN A 188 2.49 11.43 24.71
N LEU A 189 1.61 11.48 25.71
CA LEU A 189 1.90 12.19 26.96
C LEU A 189 2.04 11.24 28.14
N GLU A 190 2.19 9.95 27.86
CA GLU A 190 2.38 8.98 28.94
C GLU A 190 3.58 9.40 29.79
N GLY A 191 3.41 9.43 31.11
CA GLY A 191 4.46 9.93 31.98
C GLY A 191 4.56 11.44 32.04
N TYR A 192 3.86 12.18 31.18
CA TYR A 192 3.82 13.63 31.25
C TYR A 192 2.54 14.16 31.89
N TYR A 193 1.39 13.50 31.70
CA TYR A 193 0.14 14.07 32.20
C TYR A 193 -0.07 13.71 33.67
N ASP A 194 -0.76 14.61 34.40
CA ASP A 194 -1.05 14.38 35.81
C ASP A 194 -2.39 13.68 36.07
N TRP A 195 -3.42 14.06 35.32
CA TRP A 195 -4.64 13.24 35.35
C TRP A 195 -5.41 13.56 34.09
N ILE A 196 -6.40 12.71 33.80
CA ILE A 196 -7.37 12.93 32.74
C ILE A 196 -8.71 13.16 33.39
N ASN A 197 -9.46 14.18 32.96
CA ASN A 197 -10.82 14.40 33.46
C ASN A 197 -11.72 14.35 32.23
N PRO A 198 -12.10 13.13 31.79
CA PRO A 198 -13.02 13.02 30.65
C PRO A 198 -14.36 13.67 30.93
N GLN A 199 -15.05 14.05 29.85
CA GLN A 199 -16.43 14.53 29.88
C GLN A 199 -17.35 13.32 29.77
N PHE A 200 -18.00 12.95 30.87
CA PHE A 200 -18.98 11.88 30.84
C PHE A 200 -20.38 12.47 30.65
N TYR A 201 -20.51 13.25 29.58
CA TYR A 201 -21.74 14.02 29.36
C TYR A 201 -21.70 14.52 27.91
N ASN A 202 -22.83 15.03 27.44
CA ASN A 202 -23.01 15.52 26.06
C ASN A 202 -22.90 14.44 24.98
N GLN A 203 -23.01 13.16 25.34
CA GLN A 203 -22.92 12.08 24.35
C GLN A 203 -24.24 11.33 24.20
N GLY A 204 -25.33 11.93 24.61
CA GLY A 204 -26.66 11.38 24.46
C GLY A 204 -26.81 9.89 24.72
N GLY A 205 -27.05 9.15 23.65
CA GLY A 205 -27.32 7.73 23.72
C GLY A 205 -26.08 6.86 23.68
N ASP A 206 -24.89 7.44 23.73
CA ASP A 206 -23.69 6.63 23.90
C ASP A 206 -23.60 6.10 25.34
N GLY A 207 -22.67 5.17 25.56
CA GLY A 207 -22.67 4.45 26.84
C GLY A 207 -21.70 3.30 26.79
N ILE A 208 -22.03 2.23 27.53
CA ILE A 208 -21.15 1.07 27.56
C ILE A 208 -22.01 -0.19 27.76
N TRP A 209 -21.67 -1.26 27.01
CA TRP A 209 -22.29 -2.57 27.19
C TRP A 209 -21.44 -3.36 28.16
N VAL A 210 -22.09 -3.89 29.20
CA VAL A 210 -21.42 -4.65 30.25
C VAL A 210 -22.01 -6.05 30.21
N ASP A 211 -21.21 -7.02 29.77
CA ASP A 211 -21.67 -8.40 29.72
C ASP A 211 -22.18 -8.83 31.10
N GLY A 212 -23.36 -9.44 31.12
CA GLY A 212 -23.98 -9.82 32.35
C GLY A 212 -24.79 -8.74 33.02
N VAL A 213 -24.80 -7.53 32.48
CA VAL A 213 -25.53 -6.42 33.09
C VAL A 213 -26.41 -5.75 32.05
N GLY A 214 -25.84 -5.41 30.88
CA GLY A 214 -26.65 -4.92 29.79
C GLY A 214 -26.12 -3.59 29.29
N TRP A 215 -26.98 -2.87 28.57
CA TRP A 215 -26.62 -1.61 27.92
C TRP A 215 -26.82 -0.44 28.88
N ILE A 216 -25.76 0.30 29.15
CA ILE A 216 -25.80 1.38 30.16
C ILE A 216 -25.51 2.70 29.44
N ALA A 217 -26.56 3.46 29.14
CA ALA A 217 -26.39 4.70 28.39
C ALA A 217 -26.03 5.86 29.32
N GLN A 218 -25.26 6.80 28.77
CA GLN A 218 -24.92 8.02 29.50
C GLN A 218 -26.14 8.90 29.84
N ASN A 219 -27.24 8.77 29.12
CA ASN A 219 -28.42 9.56 29.42
C ASN A 219 -29.48 8.75 30.17
N ASN A 220 -29.11 7.62 30.77
CA ASN A 220 -30.08 6.77 31.47
C ASN A 220 -30.01 7.11 32.97
N ASP A 221 -30.98 7.91 33.43
CA ASP A 221 -30.90 8.33 34.82
C ASP A 221 -31.16 7.20 35.81
N ALA A 222 -31.86 6.12 35.40
CA ALA A 222 -32.12 5.01 36.29
C ALA A 222 -30.89 4.15 36.53
N LEU A 223 -29.89 4.22 35.64
CA LEU A 223 -28.67 3.40 35.75
C LEU A 223 -27.43 4.28 35.98
N LYS A 224 -27.60 5.48 36.55
CA LYS A 224 -26.46 6.41 36.65
C LYS A 224 -25.32 5.81 37.50
N GLU A 225 -25.66 5.17 38.63
CA GLU A 225 -24.58 4.59 39.44
C GLU A 225 -23.82 3.55 38.63
N GLU A 226 -24.55 2.66 37.93
CA GLU A 226 -23.92 1.63 37.12
C GLU A 226 -23.11 2.23 35.99
N PHE A 227 -23.58 3.34 35.43
CA PHE A 227 -22.79 4.00 34.39
C PHE A 227 -21.47 4.52 34.94
N ILE A 228 -21.53 5.26 36.05
CA ILE A 228 -20.31 5.83 36.60
C ILE A 228 -19.36 4.70 36.96
N TYR A 229 -19.86 3.68 37.66
CA TYR A 229 -18.99 2.58 38.08
C TYR A 229 -18.34 1.87 36.89
N TYR A 230 -19.15 1.42 35.92
CA TYR A 230 -18.57 0.55 34.90
C TYR A 230 -17.71 1.32 33.89
N ILE A 231 -18.07 2.55 33.54
CA ILE A 231 -17.20 3.29 32.63
C ILE A 231 -15.86 3.56 33.31
N SER A 232 -15.89 3.83 34.63
CA SER A 232 -14.65 4.05 35.37
C SER A 232 -13.86 2.75 35.51
N ASP A 233 -14.54 1.68 35.91
CA ASP A 233 -13.86 0.39 36.07
C ASP A 233 -13.18 -0.02 34.76
N SER A 234 -13.84 0.25 33.62
CA SER A 234 -13.25 -0.09 32.34
C SER A 234 -11.99 0.75 32.05
N LEU A 235 -12.08 2.06 32.28
CA LEU A 235 -10.93 2.93 32.04
C LEU A 235 -9.77 2.56 32.94
N ILE A 236 -10.04 2.33 34.24
CA ILE A 236 -8.92 2.20 35.19
C ILE A 236 -8.29 0.81 35.12
N ASN A 237 -8.92 -0.12 34.43
CA ASN A 237 -8.33 -1.42 34.21
C ASN A 237 -7.99 -1.68 32.75
N GLY A 238 -8.27 -0.72 31.87
CA GLY A 238 -8.05 -0.95 30.43
C GLY A 238 -8.88 -2.09 29.88
N THR A 239 -10.11 -2.25 30.37
CA THR A 239 -10.96 -3.36 29.95
C THR A 239 -12.17 -2.86 29.16
N ARG A 240 -12.96 -3.82 28.66
CA ARG A 240 -14.19 -3.54 27.91
C ARG A 240 -13.91 -2.66 26.70
N GLY A 241 -12.72 -2.79 26.14
CA GLY A 241 -12.37 -2.06 24.94
C GLY A 241 -11.92 -0.62 25.18
N PHE A 242 -11.61 -0.24 26.43
CA PHE A 242 -11.15 1.12 26.73
C PHE A 242 -9.65 1.19 27.02
N HIS A 243 -9.05 2.32 26.63
CA HIS A 243 -7.65 2.60 26.95
C HIS A 243 -7.49 2.81 28.45
N LYS A 244 -6.42 2.27 29.03
CA LYS A 244 -6.23 2.36 30.46
C LYS A 244 -5.86 3.79 30.85
N ILE A 245 -6.47 4.27 31.94
CA ILE A 245 -6.05 5.48 32.64
C ILE A 245 -5.96 5.05 34.09
N PRO A 246 -4.81 5.16 34.74
CA PRO A 246 -4.69 4.68 36.14
C PRO A 246 -5.66 5.41 37.05
N HIS A 247 -6.22 4.69 38.05
CA HIS A 247 -7.31 5.24 38.86
C HIS A 247 -6.90 6.55 39.57
N ASP A 248 -5.64 6.65 40.06
N ASP A 248 -5.66 6.67 40.06
CA ASP A 248 -5.12 7.88 40.68
CA ASP A 248 -5.26 7.93 40.70
C ASP A 248 -4.92 9.01 39.70
C ASP A 248 -5.08 9.06 39.71
N LYS A 249 -5.14 8.77 38.40
CA LYS A 249 -5.05 9.79 37.36
C LYS A 249 -6.38 9.95 36.63
N LEU A 250 -7.48 9.51 37.22
CA LEU A 250 -8.78 9.64 36.57
C LEU A 250 -9.67 10.51 37.43
N VAL A 251 -10.24 11.52 36.83
CA VAL A 251 -11.14 12.47 37.49
C VAL A 251 -12.45 12.46 36.72
N PHE A 252 -13.57 12.33 37.42
CA PHE A 252 -14.82 12.03 36.73
C PHE A 252 -15.53 13.35 36.41
N GLY A 253 -15.60 13.72 35.14
CA GLY A 253 -16.21 15.00 34.74
C GLY A 253 -17.71 14.92 34.44
N ILE A 254 -18.48 15.79 35.09
CA ILE A 254 -19.94 15.79 34.92
C ILE A 254 -20.44 17.24 34.88
N PRO A 255 -21.66 17.47 34.36
CA PRO A 255 -22.19 18.84 34.26
C PRO A 255 -22.58 19.37 35.63
N SER A 256 -22.46 20.69 35.83
CA SER A 256 -22.91 21.26 37.11
C SER A 256 -24.43 21.35 37.23
N SER A 257 -25.16 21.29 36.11
CA SER A 257 -26.63 21.30 36.10
C SER A 257 -27.11 20.93 34.69
N ILE A 258 -28.43 20.88 34.53
CA ILE A 258 -28.98 20.66 33.18
C ILE A 258 -28.78 21.85 32.26
N ASP A 259 -28.45 23.03 32.78
CA ASP A 259 -28.08 24.12 31.86
C ASP A 259 -26.66 23.98 31.34
N ALA A 260 -25.77 23.32 32.07
CA ALA A 260 -24.36 23.29 31.67
C ALA A 260 -24.07 22.30 30.52
N ALA A 261 -24.94 21.32 30.32
CA ALA A 261 -24.72 20.32 29.28
C ALA A 261 -26.08 19.80 28.84
N ALA A 262 -26.16 19.33 27.59
CA ALA A 262 -27.45 18.81 27.11
C ALA A 262 -27.87 17.55 27.85
N THR A 263 -26.91 16.64 28.08
CA THR A 263 -27.15 15.38 28.78
C THR A 263 -25.98 15.08 29.69
N GLY A 264 -26.21 14.16 30.62
CA GLY A 264 -25.17 13.67 31.51
C GLY A 264 -25.23 14.20 32.93
N PHE A 265 -26.10 15.15 33.21
CA PHE A 265 -26.20 15.64 34.58
C PHE A 265 -26.61 14.52 35.53
N VAL A 266 -25.96 14.44 36.69
CA VAL A 266 -26.23 13.40 37.69
C VAL A 266 -27.38 13.88 38.59
N GLN A 267 -28.57 13.32 38.39
CA GLN A 267 -29.74 13.81 39.12
C GLN A 267 -29.58 13.62 40.61
N ASP A 268 -29.04 12.47 41.02
CA ASP A 268 -28.90 12.11 42.43
C ASP A 268 -27.42 11.90 42.77
N PRO A 269 -26.77 12.86 43.44
CA PRO A 269 -25.34 12.70 43.77
C PRO A 269 -25.05 11.40 44.45
N GLN A 270 -26.01 10.85 45.22
CA GLN A 270 -25.77 9.55 45.86
C GLN A 270 -25.34 8.47 44.86
N ASP A 271 -25.77 8.57 43.58
CA ASP A 271 -25.32 7.59 42.59
C ASP A 271 -23.82 7.69 42.37
N LEU A 272 -23.30 8.90 42.34
CA LEU A 272 -21.85 9.08 42.24
C LEU A 272 -21.15 8.64 43.52
N TYR A 273 -21.65 9.03 44.70
CA TYR A 273 -20.98 8.61 45.92
C TYR A 273 -20.89 7.09 46.01
N ASP A 274 -21.95 6.39 45.63
CA ASP A 274 -21.98 4.93 45.70
C ASP A 274 -21.05 4.30 44.68
N ALA A 275 -21.06 4.82 43.42
CA ALA A 275 -20.12 4.34 42.43
C ALA A 275 -18.67 4.54 42.89
N PHE A 276 -18.35 5.73 43.43
CA PHE A 276 -17.00 5.96 43.94
C PHE A 276 -16.71 5.03 45.11
N GLU A 277 -17.71 4.74 45.91
CA GLU A 277 -17.50 3.82 47.03
C GLU A 277 -17.13 2.42 46.52
N THR A 278 -17.87 1.93 45.53
CA THR A 278 -17.52 0.62 44.96
C THR A 278 -16.09 0.60 44.42
N LEU A 279 -15.70 1.67 43.70
CA LEU A 279 -14.34 1.75 43.18
C LEU A 279 -13.32 1.80 44.30
N THR A 280 -13.63 2.51 45.38
CA THR A 280 -12.72 2.55 46.51
C THR A 280 -12.60 1.17 47.18
N THR A 281 -13.74 0.50 47.39
CA THR A 281 -13.78 -0.83 48.01
C THR A 281 -12.93 -1.82 47.24
N GLN A 282 -12.94 -1.75 45.89
CA GLN A 282 -12.04 -2.64 45.14
C GLN A 282 -10.61 -2.12 45.06
N GLY A 283 -10.23 -1.12 45.84
CA GLY A 283 -8.84 -0.66 45.83
C GLY A 283 -8.46 0.27 44.69
N GLN A 284 -9.42 0.88 44.01
CA GLN A 284 -9.09 1.73 42.86
C GLN A 284 -9.82 3.06 42.97
N PRO A 285 -9.66 3.79 44.09
CA PRO A 285 -10.38 5.08 44.24
C PRO A 285 -9.98 6.04 43.13
N LEU A 286 -10.98 6.78 42.60
CA LEU A 286 -10.69 7.81 41.61
C LEU A 286 -10.11 9.05 42.31
N ARG A 287 -9.48 9.88 41.52
CA ARG A 287 -8.78 11.05 42.03
C ARG A 287 -9.73 12.20 42.40
N GLY A 288 -10.93 12.24 41.82
CA GLY A 288 -11.86 13.32 42.18
C GLY A 288 -12.89 13.52 41.08
N VAL A 289 -13.41 14.74 41.01
CA VAL A 289 -14.53 15.10 40.13
C VAL A 289 -14.16 16.36 39.36
N MET A 290 -14.74 16.53 38.18
CA MET A 290 -14.56 17.74 37.38
C MET A 290 -15.94 18.21 36.99
N THR A 291 -16.10 19.51 36.75
CA THR A 291 -17.38 19.94 36.23
C THR A 291 -17.24 21.12 35.28
N TRP A 292 -18.06 21.07 34.24
CA TRP A 292 -18.43 22.27 33.46
C TRP A 292 -19.73 22.72 34.13
N SER A 293 -19.73 23.84 34.88
CA SER A 293 -18.61 24.76 35.08
C SER A 293 -18.86 25.54 36.37
N ILE A 294 -17.82 26.24 36.82
CA ILE A 294 -17.96 27.14 37.96
C ILE A 294 -19.02 28.19 37.69
N ASN A 295 -18.95 28.88 36.54
CA ASN A 295 -19.90 29.94 36.28
C ASN A 295 -21.33 29.40 36.19
N TRP A 296 -21.53 28.17 35.68
CA TRP A 296 -22.88 27.61 35.69
C TRP A 296 -23.35 27.34 37.12
N ASP A 297 -22.44 26.83 37.96
CA ASP A 297 -22.78 26.56 39.35
C ASP A 297 -23.13 27.86 40.09
N MET A 298 -22.67 28.99 39.58
CA MET A 298 -22.95 30.32 40.16
C MET A 298 -24.01 31.05 39.34
N GLY A 299 -24.70 30.34 38.47
CA GLY A 299 -25.60 30.97 37.53
C GLY A 299 -27.06 30.85 37.93
N THR A 300 -27.93 31.01 36.94
CA THR A 300 -29.38 30.99 37.15
C THR A 300 -30.01 30.11 36.09
N ASN A 301 -31.20 29.56 36.37
CA ASN A 301 -31.94 28.83 35.35
C ASN A 301 -32.91 29.78 34.64
N LYS A 302 -33.72 29.23 33.73
CA LYS A 302 -34.55 30.07 32.85
C LYS A 302 -35.64 30.81 33.62
N ASN A 303 -36.03 30.33 34.79
CA ASN A 303 -36.96 31.02 35.67
C ASN A 303 -36.27 31.91 36.71
N GLY A 304 -34.97 32.13 36.57
CA GLY A 304 -34.30 33.08 37.45
C GLY A 304 -33.84 32.51 38.79
N GLN A 305 -34.10 31.23 39.06
CA GLN A 305 -33.62 30.60 40.28
C GLN A 305 -32.09 30.39 40.24
N GLN A 306 -31.44 30.66 41.38
CA GLN A 306 -29.99 30.46 41.49
C GLN A 306 -29.63 28.99 41.55
N TYR A 307 -28.59 28.57 40.80
CA TYR A 307 -28.05 27.25 41.07
C TYR A 307 -27.38 27.21 42.44
N ASN A 308 -26.90 28.34 42.92
CA ASN A 308 -26.53 28.51 44.33
C ASN A 308 -25.44 27.52 44.76
N GLU A 309 -24.46 27.28 43.86
CA GLU A 309 -23.28 26.44 44.16
C GLU A 309 -23.66 25.04 44.61
N GLN A 310 -24.77 24.55 44.07
CA GLN A 310 -25.28 23.24 44.46
C GLN A 310 -24.28 22.14 44.11
N PHE A 311 -23.55 22.29 43.01
CA PHE A 311 -22.64 21.22 42.61
C PHE A 311 -21.46 21.11 43.59
N ILE A 312 -20.83 22.25 43.89
CA ILE A 312 -19.68 22.21 44.79
C ILE A 312 -20.15 21.86 46.21
N LYS A 313 -21.37 22.24 46.57
CA LYS A 313 -21.90 21.76 47.86
C LYS A 313 -22.10 20.26 47.87
N ASP A 314 -22.46 19.68 46.70
CA ASP A 314 -22.71 18.23 46.64
C ASP A 314 -21.41 17.43 46.59
N TYR A 315 -20.37 17.93 45.90
CA TYR A 315 -19.19 17.12 45.64
C TYR A 315 -17.92 17.62 46.33
N GLY A 316 -17.87 18.88 46.76
CA GLY A 316 -16.69 19.42 47.42
C GLY A 316 -16.40 18.69 48.73
N PRO A 317 -17.35 18.71 49.66
CA PRO A 317 -17.10 18.03 50.94
C PRO A 317 -16.87 16.54 50.75
N PHE A 318 -17.54 15.93 49.77
CA PHE A 318 -17.35 14.51 49.46
C PHE A 318 -15.92 14.21 49.01
N VAL A 319 -15.39 14.98 48.05
CA VAL A 319 -14.03 14.73 47.57
C VAL A 319 -13.01 15.11 48.64
N HIS A 320 -13.17 16.27 49.29
CA HIS A 320 -12.09 16.73 50.14
C HIS A 320 -12.12 16.12 51.53
N GLY A 321 -13.21 15.44 51.88
CA GLY A 321 -13.28 14.67 53.13
C GLY A 321 -13.21 13.13 52.98
N ALA B 4 11.15 -27.21 21.13
CA ALA B 4 11.94 -26.41 20.19
C ALA B 4 12.81 -25.36 20.92
N PRO B 5 14.09 -25.68 21.16
CA PRO B 5 14.91 -24.86 22.07
C PRO B 5 15.39 -23.60 21.35
N MET B 6 14.96 -22.43 21.86
CA MET B 6 15.38 -21.14 21.31
C MET B 6 16.67 -20.68 22.03
N THR B 7 17.80 -20.86 21.36
CA THR B 7 19.13 -20.79 21.98
C THR B 7 19.63 -19.35 21.96
N ASN B 8 20.06 -18.85 23.11
CA ASN B 8 20.64 -17.51 23.29
C ASN B 8 22.05 -17.62 23.85
N PRO B 9 22.94 -16.68 23.50
CA PRO B 9 24.29 -16.70 24.09
C PRO B 9 24.24 -16.14 25.51
N ASP B 10 25.08 -16.66 26.39
CA ASP B 10 25.04 -16.07 27.73
C ASP B 10 26.22 -15.14 28.00
N SER B 11 27.11 -14.95 27.03
CA SER B 11 28.32 -14.14 27.18
C SER B 11 28.66 -13.45 25.85
N GLY B 12 29.95 -13.29 25.53
CA GLY B 12 30.33 -12.60 24.31
C GLY B 12 29.93 -13.35 23.05
N VAL B 13 29.89 -12.63 21.92
CA VAL B 13 29.51 -13.26 20.64
C VAL B 13 30.53 -12.96 19.55
N VAL B 14 30.74 -13.97 18.69
CA VAL B 14 31.34 -13.76 17.39
C VAL B 14 30.26 -14.16 16.40
N VAL B 15 29.71 -13.15 15.77
CA VAL B 15 28.65 -13.31 14.77
C VAL B 15 29.29 -13.49 13.41
N GLY B 16 28.87 -14.51 12.68
CA GLY B 16 29.32 -14.67 11.30
C GLY B 16 28.16 -14.98 10.38
N TYR B 17 28.22 -14.40 9.17
CA TYR B 17 27.15 -14.66 8.20
C TYR B 17 27.49 -15.91 7.39
N TRP B 18 26.46 -16.71 7.09
CA TRP B 18 26.60 -17.98 6.37
C TRP B 18 25.84 -17.82 5.07
N HIS B 19 26.53 -17.97 3.93
CA HIS B 19 25.92 -17.75 2.62
C HIS B 19 24.98 -18.90 2.27
N ASN B 20 23.74 -18.57 1.94
CA ASN B 20 22.86 -19.57 1.31
C ASN B 20 23.06 -19.61 -0.21
N TRP B 21 24.32 -19.72 -0.64
CA TRP B 21 24.66 -19.81 -2.07
C TRP B 21 26.11 -20.26 -2.16
N CYS B 22 26.50 -20.74 -3.36
CA CYS B 22 27.81 -21.33 -3.58
C CYS B 22 28.66 -20.44 -4.49
N ASP B 23 29.97 -20.46 -4.26
CA ASP B 23 30.95 -19.85 -5.15
C ASP B 23 30.67 -18.37 -5.44
N GLY B 24 30.61 -17.57 -4.37
CA GLY B 24 30.40 -16.15 -4.54
C GLY B 24 31.71 -15.42 -4.84
N GLY B 25 31.59 -14.36 -5.64
CA GLY B 25 32.75 -13.59 -6.05
C GLY B 25 33.05 -12.46 -5.09
N GLY B 26 34.33 -12.10 -5.00
CA GLY B 26 34.77 -11.16 -3.99
C GLY B 26 35.20 -9.83 -4.54
N TYR B 27 35.30 -8.84 -3.65
CA TYR B 27 35.78 -7.52 -4.04
C TYR B 27 37.19 -7.56 -4.66
N GLN B 28 37.97 -8.59 -4.41
CA GLN B 28 39.34 -8.61 -4.94
C GLN B 28 39.59 -9.89 -5.73
N GLY B 29 38.55 -10.43 -6.38
CA GLY B 29 38.66 -11.61 -7.22
C GLY B 29 38.77 -12.94 -6.50
N GLY B 30 38.55 -13.00 -5.19
CA GLY B 30 38.57 -14.28 -4.50
C GLY B 30 37.28 -15.07 -4.73
N ASN B 31 37.15 -16.18 -3.97
CA ASN B 31 35.97 -17.03 -4.07
C ASN B 31 35.52 -17.50 -2.70
N ALA B 32 34.22 -17.46 -2.48
CA ALA B 32 33.65 -17.91 -1.21
C ALA B 32 32.80 -19.15 -1.47
N PRO B 33 33.26 -20.36 -1.16
CA PRO B 33 32.44 -21.55 -1.43
C PRO B 33 31.28 -21.64 -0.45
N CYS B 34 30.23 -22.37 -0.82
CA CYS B 34 29.27 -22.77 0.21
C CYS B 34 29.92 -23.78 1.15
N VAL B 35 29.47 -23.77 2.40
CA VAL B 35 29.91 -24.74 3.41
C VAL B 35 28.67 -25.20 4.15
N THR B 36 28.70 -26.40 4.73
CA THR B 36 27.56 -26.80 5.55
C THR B 36 27.65 -26.12 6.92
N LEU B 37 26.55 -26.17 7.68
CA LEU B 37 26.58 -25.59 9.02
C LEU B 37 27.55 -26.35 9.93
N ASP B 38 27.59 -27.69 9.78
CA ASP B 38 28.49 -28.51 10.58
C ASP B 38 29.95 -28.15 10.36
N GLU B 39 30.29 -27.53 9.23
CA GLU B 39 31.67 -27.18 8.93
C GLU B 39 32.14 -25.87 9.56
N VAL B 40 31.21 -25.07 10.08
CA VAL B 40 31.52 -23.74 10.62
C VAL B 40 32.27 -23.88 11.93
N ASN B 41 33.33 -23.12 12.05
CA ASN B 41 34.12 -23.14 13.27
C ASN B 41 33.22 -22.88 14.48
N PRO B 42 33.31 -23.67 15.55
CA PRO B 42 32.40 -23.45 16.68
C PRO B 42 32.59 -22.11 17.39
N MET B 43 33.71 -21.41 17.19
CA MET B 43 33.85 -20.11 17.82
C MET B 43 32.95 -19.05 17.19
N TYR B 44 32.46 -19.29 15.97
CA TYR B 44 31.28 -18.58 15.50
C TYR B 44 30.06 -19.05 16.28
N ASN B 45 29.71 -18.37 17.40
CA ASN B 45 28.61 -18.93 18.18
C ASN B 45 27.27 -18.35 17.78
N ILE B 46 27.23 -17.35 16.90
CA ILE B 46 26.01 -16.85 16.28
C ILE B 46 26.23 -16.97 14.78
N VAL B 47 25.37 -17.73 14.10
CA VAL B 47 25.52 -17.98 12.67
C VAL B 47 24.28 -17.42 11.98
N ASN B 48 24.47 -16.48 11.02
CA ASN B 48 23.33 -15.75 10.43
C ASN B 48 23.12 -16.24 8.99
N VAL B 49 22.12 -17.10 8.81
CA VAL B 49 21.81 -17.70 7.52
C VAL B 49 21.29 -16.62 6.58
N SER B 50 21.94 -16.45 5.42
CA SER B 50 21.76 -15.27 4.60
C SER B 50 21.32 -15.68 3.21
N PHE B 51 20.15 -15.23 2.73
CA PHE B 51 19.23 -14.22 3.29
C PHE B 51 17.77 -14.64 3.14
N MET B 52 16.94 -14.22 4.09
CA MET B 52 15.51 -14.15 3.89
C MET B 52 15.25 -13.00 2.93
N LYS B 53 14.43 -13.24 1.90
CA LYS B 53 14.29 -12.26 0.83
C LYS B 53 13.02 -12.56 0.06
N VAL B 54 12.69 -11.67 -0.87
CA VAL B 54 11.68 -11.97 -1.89
C VAL B 54 12.40 -12.56 -3.10
N TYR B 55 12.13 -13.84 -3.40
CA TYR B 55 12.81 -14.53 -4.50
C TYR B 55 12.21 -14.16 -5.85
N ASP B 56 10.91 -13.88 -5.86
CA ASP B 56 10.21 -13.62 -7.12
C ASP B 56 9.07 -12.67 -6.79
N VAL B 57 9.14 -11.45 -7.32
CA VAL B 57 8.14 -10.44 -6.97
C VAL B 57 6.73 -10.90 -7.32
N ALA B 58 6.59 -11.81 -8.28
CA ALA B 58 5.29 -12.36 -8.60
C ALA B 58 4.65 -13.08 -7.41
N ASP B 59 5.44 -13.49 -6.42
CA ASP B 59 4.88 -14.18 -5.28
C ASP B 59 4.51 -13.21 -4.15
N GLY B 60 4.59 -11.91 -4.39
CA GLY B 60 4.13 -10.94 -3.41
C GLY B 60 5.26 -10.46 -2.52
N ARG B 61 4.88 -9.59 -1.57
CA ARG B 61 5.89 -8.81 -0.86
C ARG B 61 6.47 -9.50 0.38
N ILE B 62 5.91 -10.62 0.84
CA ILE B 62 6.37 -11.23 2.08
C ILE B 62 7.69 -11.98 1.84
N PRO B 63 8.81 -11.52 2.43
CA PRO B 63 10.07 -12.25 2.30
C PRO B 63 9.93 -13.67 2.88
N THR B 64 10.77 -14.59 2.39
CA THR B 64 10.79 -15.94 2.91
C THR B 64 12.21 -16.48 2.80
N PHE B 65 12.39 -17.75 3.13
CA PHE B 65 13.70 -18.39 3.02
C PHE B 65 13.54 -19.74 2.35
N LYS B 66 14.33 -19.99 1.30
CA LYS B 66 14.42 -21.29 0.63
C LYS B 66 15.88 -21.77 0.59
N LEU B 67 16.13 -22.91 1.23
CA LEU B 67 17.46 -23.50 1.25
C LEU B 67 17.96 -23.76 -0.16
N ASP B 68 19.19 -23.37 -0.44
CA ASP B 68 19.73 -23.62 -1.76
C ASP B 68 20.20 -25.07 -1.83
N PRO B 69 19.61 -25.91 -2.69
CA PRO B 69 20.04 -27.33 -2.74
C PRO B 69 21.49 -27.53 -3.17
N THR B 70 22.09 -26.56 -3.87
CA THR B 70 23.48 -26.71 -4.30
C THR B 70 24.43 -26.89 -3.14
N ILE B 71 24.06 -26.41 -1.95
CA ILE B 71 24.91 -26.57 -0.80
C ILE B 71 25.06 -28.04 -0.43
N GLY B 72 24.14 -28.90 -0.84
CA GLY B 72 24.27 -30.32 -0.58
C GLY B 72 23.60 -30.82 0.67
N LEU B 73 22.78 -30.00 1.32
CA LEU B 73 22.01 -30.41 2.48
C LEU B 73 20.56 -30.60 2.06
N SER B 74 19.99 -31.75 2.43
CA SER B 74 18.54 -31.92 2.36
C SER B 74 17.88 -31.02 3.41
N GLU B 75 16.56 -30.81 3.25
CA GLU B 75 15.81 -30.12 4.31
C GLU B 75 16.13 -30.73 5.66
N GLU B 76 16.02 -32.07 5.76
CA GLU B 76 16.19 -32.70 7.06
C GLU B 76 17.59 -32.49 7.58
N GLN B 77 18.59 -32.52 6.70
CA GLN B 77 19.97 -32.38 7.17
C GLN B 77 20.23 -30.96 7.69
N PHE B 78 19.71 -29.97 6.98
CA PHE B 78 19.83 -28.57 7.40
C PHE B 78 19.16 -28.38 8.76
N ILE B 79 17.90 -28.85 8.89
CA ILE B 79 17.22 -28.78 10.18
C ILE B 79 18.03 -29.46 11.27
N ASP B 80 18.57 -30.65 10.97
N ASP B 80 18.58 -30.64 10.97
CA ASP B 80 19.33 -31.39 11.97
CA ASP B 80 19.32 -31.36 12.00
C ASP B 80 20.63 -30.67 12.34
C ASP B 80 20.61 -30.63 12.35
N GLN B 81 21.27 -30.01 11.37
CA GLN B 81 22.51 -29.29 11.70
C GLN B 81 22.21 -28.06 12.55
N ILE B 82 21.10 -27.37 12.28
CA ILE B 82 20.73 -26.29 13.18
C ILE B 82 20.52 -26.84 14.57
N SER B 83 19.83 -27.97 14.69
N SER B 83 19.83 -27.97 14.69
CA SER B 83 19.59 -28.56 16.01
CA SER B 83 19.58 -28.57 16.00
C SER B 83 20.90 -28.90 16.71
C SER B 83 20.90 -28.90 16.71
N GLU B 84 21.89 -29.37 15.95
CA GLU B 84 23.18 -29.70 16.55
C GLU B 84 23.89 -28.44 17.01
N LEU B 85 23.80 -27.37 16.23
CA LEU B 85 24.42 -26.12 16.68
C LEU B 85 23.78 -25.65 17.98
N ASN B 86 22.44 -25.74 18.07
CA ASN B 86 21.75 -25.36 19.30
C ASN B 86 22.21 -26.19 20.49
N LYS B 87 22.36 -27.50 20.31
CA LYS B 87 22.88 -28.33 21.40
C LYS B 87 24.26 -27.87 21.85
N GLN B 88 25.06 -27.33 20.94
CA GLN B 88 26.36 -26.80 21.36
C GLN B 88 26.25 -25.43 22.02
N GLY B 89 25.05 -24.86 22.13
CA GLY B 89 24.82 -23.57 22.74
C GLY B 89 24.91 -22.41 21.76
N ARG B 90 24.97 -22.71 20.48
CA ARG B 90 25.19 -21.73 19.42
C ARG B 90 23.84 -21.35 18.81
N SER B 91 23.70 -20.08 18.43
CA SER B 91 22.47 -19.59 17.85
C SER B 91 22.54 -19.55 16.33
N VAL B 92 21.41 -19.83 15.68
CA VAL B 92 21.31 -19.72 14.23
C VAL B 92 20.18 -18.72 13.90
N LEU B 93 20.55 -17.56 13.36
CA LEU B 93 19.55 -16.54 13.02
C LEU B 93 19.30 -16.59 11.53
N LEU B 94 18.15 -16.05 11.14
CA LEU B 94 17.83 -15.78 9.75
C LEU B 94 18.12 -14.31 9.48
N ALA B 95 18.99 -14.03 8.51
CA ALA B 95 19.32 -12.64 8.16
C ALA B 95 18.36 -12.17 7.06
N LEU B 96 17.64 -11.09 7.33
CA LEU B 96 16.71 -10.47 6.39
C LEU B 96 17.46 -9.48 5.50
N GLY B 97 17.31 -9.62 4.18
CA GLY B 97 17.82 -8.55 3.32
C GLY B 97 18.89 -9.00 2.35
N GLY B 98 20.04 -8.34 2.36
CA GLY B 98 21.05 -8.56 1.34
C GLY B 98 20.73 -7.87 0.02
N ALA B 99 21.62 -8.06 -0.95
CA ALA B 99 21.46 -7.34 -2.21
C ALA B 99 20.33 -7.94 -3.03
N ASP B 100 19.63 -7.10 -3.82
N ASP B 100 19.63 -7.05 -3.75
CA ASP B 100 18.62 -7.60 -4.77
CA ASP B 100 18.57 -7.41 -4.69
C ASP B 100 17.54 -8.41 -4.03
C ASP B 100 17.55 -8.33 -4.04
N ALA B 101 17.15 -7.96 -2.83
CA ALA B 101 16.28 -8.77 -2.01
C ALA B 101 14.80 -8.45 -2.22
N HIS B 102 14.51 -7.29 -2.81
CA HIS B 102 13.15 -6.85 -3.12
C HIS B 102 12.31 -6.77 -1.85
N VAL B 103 12.92 -6.33 -0.75
CA VAL B 103 12.20 -6.13 0.50
C VAL B 103 11.65 -4.72 0.47
N GLU B 104 10.35 -4.62 0.21
CA GLU B 104 9.63 -3.35 0.07
C GLU B 104 8.27 -3.51 0.72
N LEU B 105 8.29 -3.78 2.02
CA LEU B 105 7.05 -4.08 2.71
C LEU B 105 6.19 -2.83 2.87
N GLU B 106 4.87 -3.03 2.84
CA GLU B 106 3.88 -1.94 2.87
C GLU B 106 3.01 -2.05 4.10
N THR B 107 2.70 -0.89 4.66
CA THR B 107 1.80 -0.79 5.79
C THR B 107 0.62 -1.74 5.64
N GLY B 108 0.42 -2.60 6.65
CA GLY B 108 -0.56 -3.68 6.59
C GLY B 108 0.05 -5.06 6.43
N ASP B 109 1.28 -5.15 5.91
CA ASP B 109 1.95 -6.44 5.70
C ASP B 109 2.50 -7.02 7.00
N GLU B 110 2.54 -6.23 8.09
CA GLU B 110 3.30 -6.66 9.27
C GLU B 110 2.77 -7.99 9.82
N ARG B 111 1.45 -8.24 9.77
CA ARG B 111 0.96 -9.46 10.38
C ARG B 111 1.39 -10.69 9.56
N ALA B 112 1.26 -10.60 8.25
CA ALA B 112 1.69 -11.75 7.44
C ALA B 112 3.20 -11.93 7.48
N PHE B 113 3.95 -10.83 7.54
CA PHE B 113 5.41 -10.97 7.68
C PHE B 113 5.73 -11.66 9.00
N ALA B 114 5.10 -11.23 10.11
CA ALA B 114 5.34 -11.94 11.36
C ALA B 114 4.94 -13.41 11.28
N ASP B 115 3.79 -13.73 10.65
CA ASP B 115 3.40 -15.14 10.51
C ASP B 115 4.48 -15.94 9.79
N GLU B 116 5.06 -15.38 8.73
CA GLU B 116 6.06 -16.12 7.97
C GLU B 116 7.34 -16.30 8.77
N ILE B 117 7.77 -15.28 9.50
CA ILE B 117 8.95 -15.45 10.34
C ILE B 117 8.70 -16.57 11.34
N ILE B 118 7.51 -16.58 11.96
CA ILE B 118 7.22 -17.63 12.95
C ILE B 118 7.17 -19.00 12.28
N ARG B 119 6.58 -19.07 11.09
CA ARG B 119 6.44 -20.36 10.41
C ARG B 119 7.80 -20.97 10.08
N LEU B 120 8.73 -20.14 9.54
CA LEU B 120 10.10 -20.60 9.29
C LEU B 120 10.83 -20.91 10.58
N THR B 121 10.60 -20.11 11.64
CA THR B 121 11.26 -20.43 12.91
C THR B 121 10.80 -21.79 13.47
N GLU B 122 9.50 -22.09 13.40
CA GLU B 122 8.99 -23.38 13.85
C GLU B 122 9.56 -24.51 13.03
N ARG B 123 9.67 -24.33 11.71
CA ARG B 123 10.17 -25.41 10.86
C ARG B 123 11.66 -25.61 11.05
N TYR B 124 12.44 -24.53 10.95
CA TYR B 124 13.89 -24.70 10.86
C TYR B 124 14.61 -24.64 12.20
N GLY B 125 13.96 -24.15 13.24
CA GLY B 125 14.60 -23.97 14.53
C GLY B 125 15.45 -22.71 14.63
N PHE B 126 15.22 -21.70 13.81
CA PHE B 126 15.99 -20.45 13.95
C PHE B 126 15.81 -19.89 15.35
N ASP B 127 16.82 -19.16 15.83
CA ASP B 127 16.76 -18.58 17.16
C ASP B 127 16.44 -17.11 17.15
N GLY B 128 16.35 -16.51 15.96
CA GLY B 128 16.04 -15.10 15.87
C GLY B 128 16.25 -14.59 14.46
N LEU B 129 16.29 -13.27 14.32
CA LEU B 129 16.36 -12.67 12.98
C LEU B 129 17.31 -11.48 13.05
N ASP B 130 18.18 -11.32 12.04
CA ASP B 130 19.07 -10.17 11.89
C ASP B 130 18.56 -9.27 10.75
N ILE B 131 18.37 -7.98 11.01
CA ILE B 131 17.90 -7.06 9.96
C ILE B 131 19.15 -6.58 9.21
N ASP B 132 19.31 -7.04 7.97
CA ASP B 132 20.52 -6.74 7.20
C ASP B 132 20.13 -6.23 5.80
N LEU B 133 19.39 -5.13 5.78
CA LEU B 133 18.87 -4.55 4.55
C LEU B 133 20.01 -3.90 3.77
N GLU B 134 19.96 -3.99 2.43
CA GLU B 134 20.87 -3.20 1.60
C GLU B 134 20.56 -1.72 1.78
N GLN B 135 21.55 -0.88 1.47
N GLN B 135 21.54 -0.87 1.45
CA GLN B 135 21.45 0.56 1.76
CA GLN B 135 21.47 0.55 1.78
C GLN B 135 20.13 1.14 1.27
C GLN B 135 20.18 1.17 1.25
N ALA B 136 19.80 0.86 0.01
CA ALA B 136 18.62 1.49 -0.56
C ALA B 136 17.30 0.91 -0.03
N ALA B 137 17.32 -0.23 0.68
CA ALA B 137 16.10 -0.78 1.26
C ALA B 137 15.78 -0.16 2.62
N VAL B 138 16.77 0.51 3.24
CA VAL B 138 16.59 1.03 4.60
C VAL B 138 15.37 1.94 4.69
N THR B 139 15.14 2.77 3.68
CA THR B 139 13.97 3.64 3.68
C THR B 139 12.96 3.28 2.59
N ALA B 140 13.11 2.13 1.94
CA ALA B 140 12.17 1.78 0.88
C ALA B 140 10.77 1.51 1.46
N ALA B 141 9.74 1.91 0.71
CA ALA B 141 8.34 1.56 1.01
C ALA B 141 8.08 1.91 2.47
N ASN B 142 7.45 1.02 3.25
CA ASN B 142 7.27 1.21 4.68
C ASN B 142 8.14 0.27 5.50
N ASN B 143 9.31 -0.11 4.98
CA ASN B 143 10.22 -0.98 5.73
C ASN B 143 10.49 -0.46 7.14
N GLN B 144 10.64 0.86 7.29
CA GLN B 144 11.08 1.42 8.56
C GLN B 144 10.07 1.19 9.67
N THR B 145 8.80 0.97 9.33
CA THR B 145 7.76 0.65 10.31
C THR B 145 7.28 -0.80 10.24
N VAL B 146 7.05 -1.37 9.04
CA VAL B 146 6.52 -2.72 8.95
C VAL B 146 7.49 -3.74 9.56
N ILE B 147 8.80 -3.61 9.29
CA ILE B 147 9.75 -4.61 9.81
C ILE B 147 9.78 -4.61 11.33
N PRO B 148 9.97 -3.46 12.02
CA PRO B 148 9.81 -3.47 13.49
C PRO B 148 8.44 -3.92 13.95
N ASP B 149 7.34 -3.47 13.32
CA ASP B 149 6.04 -3.95 13.79
C ASP B 149 5.95 -5.46 13.73
N ALA B 150 6.44 -6.06 12.65
CA ALA B 150 6.35 -7.52 12.52
C ALA B 150 7.21 -8.20 13.57
N LEU B 151 8.39 -7.65 13.84
CA LEU B 151 9.27 -8.31 14.77
C LEU B 151 8.75 -8.19 16.19
N LYS B 152 8.06 -7.10 16.51
CA LYS B 152 7.47 -7.04 17.83
C LYS B 152 6.45 -8.18 18.01
N LEU B 153 5.59 -8.40 17.00
CA LEU B 153 4.63 -9.51 17.07
C LEU B 153 5.35 -10.85 17.29
N VAL B 154 6.46 -11.07 16.57
CA VAL B 154 7.20 -12.33 16.71
C VAL B 154 7.76 -12.45 18.13
N LYS B 155 8.38 -11.36 18.59
CA LYS B 155 9.00 -11.36 19.90
C LYS B 155 7.94 -11.66 20.97
N ASP B 156 6.80 -10.96 20.91
CA ASP B 156 5.79 -11.17 21.95
C ASP B 156 5.15 -12.55 21.83
N HIS B 157 5.01 -13.06 20.61
CA HIS B 157 4.59 -14.44 20.40
C HIS B 157 5.47 -15.42 21.20
N TYR B 158 6.80 -15.30 21.08
CA TYR B 158 7.67 -16.27 21.74
C TYR B 158 7.82 -15.98 23.23
N ARG B 159 7.74 -14.71 23.64
CA ARG B 159 7.73 -14.41 25.07
C ARG B 159 6.56 -15.10 25.77
N ALA B 160 5.42 -15.20 25.09
CA ALA B 160 4.26 -15.88 25.69
C ALA B 160 4.51 -17.36 25.86
N GLU B 161 5.50 -17.91 25.18
CA GLU B 161 5.92 -19.30 25.34
C GLU B 161 7.16 -19.43 26.21
N GLY B 162 7.53 -18.38 26.94
CA GLY B 162 8.76 -18.41 27.72
C GLY B 162 10.07 -18.41 26.94
N LYS B 163 10.08 -17.95 25.69
CA LYS B 163 11.28 -17.99 24.85
C LYS B 163 11.70 -16.58 24.39
N ASN B 164 13.01 -16.39 24.20
CA ASN B 164 13.53 -15.11 23.76
C ASN B 164 14.03 -15.26 22.32
N PHE B 165 13.25 -14.77 21.37
CA PHE B 165 13.60 -14.75 19.96
C PHE B 165 14.58 -13.58 19.77
N LEU B 166 15.79 -13.88 19.33
CA LEU B 166 16.81 -12.82 19.23
C LEU B 166 16.46 -11.88 18.08
N ILE B 167 16.59 -10.59 18.32
CA ILE B 167 16.48 -9.60 17.25
C ILE B 167 17.78 -8.82 17.18
N THR B 168 18.43 -8.86 16.03
CA THR B 168 19.68 -8.08 15.91
C THR B 168 19.57 -7.27 14.64
N MET B 169 20.51 -6.33 14.42
CA MET B 169 20.42 -5.44 13.26
C MET B 169 21.82 -5.10 12.77
N ALA B 170 22.00 -4.98 11.44
CA ALA B 170 23.30 -4.66 10.87
C ALA B 170 23.25 -3.37 10.06
N PRO B 171 22.97 -2.23 10.70
CA PRO B 171 22.98 -0.94 9.98
C PRO B 171 24.39 -0.59 9.52
N GLU B 172 24.48 0.08 8.39
CA GLU B 172 25.75 0.72 8.04
C GLU B 172 25.99 1.87 9.02
N PHE B 173 27.20 1.95 9.60
CA PHE B 173 27.36 2.83 10.77
C PHE B 173 27.04 4.30 10.52
N PRO B 174 27.24 4.90 9.35
CA PRO B 174 26.95 6.35 9.25
C PRO B 174 25.49 6.72 9.51
N TYR B 175 24.55 5.78 9.33
CA TYR B 175 23.11 6.04 9.46
C TYR B 175 22.62 5.93 10.92
N LEU B 176 23.55 5.81 11.88
CA LEU B 176 23.21 5.72 13.31
C LEU B 176 23.36 7.06 14.01
N THR B 177 23.41 8.14 13.23
CA THR B 177 23.39 9.44 13.87
C THR B 177 22.02 9.68 14.50
N THR B 178 21.95 10.70 15.36
CA THR B 178 20.73 11.04 16.10
C THR B 178 19.55 11.30 15.17
N GLY B 179 19.80 11.90 14.03
CA GLY B 179 18.79 12.11 13.02
C GLY B 179 18.97 11.23 11.81
N GLY B 180 19.61 10.04 11.98
CA GLY B 180 19.94 9.19 10.83
C GLY B 180 18.78 8.33 10.36
N LYS B 181 18.85 7.88 9.10
CA LYS B 181 17.74 7.11 8.56
C LYS B 181 17.54 5.76 9.26
N TYR B 182 18.51 5.27 10.05
CA TYR B 182 18.28 3.98 10.69
C TYR B 182 17.58 4.09 12.03
N VAL B 183 17.43 5.31 12.53
CA VAL B 183 16.89 5.50 13.87
C VAL B 183 15.54 4.81 14.09
N PRO B 184 14.58 4.84 13.15
CA PRO B 184 13.28 4.16 13.45
C PRO B 184 13.43 2.68 13.76
N TYR B 185 14.36 1.97 13.13
CA TYR B 185 14.55 0.56 13.48
C TYR B 185 14.97 0.42 14.93
N ILE B 186 15.86 1.28 15.41
CA ILE B 186 16.32 1.17 16.80
C ILE B 186 15.23 1.62 17.76
N ASP B 187 14.64 2.80 17.50
CA ASP B 187 13.63 3.32 18.44
C ASP B 187 12.41 2.42 18.53
N ASN B 188 11.93 1.93 17.38
CA ASN B 188 10.74 1.08 17.33
C ASN B 188 10.97 -0.26 18.02
N LEU B 189 12.21 -0.73 18.13
CA LEU B 189 12.51 -2.03 18.72
C LEU B 189 13.22 -1.88 20.06
N GLU B 190 13.15 -0.68 20.65
CA GLU B 190 13.77 -0.51 21.96
C GLU B 190 13.11 -1.42 22.98
N GLY B 191 13.92 -2.19 23.70
CA GLY B 191 13.39 -3.17 24.61
C GLY B 191 13.08 -4.50 23.95
N TYR B 192 13.14 -4.56 22.64
CA TYR B 192 12.96 -5.80 21.88
C TYR B 192 14.26 -6.35 21.30
N TYR B 193 15.20 -5.49 20.91
CA TYR B 193 16.39 -6.01 20.25
C TYR B 193 17.42 -6.44 21.29
N ASP B 194 18.15 -7.49 20.95
CA ASP B 194 19.17 -8.07 21.81
C ASP B 194 20.58 -7.49 21.60
N TRP B 195 20.97 -7.22 20.35
CA TRP B 195 22.16 -6.38 20.14
C TRP B 195 22.10 -5.82 18.73
N ILE B 196 22.93 -4.81 18.47
CA ILE B 196 23.15 -4.27 17.13
C ILE B 196 24.58 -4.61 16.72
N ASN B 197 24.78 -5.14 15.50
CA ASN B 197 26.12 -5.34 14.96
C ASN B 197 26.21 -4.46 13.71
N PRO B 198 26.53 -3.17 13.87
CA PRO B 198 26.71 -2.31 12.69
C PRO B 198 27.87 -2.78 11.82
N GLN B 199 27.76 -2.46 10.53
CA GLN B 199 28.82 -2.65 9.56
C GLN B 199 29.72 -1.42 9.63
N PHE B 200 30.92 -1.60 10.19
CA PHE B 200 31.94 -0.55 10.21
C PHE B 200 32.89 -0.71 9.03
N TYR B 201 32.28 -0.82 7.84
CA TYR B 201 33.00 -1.12 6.62
C TYR B 201 32.12 -0.72 5.45
N ASN B 202 32.74 -0.64 4.27
CA ASN B 202 32.10 -0.28 3.01
C ASN B 202 31.63 1.17 2.98
N GLN B 203 32.09 2.01 3.88
CA GLN B 203 31.66 3.40 3.84
C GLN B 203 32.78 4.34 3.39
N GLY B 204 33.80 3.81 2.72
CA GLY B 204 34.92 4.60 2.25
C GLY B 204 35.48 5.64 3.19
N GLY B 205 35.33 6.91 2.81
CA GLY B 205 35.88 7.99 3.59
C GLY B 205 35.04 8.46 4.74
N ASP B 206 33.84 7.92 4.94
CA ASP B 206 33.01 8.34 6.08
C ASP B 206 33.72 8.04 7.38
N GLY B 207 33.31 8.70 8.46
CA GLY B 207 34.07 8.51 9.67
C GLY B 207 33.52 9.34 10.79
N ILE B 208 34.37 9.82 11.69
CA ILE B 208 33.92 10.63 12.81
C ILE B 208 34.95 11.71 13.13
N TRP B 209 34.48 12.92 13.40
CA TRP B 209 35.31 14.01 13.91
C TRP B 209 35.24 14.00 15.42
N VAL B 210 36.39 13.95 16.07
CA VAL B 210 36.50 13.91 17.52
C VAL B 210 37.21 15.19 17.97
N ASP B 211 36.49 16.02 18.73
CA ASP B 211 37.07 17.29 19.17
C ASP B 211 38.35 17.02 19.99
N GLY B 212 39.41 17.74 19.64
CA GLY B 212 40.69 17.52 20.29
C GLY B 212 41.48 16.34 19.78
N VAL B 213 41.00 15.62 18.76
CA VAL B 213 41.73 14.50 18.18
C VAL B 213 41.83 14.68 16.66
N GLY B 214 40.68 14.92 15.99
CA GLY B 214 40.72 15.20 14.56
C GLY B 214 39.75 14.33 13.80
N TRP B 215 39.97 14.25 12.49
CA TRP B 215 39.07 13.56 11.57
C TRP B 215 39.52 12.10 11.45
N ILE B 216 38.64 11.16 11.78
CA ILE B 216 39.01 9.73 11.86
C ILE B 216 38.15 8.96 10.86
N ALA B 217 38.72 8.61 9.71
CA ALA B 217 38.00 7.95 8.62
C ALA B 217 37.99 6.45 8.79
N GLN B 218 36.88 5.85 8.35
CA GLN B 218 36.77 4.40 8.33
C GLN B 218 37.82 3.74 7.45
N ASN B 219 38.36 4.44 6.46
CA ASN B 219 39.32 3.78 5.62
C ASN B 219 40.75 4.21 5.93
N ASN B 220 40.97 4.82 7.10
CA ASN B 220 42.30 5.27 7.49
C ASN B 220 42.94 4.18 8.34
N ASP B 221 43.82 3.37 7.73
CA ASP B 221 44.44 2.28 8.47
C ASP B 221 45.42 2.76 9.55
N ALA B 222 45.93 3.98 9.44
CA ALA B 222 46.85 4.49 10.47
C ALA B 222 46.12 4.86 11.74
N LEU B 223 44.79 5.06 11.66
CA LEU B 223 44.02 5.50 12.81
C LEU B 223 42.98 4.45 13.17
N LYS B 224 43.24 3.18 12.84
CA LYS B 224 42.16 2.19 12.98
C LYS B 224 41.79 2.00 14.45
N GLU B 225 42.78 1.97 15.36
CA GLU B 225 42.44 1.86 16.77
C GLU B 225 41.53 3.01 17.23
N GLU B 226 41.90 4.24 16.87
CA GLU B 226 41.13 5.43 17.23
C GLU B 226 39.73 5.41 16.61
N PHE B 227 39.61 4.93 15.38
CA PHE B 227 38.29 4.82 14.76
C PHE B 227 37.40 3.83 15.52
N ILE B 228 37.91 2.60 15.75
CA ILE B 228 37.13 1.61 16.51
C ILE B 228 36.73 2.16 17.87
N TYR B 229 37.68 2.75 18.60
CA TYR B 229 37.38 3.26 19.92
C TYR B 229 36.38 4.41 19.88
N TYR B 230 36.64 5.46 19.07
CA TYR B 230 35.75 6.62 19.16
C TYR B 230 34.37 6.39 18.54
N ILE B 231 34.25 5.61 17.47
CA ILE B 231 32.89 5.36 16.97
C ILE B 231 32.12 4.55 18.01
N SER B 232 32.80 3.60 18.69
CA SER B 232 32.10 2.79 19.69
C SER B 232 31.76 3.62 20.92
N ASP B 233 32.71 4.43 21.39
CA ASP B 233 32.46 5.28 22.55
C ASP B 233 31.29 6.23 22.32
N SER B 234 31.17 6.75 21.08
CA SER B 234 30.07 7.65 20.76
C SER B 234 28.74 6.89 20.77
N LEU B 235 28.70 5.70 20.17
CA LEU B 235 27.45 4.92 20.16
C LEU B 235 27.05 4.51 21.56
N ILE B 236 27.99 4.01 22.37
CA ILE B 236 27.57 3.43 23.65
C ILE B 236 27.24 4.50 24.68
N ASN B 237 27.55 5.77 24.37
CA ASN B 237 27.18 6.88 25.23
C ASN B 237 26.20 7.86 24.59
N GLY B 238 25.78 7.63 23.35
CA GLY B 238 24.90 8.58 22.66
C GLY B 238 25.51 9.96 22.50
N THR B 239 26.81 10.03 22.26
CA THR B 239 27.52 11.29 22.13
C THR B 239 27.98 11.55 20.68
N ARG B 240 28.57 12.73 20.49
CA ARG B 240 29.14 13.09 19.19
C ARG B 240 28.13 12.93 18.06
N GLY B 241 26.86 13.12 18.39
CA GLY B 241 25.82 13.10 17.39
C GLY B 241 25.30 11.71 17.04
N PHE B 242 25.60 10.68 17.83
CA PHE B 242 25.19 9.32 17.49
C PHE B 242 24.09 8.84 18.45
N HIS B 243 23.16 8.06 17.89
CA HIS B 243 22.12 7.43 18.72
C HIS B 243 22.76 6.46 19.71
N LYS B 244 22.26 6.42 20.94
CA LYS B 244 22.86 5.50 21.89
C LYS B 244 22.50 4.05 21.58
N ILE B 245 23.49 3.17 21.76
CA ILE B 245 23.31 1.72 21.76
C ILE B 245 24.10 1.25 22.99
N PRO B 246 23.46 0.64 23.99
CA PRO B 246 24.20 0.22 25.19
C PRO B 246 25.37 -0.72 24.86
N HIS B 247 26.46 -0.61 25.65
CA HIS B 247 27.68 -1.33 25.26
C HIS B 247 27.48 -2.85 25.25
N ASP B 248 26.66 -3.40 26.15
CA ASP B 248 26.53 -4.86 26.07
CA ASP B 248 26.39 -4.84 26.17
C ASP B 248 25.50 -5.26 25.01
N LYS B 249 24.99 -4.31 24.25
CA LYS B 249 24.16 -4.56 23.07
C LYS B 249 24.83 -4.06 21.81
N LEU B 250 26.17 -3.82 21.83
CA LEU B 250 26.91 -3.36 20.65
C LEU B 250 27.95 -4.40 20.27
N VAL B 251 27.90 -4.85 19.03
CA VAL B 251 28.81 -5.86 18.49
C VAL B 251 29.49 -5.23 17.29
N PHE B 252 30.82 -5.34 17.19
CA PHE B 252 31.55 -4.49 16.22
C PHE B 252 31.74 -5.25 14.91
N GLY B 253 31.05 -4.83 13.84
CA GLY B 253 31.10 -5.57 12.58
C GLY B 253 32.23 -5.12 11.67
N ILE B 254 33.04 -6.09 11.20
CA ILE B 254 34.16 -5.82 10.29
C ILE B 254 34.27 -6.94 9.24
N PRO B 255 34.93 -6.65 8.11
CA PRO B 255 35.12 -7.67 7.07
C PRO B 255 36.10 -8.77 7.48
N SER B 256 35.86 -9.97 6.99
CA SER B 256 36.79 -11.06 7.28
C SER B 256 38.08 -10.96 6.47
N SER B 257 38.09 -10.22 5.35
CA SER B 257 39.27 -10.05 4.49
C SER B 257 38.96 -8.94 3.49
N ILE B 258 39.97 -8.57 2.68
CA ILE B 258 39.70 -7.56 1.64
C ILE B 258 38.79 -8.09 0.54
N ASP B 259 38.61 -9.42 0.43
CA ASP B 259 37.62 -9.91 -0.53
C ASP B 259 36.20 -9.72 -0.03
N ALA B 260 36.01 -9.65 1.30
CA ALA B 260 34.66 -9.62 1.85
C ALA B 260 34.02 -8.24 1.76
N ALA B 261 34.80 -7.17 1.61
CA ALA B 261 34.29 -5.81 1.61
C ALA B 261 35.25 -4.90 0.85
N ALA B 262 34.70 -3.82 0.29
CA ALA B 262 35.53 -2.88 -0.47
C ALA B 262 36.53 -2.19 0.45
N THR B 263 36.07 -1.73 1.60
CA THR B 263 36.90 -0.99 2.58
C THR B 263 36.51 -1.46 3.97
N GLY B 264 37.39 -1.17 4.95
CA GLY B 264 37.10 -1.37 6.35
C GLY B 264 37.78 -2.58 6.96
N PHE B 265 38.46 -3.41 6.16
CA PHE B 265 39.19 -4.54 6.74
C PHE B 265 40.21 -4.06 7.75
N VAL B 266 40.32 -4.75 8.89
CA VAL B 266 41.24 -4.35 9.95
C VAL B 266 42.58 -5.05 9.68
N GLN B 267 43.57 -4.26 9.27
CA GLN B 267 44.86 -4.82 8.87
C GLN B 267 45.56 -5.49 10.04
N ASP B 268 45.52 -4.84 11.19
CA ASP B 268 46.25 -5.30 12.36
C ASP B 268 45.24 -5.53 13.48
N PRO B 269 44.88 -6.78 13.76
CA PRO B 269 43.88 -7.06 14.80
C PRO B 269 44.22 -6.41 16.13
N GLN B 270 45.52 -6.14 16.36
CA GLN B 270 45.87 -5.50 17.62
C GLN B 270 45.22 -4.13 17.78
N ASP B 271 44.91 -3.44 16.67
CA ASP B 271 44.15 -2.19 16.80
C ASP B 271 42.76 -2.43 17.39
N LEU B 272 42.11 -3.53 17.01
CA LEU B 272 40.82 -3.83 17.63
C LEU B 272 40.99 -4.26 19.09
N TYR B 273 41.93 -5.19 19.37
CA TYR B 273 42.17 -5.58 20.77
C TYR B 273 42.40 -4.36 21.66
N ASP B 274 43.22 -3.42 21.19
CA ASP B 274 43.54 -2.25 22.02
C ASP B 274 42.34 -1.33 22.17
N ALA B 275 41.57 -1.11 21.10
CA ALA B 275 40.36 -0.30 21.26
C ALA B 275 39.38 -0.96 22.22
N PHE B 276 39.18 -2.29 22.10
CA PHE B 276 38.28 -3.00 23.00
C PHE B 276 38.78 -2.91 24.43
N GLU B 277 40.10 -2.93 24.59
CA GLU B 277 40.70 -2.80 25.92
C GLU B 277 40.38 -1.43 26.52
N THR B 278 40.54 -0.36 25.74
CA THR B 278 40.17 0.96 26.23
C THR B 278 38.70 0.98 26.65
N LEU B 279 37.80 0.42 25.82
CA LEU B 279 36.38 0.39 26.17
C LEU B 279 36.14 -0.39 27.47
N THR B 280 36.80 -1.55 27.61
CA THR B 280 36.67 -2.35 28.84
C THR B 280 37.20 -1.60 30.06
N THR B 281 38.34 -0.93 29.90
CA THR B 281 38.93 -0.17 31.02
C THR B 281 38.00 0.94 31.52
N GLN B 282 37.21 1.55 30.64
CA GLN B 282 36.28 2.54 31.13
C GLN B 282 34.93 1.95 31.52
N GLY B 283 34.84 0.64 31.69
CA GLY B 283 33.61 0.06 32.23
C GLY B 283 32.55 -0.20 31.19
N GLN B 284 32.87 -0.11 29.91
CA GLN B 284 31.87 -0.26 28.86
C GLN B 284 32.29 -1.26 27.79
N PRO B 285 32.62 -2.51 28.16
CA PRO B 285 33.09 -3.47 27.14
C PRO B 285 31.99 -3.81 26.13
N LEU B 286 32.41 -3.92 24.90
CA LEU B 286 31.48 -4.31 23.85
C LEU B 286 31.15 -5.81 23.98
N ARG B 287 30.05 -6.20 23.31
CA ARG B 287 29.53 -7.56 23.41
C ARG B 287 30.28 -8.55 22.52
N GLY B 288 31.04 -8.07 21.55
CA GLY B 288 31.79 -8.97 20.68
C GLY B 288 32.04 -8.36 19.31
N VAL B 289 32.22 -9.25 18.34
CA VAL B 289 32.65 -8.93 16.99
C VAL B 289 31.67 -9.61 16.03
N MET B 290 31.45 -9.00 14.86
CA MET B 290 30.66 -9.65 13.83
C MET B 290 31.47 -9.57 12.55
N THR B 291 31.25 -10.49 11.62
CA THR B 291 31.97 -10.39 10.35
C THR B 291 31.12 -10.86 9.18
N TRP B 292 31.25 -10.14 8.05
CA TRP B 292 30.95 -10.70 6.74
C TRP B 292 32.29 -11.23 6.22
N SER B 293 32.46 -12.55 6.12
CA SER B 293 31.45 -13.60 6.36
C SER B 293 32.19 -14.91 6.71
N ILE B 294 31.45 -15.89 7.24
CA ILE B 294 32.02 -17.22 7.47
C ILE B 294 32.57 -17.80 6.18
N ASN B 295 31.79 -17.72 5.09
CA ASN B 295 32.21 -18.35 3.85
C ASN B 295 33.44 -17.68 3.26
N TRP B 296 33.56 -16.36 3.39
CA TRP B 296 34.80 -15.67 3.04
C TRP B 296 35.98 -16.15 3.89
N ASP B 297 35.76 -16.33 5.19
CA ASP B 297 36.83 -16.76 6.05
C ASP B 297 37.29 -18.17 5.69
N MET B 298 36.41 -18.97 5.08
CA MET B 298 36.74 -20.32 4.62
C MET B 298 37.03 -20.35 3.13
N GLY B 299 37.29 -19.20 2.54
CA GLY B 299 37.38 -19.09 1.09
C GLY B 299 38.81 -18.96 0.59
N THR B 300 38.94 -18.43 -0.63
CA THR B 300 40.24 -18.31 -1.28
C THR B 300 40.36 -16.93 -1.88
N ASN B 301 41.61 -16.44 -2.00
CA ASN B 301 41.80 -15.16 -2.67
C ASN B 301 42.00 -15.37 -4.17
N LYS B 302 42.24 -14.27 -4.89
CA LYS B 302 42.36 -14.32 -6.34
C LYS B 302 43.47 -15.27 -6.78
N ASN B 303 44.56 -15.38 -6.01
CA ASN B 303 45.63 -16.31 -6.37
C ASN B 303 45.36 -17.74 -5.92
N GLY B 304 44.18 -18.00 -5.37
CA GLY B 304 43.85 -19.33 -4.93
C GLY B 304 44.40 -19.71 -3.57
N GLN B 305 44.95 -18.76 -2.83
CA GLN B 305 45.48 -19.05 -1.50
C GLN B 305 44.32 -19.10 -0.51
N GLN B 306 44.43 -19.99 0.50
CA GLN B 306 43.34 -20.19 1.45
C GLN B 306 43.31 -19.07 2.50
N TYR B 307 42.14 -18.47 2.73
CA TYR B 307 42.05 -17.55 3.86
C TYR B 307 42.23 -18.32 5.15
N ASN B 308 41.85 -19.60 5.14
CA ASN B 308 42.24 -20.54 6.18
C ASN B 308 41.73 -20.09 7.55
N GLU B 309 40.54 -19.49 7.59
CA GLU B 309 39.88 -19.14 8.85
C GLU B 309 40.72 -18.16 9.67
N GLN B 310 41.47 -17.28 8.98
CA GLN B 310 42.29 -16.29 9.66
C GLN B 310 41.46 -15.39 10.58
N PHE B 311 40.26 -15.01 10.14
CA PHE B 311 39.47 -14.07 10.94
C PHE B 311 39.07 -14.69 12.29
N ILE B 312 38.45 -15.86 12.26
CA ILE B 312 38.01 -16.46 13.52
C ILE B 312 39.23 -16.84 14.37
N LYS B 313 40.36 -17.17 13.74
CA LYS B 313 41.59 -17.40 14.52
C LYS B 313 42.03 -16.12 15.22
N ASP B 314 41.84 -14.97 14.58
CA ASP B 314 42.24 -13.69 15.14
C ASP B 314 41.27 -13.21 16.22
N TYR B 315 39.97 -13.44 16.07
CA TYR B 315 39.03 -12.81 16.99
C TYR B 315 38.25 -13.77 17.85
N GLY B 316 38.19 -15.06 17.49
CA GLY B 316 37.49 -16.06 18.29
C GLY B 316 38.02 -16.16 19.70
N PRO B 317 39.29 -16.52 19.85
CA PRO B 317 39.85 -16.64 21.20
C PRO B 317 39.81 -15.35 21.97
N PHE B 318 40.01 -14.22 21.28
CA PHE B 318 39.96 -12.92 21.94
C PHE B 318 38.59 -12.66 22.56
N VAL B 319 37.52 -12.86 21.79
CA VAL B 319 36.18 -12.61 22.31
C VAL B 319 35.82 -13.63 23.38
N HIS B 320 36.11 -14.88 23.11
CA HIS B 320 35.66 -15.95 24.00
C HIS B 320 36.50 -16.10 25.27
N GLY B 321 37.73 -15.60 25.30
CA GLY B 321 38.51 -15.60 26.54
C GLY B 321 38.42 -14.37 27.48
N PRO C 5 -38.38 -24.06 1.22
CA PRO C 5 -37.02 -24.33 0.69
C PRO C 5 -36.15 -23.08 0.81
N MET C 6 -34.99 -23.19 1.46
CA MET C 6 -34.19 -22.02 1.81
C MET C 6 -32.86 -22.04 1.09
N THR C 7 -32.68 -21.09 0.20
CA THR C 7 -31.49 -21.01 -0.64
C THR C 7 -30.39 -20.27 0.14
N ASN C 8 -29.23 -20.91 0.26
CA ASN C 8 -28.05 -20.33 0.90
C ASN C 8 -26.95 -20.20 -0.15
N PRO C 9 -26.03 -19.25 0.01
CA PRO C 9 -24.89 -19.17 -0.89
C PRO C 9 -23.83 -20.22 -0.54
N ASP C 10 -23.14 -20.72 -1.57
CA ASP C 10 -22.09 -21.72 -1.38
C ASP C 10 -20.72 -21.12 -1.15
N SER C 11 -20.56 -19.82 -1.43
CA SER C 11 -19.24 -19.20 -1.52
C SER C 11 -19.30 -17.71 -1.18
N GLY C 12 -18.60 -16.86 -1.93
CA GLY C 12 -18.59 -15.43 -1.65
C GLY C 12 -19.92 -14.79 -1.98
N VAL C 13 -20.17 -13.62 -1.37
CA VAL C 13 -21.45 -12.94 -1.56
C VAL C 13 -21.21 -11.49 -1.95
N VAL C 14 -22.10 -10.99 -2.81
CA VAL C 14 -22.32 -9.57 -2.94
C VAL C 14 -23.75 -9.34 -2.53
N VAL C 15 -23.92 -8.68 -1.42
CA VAL C 15 -25.24 -8.37 -0.85
C VAL C 15 -25.70 -7.00 -1.37
N GLY C 16 -26.92 -6.91 -1.91
CA GLY C 16 -27.47 -5.64 -2.32
C GLY C 16 -28.86 -5.47 -1.74
N TYR C 17 -29.16 -4.25 -1.28
CA TYR C 17 -30.50 -3.93 -0.75
C TYR C 17 -31.41 -3.48 -1.89
N TRP C 18 -32.64 -3.98 -1.85
CA TRP C 18 -33.69 -3.74 -2.85
C TRP C 18 -34.80 -2.94 -2.18
N HIS C 19 -35.07 -1.73 -2.67
CA HIS C 19 -36.04 -0.83 -2.05
C HIS C 19 -37.47 -1.27 -2.30
N ASN C 20 -38.25 -1.48 -1.23
CA ASN C 20 -39.71 -1.62 -1.38
C ASN C 20 -40.40 -0.25 -1.42
N TRP C 21 -39.89 0.65 -2.25
CA TRP C 21 -40.54 1.93 -2.55
C TRP C 21 -39.86 2.52 -3.78
N CYS C 22 -40.46 3.57 -4.33
CA CYS C 22 -39.95 4.19 -5.55
C CYS C 22 -39.40 5.60 -5.27
N ASP C 23 -38.31 5.95 -5.94
CA ASP C 23 -37.79 7.33 -6.02
C ASP C 23 -37.24 7.89 -4.68
N GLY C 24 -36.31 7.20 -4.06
CA GLY C 24 -35.58 7.83 -2.95
C GLY C 24 -34.72 8.99 -3.45
N GLY C 25 -34.69 10.09 -2.70
CA GLY C 25 -33.77 11.19 -3.04
C GLY C 25 -32.35 10.91 -2.52
N GLY C 26 -31.31 11.28 -3.35
CA GLY C 26 -29.93 10.96 -3.03
C GLY C 26 -29.24 12.03 -2.19
N TYR C 27 -28.14 11.62 -1.52
CA TYR C 27 -27.36 12.62 -0.78
C TYR C 27 -26.80 13.71 -1.66
N GLN C 28 -26.68 13.48 -2.97
CA GLN C 28 -26.23 14.50 -3.89
C GLN C 28 -27.29 14.81 -4.94
N GLY C 29 -28.55 14.67 -4.59
CA GLY C 29 -29.59 15.11 -5.50
C GLY C 29 -30.05 14.10 -6.53
N GLY C 30 -29.48 12.91 -6.57
CA GLY C 30 -29.94 11.88 -7.51
C GLY C 30 -31.27 11.24 -7.09
N ASN C 31 -31.63 10.20 -7.86
CA ASN C 31 -32.87 9.46 -7.64
C ASN C 31 -32.65 7.95 -7.75
N ALA C 32 -33.30 7.20 -6.85
CA ALA C 32 -33.25 5.73 -6.86
C ALA C 32 -34.64 5.22 -7.22
N PRO C 33 -34.88 4.79 -8.45
CA PRO C 33 -36.21 4.31 -8.83
C PRO C 33 -36.48 2.94 -8.22
N CYS C 34 -37.74 2.55 -8.21
CA CYS C 34 -38.00 1.13 -7.92
C CYS C 34 -37.67 0.31 -9.17
N VAL C 35 -37.27 -0.95 -8.95
CA VAL C 35 -37.03 -1.94 -9.99
C VAL C 35 -37.67 -3.26 -9.54
N THR C 36 -37.98 -4.12 -10.53
CA THR C 36 -38.46 -5.44 -10.14
C THR C 36 -37.27 -6.29 -9.67
N LEU C 37 -37.56 -7.43 -9.03
CA LEU C 37 -36.49 -8.37 -8.69
C LEU C 37 -35.84 -8.94 -9.94
N ASP C 38 -36.66 -9.19 -10.96
CA ASP C 38 -36.11 -9.79 -12.19
C ASP C 38 -35.14 -8.85 -12.89
N GLU C 39 -35.22 -7.54 -12.62
CA GLU C 39 -34.29 -6.59 -13.22
C GLU C 39 -32.91 -6.58 -12.56
N VAL C 40 -32.78 -7.10 -11.34
CA VAL C 40 -31.53 -7.01 -10.59
C VAL C 40 -30.47 -7.87 -11.26
N ASN C 41 -29.28 -7.32 -11.39
CA ASN C 41 -28.16 -8.09 -11.93
C ASN C 41 -27.90 -9.36 -11.09
N PRO C 42 -27.71 -10.52 -11.72
CA PRO C 42 -27.54 -11.79 -10.99
C PRO C 42 -26.35 -11.83 -10.08
N MET C 43 -25.34 -10.98 -10.30
CA MET C 43 -24.17 -10.95 -9.41
C MET C 43 -24.49 -10.44 -8.02
N TYR C 44 -25.62 -9.77 -7.83
CA TYR C 44 -26.19 -9.58 -6.50
C TYR C 44 -26.83 -10.92 -6.12
N ASN C 45 -26.06 -11.78 -5.44
CA ASN C 45 -26.58 -13.12 -5.16
C ASN C 45 -27.30 -13.19 -3.83
N ILE C 46 -27.24 -12.12 -3.04
CA ILE C 46 -28.05 -11.92 -1.85
C ILE C 46 -28.79 -10.60 -2.03
N VAL C 47 -30.11 -10.66 -2.06
CA VAL C 47 -30.94 -9.48 -2.33
C VAL C 47 -31.80 -9.26 -1.09
N ASN C 48 -31.66 -8.09 -0.47
CA ASN C 48 -32.30 -7.81 0.82
C ASN C 48 -33.49 -6.86 0.57
N VAL C 49 -34.70 -7.41 0.61
CA VAL C 49 -35.96 -6.67 0.44
C VAL C 49 -36.15 -5.72 1.62
N SER C 50 -36.25 -4.40 1.35
CA SER C 50 -36.17 -3.38 2.39
C SER C 50 -37.42 -2.52 2.40
N PHE C 51 -38.18 -2.48 3.51
CA PHE C 51 -37.92 -3.06 4.84
C PHE C 51 -39.15 -3.64 5.49
N MET C 52 -38.91 -4.60 6.40
CA MET C 52 -39.88 -4.99 7.40
C MET C 52 -39.93 -3.89 8.45
N LYS C 53 -41.14 -3.41 8.79
CA LYS C 53 -41.23 -2.23 9.64
C LYS C 53 -42.64 -2.19 10.23
N VAL C 54 -42.88 -1.24 11.13
CA VAL C 54 -44.24 -0.88 11.52
C VAL C 54 -44.77 0.18 10.54
N TYR C 55 -45.78 -0.19 9.74
CA TYR C 55 -46.41 0.79 8.86
C TYR C 55 -47.34 1.75 9.58
N ASP C 56 -48.02 1.29 10.63
CA ASP C 56 -49.04 2.10 11.29
C ASP C 56 -49.03 1.73 12.77
N VAL C 57 -48.70 2.69 13.64
CA VAL C 57 -48.53 2.32 15.04
C VAL C 57 -49.84 1.87 15.65
N ALA C 58 -50.97 2.21 15.01
CA ALA C 58 -52.25 1.63 15.41
C ALA C 58 -52.32 0.13 15.19
N ASP C 59 -51.46 -0.44 14.34
CA ASP C 59 -51.46 -1.89 14.17
C ASP C 59 -50.53 -2.61 15.15
N GLY C 60 -50.00 -1.90 16.14
CA GLY C 60 -49.22 -2.48 17.20
C GLY C 60 -47.75 -2.54 16.87
N ARG C 61 -46.99 -3.14 17.77
CA ARG C 61 -45.52 -3.07 17.69
C ARG C 61 -44.87 -4.09 16.78
N ILE C 62 -45.59 -5.12 16.32
CA ILE C 62 -44.90 -6.17 15.57
C ILE C 62 -44.67 -5.71 14.13
N PRO C 63 -43.42 -5.60 13.69
CA PRO C 63 -43.15 -5.20 12.29
C PRO C 63 -43.73 -6.22 11.32
N THR C 64 -43.97 -5.78 10.09
CA THR C 64 -44.48 -6.69 9.06
C THR C 64 -43.94 -6.20 7.71
N PHE C 65 -44.41 -6.80 6.63
CA PHE C 65 -43.97 -6.44 5.30
C PHE C 65 -45.20 -6.31 4.42
N LYS C 66 -45.30 -5.20 3.70
CA LYS C 66 -46.39 -5.00 2.73
C LYS C 66 -45.77 -4.54 1.44
N LEU C 67 -45.90 -5.33 0.39
CA LEU C 67 -45.32 -4.99 -0.90
C LEU C 67 -45.90 -3.69 -1.46
N ASP C 68 -45.04 -2.77 -1.88
CA ASP C 68 -45.49 -1.53 -2.50
C ASP C 68 -46.06 -1.77 -3.90
N PRO C 69 -47.36 -1.53 -4.14
CA PRO C 69 -47.92 -1.74 -5.49
C PRO C 69 -47.33 -0.81 -6.55
N THR C 70 -46.73 0.32 -6.18
CA THR C 70 -46.12 1.22 -7.16
C THR C 70 -45.04 0.51 -7.96
N ILE C 71 -44.42 -0.52 -7.39
CA ILE C 71 -43.35 -1.22 -8.09
C ILE C 71 -43.87 -1.98 -9.29
N GLY C 72 -45.17 -2.26 -9.33
CA GLY C 72 -45.79 -2.85 -10.50
C GLY C 72 -45.89 -4.36 -10.48
N LEU C 73 -45.62 -4.99 -9.33
CA LEU C 73 -45.70 -6.45 -9.22
C LEU C 73 -46.91 -6.81 -8.35
N SER C 74 -47.74 -7.73 -8.83
CA SER C 74 -48.75 -8.29 -7.95
C SER C 74 -48.05 -9.13 -6.88
N GLU C 75 -48.81 -9.51 -5.84
CA GLU C 75 -48.26 -10.44 -4.85
C GLU C 75 -47.73 -11.69 -5.52
N GLU C 76 -48.52 -12.27 -6.43
CA GLU C 76 -48.11 -13.50 -7.08
C GLU C 76 -46.85 -13.28 -7.92
N GLN C 77 -46.76 -12.15 -8.62
CA GLN C 77 -45.59 -11.93 -9.45
C GLN C 77 -44.34 -11.75 -8.60
N PHE C 78 -44.48 -11.06 -7.48
CA PHE C 78 -43.37 -10.87 -6.55
C PHE C 78 -42.93 -12.20 -5.98
N ILE C 79 -43.89 -13.04 -5.54
CA ILE C 79 -43.54 -14.38 -5.04
C ILE C 79 -42.84 -15.21 -6.13
N ASP C 80 -43.34 -15.16 -7.38
CA ASP C 80 -42.69 -15.93 -8.43
C ASP C 80 -41.30 -15.39 -8.74
N GLN C 81 -41.09 -14.07 -8.63
CA GLN C 81 -39.73 -13.60 -8.91
C GLN C 81 -38.76 -14.04 -7.81
N ILE C 82 -39.21 -14.11 -6.55
CA ILE C 82 -38.35 -14.70 -5.54
C ILE C 82 -38.01 -16.15 -5.90
N SER C 83 -39.00 -16.93 -6.36
CA SER C 83 -38.72 -18.33 -6.71
C SER C 83 -37.68 -18.41 -7.81
N GLU C 84 -37.79 -17.53 -8.79
CA GLU C 84 -36.83 -17.54 -9.87
C GLU C 84 -35.42 -17.18 -9.39
N LEU C 85 -35.28 -16.20 -8.48
CA LEU C 85 -33.93 -15.96 -7.93
C LEU C 85 -33.42 -17.21 -7.23
N ASN C 86 -34.29 -17.85 -6.43
CA ASN C 86 -33.90 -19.09 -5.76
C ASN C 86 -33.47 -20.14 -6.76
N LYS C 87 -34.16 -20.23 -7.89
CA LYS C 87 -33.81 -21.22 -8.89
C LYS C 87 -32.43 -20.94 -9.48
N GLN C 88 -32.04 -19.66 -9.55
CA GLN C 88 -30.70 -19.24 -9.94
C GLN C 88 -29.69 -19.43 -8.81
N GLY C 89 -30.13 -19.89 -7.65
CA GLY C 89 -29.21 -20.08 -6.56
C GLY C 89 -28.99 -18.83 -5.71
N ARG C 90 -29.82 -17.81 -5.89
CA ARG C 90 -29.67 -16.56 -5.13
C ARG C 90 -30.62 -16.54 -3.95
N SER C 91 -30.21 -15.86 -2.88
CA SER C 91 -31.01 -15.72 -1.68
C SER C 91 -31.75 -14.38 -1.68
N VAL C 92 -32.95 -14.38 -1.11
CA VAL C 92 -33.72 -13.16 -0.96
C VAL C 92 -34.04 -13.03 0.52
N LEU C 93 -33.44 -12.06 1.18
CA LEU C 93 -33.65 -11.81 2.59
C LEU C 93 -34.69 -10.71 2.77
N LEU C 94 -35.32 -10.71 3.95
CA LEU C 94 -36.15 -9.59 4.39
C LEU C 94 -35.32 -8.75 5.34
N ALA C 95 -35.14 -7.48 5.04
CA ALA C 95 -34.32 -6.62 5.89
C ALA C 95 -35.25 -5.88 6.84
N LEU C 96 -34.95 -5.96 8.11
CA LEU C 96 -35.73 -5.32 9.18
C LEU C 96 -35.17 -3.93 9.50
N GLY C 97 -36.04 -2.92 9.53
CA GLY C 97 -35.60 -1.63 10.03
C GLY C 97 -35.69 -0.52 8.99
N GLY C 98 -34.59 0.17 8.74
CA GLY C 98 -34.59 1.33 7.89
C GLY C 98 -35.11 2.58 8.61
N ALA C 99 -35.17 3.68 7.86
CA ALA C 99 -35.54 4.96 8.43
C ALA C 99 -37.03 4.99 8.78
N ASP C 100 -37.34 5.61 9.92
CA ASP C 100 -38.72 5.86 10.35
C ASP C 100 -39.52 4.56 10.41
N ALA C 101 -38.89 3.52 10.96
CA ALA C 101 -39.49 2.18 10.90
C ALA C 101 -40.40 1.90 12.09
N HIS C 102 -40.32 2.72 13.15
CA HIS C 102 -41.10 2.51 14.39
C HIS C 102 -40.90 1.11 14.95
N VAL C 103 -39.68 0.59 14.88
CA VAL C 103 -39.38 -0.71 15.47
C VAL C 103 -38.90 -0.42 16.89
N GLU C 104 -39.74 -0.74 17.88
CA GLU C 104 -39.54 -0.41 19.29
C GLU C 104 -40.13 -1.57 20.08
N LEU C 105 -39.55 -2.76 19.86
CA LEU C 105 -40.10 -3.98 20.41
C LEU C 105 -39.88 -4.02 21.91
N GLU C 106 -40.88 -4.53 22.64
CA GLU C 106 -40.84 -4.63 24.10
C GLU C 106 -40.77 -6.08 24.54
N THR C 107 -40.06 -6.30 25.65
CA THR C 107 -39.94 -7.59 26.32
C THR C 107 -41.30 -8.28 26.39
N GLY C 108 -41.38 -9.48 25.85
CA GLY C 108 -42.63 -10.19 25.72
C GLY C 108 -43.09 -10.30 24.28
N ASP C 109 -42.64 -9.39 23.40
CA ASP C 109 -43.05 -9.41 22.00
C ASP C 109 -42.34 -10.48 21.18
N GLU C 110 -41.30 -11.12 21.72
CA GLU C 110 -40.45 -11.97 20.88
C GLU C 110 -41.22 -13.10 20.20
N ARG C 111 -42.15 -13.75 20.92
CA ARG C 111 -42.89 -14.86 20.29
C ARG C 111 -43.72 -14.39 19.11
N ALA C 112 -44.49 -13.29 19.28
CA ALA C 112 -45.28 -12.83 18.14
C ALA C 112 -44.41 -12.31 17.00
N PHE C 113 -43.25 -11.71 17.32
CA PHE C 113 -42.35 -11.26 16.26
C PHE C 113 -41.80 -12.45 15.48
N ALA C 114 -41.37 -13.48 16.19
CA ALA C 114 -40.96 -14.73 15.52
C ALA C 114 -42.07 -15.30 14.63
N ASP C 115 -43.29 -15.38 15.17
CA ASP C 115 -44.43 -15.89 14.38
C ASP C 115 -44.59 -15.11 13.10
N GLU C 116 -44.46 -13.79 13.19
CA GLU C 116 -44.68 -13.01 11.97
C GLU C 116 -43.53 -13.19 10.97
N ILE C 117 -42.29 -13.30 11.44
CA ILE C 117 -41.17 -13.59 10.54
C ILE C 117 -41.41 -14.92 9.81
N ILE C 118 -41.79 -15.95 10.56
CA ILE C 118 -42.12 -17.25 9.96
C ILE C 118 -43.28 -17.10 8.97
N ARG C 119 -44.32 -16.39 9.37
CA ARG C 119 -45.47 -16.28 8.47
C ARG C 119 -45.05 -15.65 7.13
N LEU C 120 -44.26 -14.56 7.17
CA LEU C 120 -43.84 -13.90 5.93
C LEU C 120 -42.89 -14.79 5.15
N THR C 121 -42.04 -15.52 5.88
CA THR C 121 -41.10 -16.43 5.22
C THR C 121 -41.85 -17.52 4.45
N GLU C 122 -42.88 -18.11 5.07
CA GLU C 122 -43.68 -19.14 4.37
C GLU C 122 -44.44 -18.54 3.20
N ARG C 123 -44.93 -17.31 3.35
CA ARG C 123 -45.77 -16.70 2.31
C ARG C 123 -44.95 -16.32 1.08
N TYR C 124 -43.80 -15.66 1.28
CA TYR C 124 -43.05 -15.08 0.19
C TYR C 124 -41.85 -15.92 -0.23
N GLY C 125 -41.45 -16.87 0.59
CA GLY C 125 -40.25 -17.64 0.30
C GLY C 125 -38.95 -16.94 0.64
N PHE C 126 -38.94 -16.01 1.60
CA PHE C 126 -37.66 -15.41 2.01
C PHE C 126 -36.72 -16.50 2.54
N ASP C 127 -35.42 -16.24 2.42
CA ASP C 127 -34.39 -17.18 2.81
C ASP C 127 -33.77 -16.81 4.14
N GLY C 128 -34.17 -15.68 4.70
CA GLY C 128 -33.57 -15.22 5.94
C GLY C 128 -33.93 -13.77 6.22
N LEU C 129 -33.23 -13.19 7.21
CA LEU C 129 -33.56 -11.85 7.65
C LEU C 129 -32.27 -11.12 7.94
N ASP C 130 -32.22 -9.84 7.54
CA ASP C 130 -31.07 -8.98 7.84
C ASP C 130 -31.49 -7.93 8.87
N ILE C 131 -30.71 -7.77 9.94
CA ILE C 131 -31.06 -6.78 10.97
C ILE C 131 -30.45 -5.45 10.50
N ASP C 132 -31.28 -4.50 10.08
CA ASP C 132 -30.79 -3.23 9.52
C ASP C 132 -31.52 -2.03 10.15
N LEU C 133 -31.42 -1.94 11.50
CA LEU C 133 -32.03 -0.87 12.26
C LEU C 133 -31.37 0.50 11.99
N GLU C 134 -32.19 1.56 11.97
CA GLU C 134 -31.67 2.92 11.96
C GLU C 134 -30.93 3.17 13.26
N GLN C 135 -30.00 4.14 13.23
N GLN C 135 -30.03 4.15 13.22
CA GLN C 135 -29.10 4.40 14.37
CA GLN C 135 -29.10 4.44 14.31
C GLN C 135 -29.85 4.47 15.68
C GLN C 135 -29.80 4.53 15.66
N ALA C 136 -30.92 5.27 15.72
CA ALA C 136 -31.63 5.53 16.97
C ALA C 136 -32.41 4.31 17.46
N ALA C 137 -32.67 3.35 16.59
CA ALA C 137 -33.44 2.17 16.95
C ALA C 137 -32.59 1.08 17.57
N VAL C 138 -31.26 1.16 17.43
CA VAL C 138 -30.36 0.09 17.90
C VAL C 138 -30.57 -0.17 19.39
N THR C 139 -30.77 0.89 20.17
CA THR C 139 -31.02 0.74 21.59
C THR C 139 -32.44 1.14 22.00
N ALA C 140 -33.34 1.40 21.06
CA ALA C 140 -34.70 1.76 21.47
C ALA C 140 -35.42 0.61 22.19
N ALA C 141 -36.26 0.96 23.16
CA ALA C 141 -37.18 -0.02 23.79
C ALA C 141 -36.33 -1.23 24.21
N ASN C 142 -36.73 -2.45 23.90
CA ASN C 142 -35.99 -3.67 24.18
C ASN C 142 -35.51 -4.35 22.89
N ASN C 143 -35.22 -3.56 21.85
CA ASN C 143 -34.77 -4.15 20.58
C ASN C 143 -33.53 -5.03 20.78
N GLN C 144 -32.61 -4.61 21.65
CA GLN C 144 -31.36 -5.34 21.82
C GLN C 144 -31.57 -6.76 22.33
N THR C 145 -32.66 -7.04 23.03
CA THR C 145 -32.94 -8.39 23.49
C THR C 145 -34.08 -9.06 22.73
N VAL C 146 -35.16 -8.34 22.43
CA VAL C 146 -36.31 -8.96 21.77
C VAL C 146 -35.95 -9.42 20.35
N ILE C 147 -35.20 -8.62 19.61
CA ILE C 147 -34.91 -9.01 18.24
C ILE C 147 -34.07 -10.27 18.20
N PRO C 148 -32.97 -10.40 18.97
CA PRO C 148 -32.24 -11.68 18.95
C PRO C 148 -33.06 -12.82 19.53
N ASP C 149 -33.83 -12.58 20.61
CA ASP C 149 -34.64 -13.69 21.12
C ASP C 149 -35.61 -14.21 20.06
N ALA C 150 -36.27 -13.30 19.32
CA ALA C 150 -37.21 -13.75 18.30
C ALA C 150 -36.47 -14.54 17.23
N LEU C 151 -35.25 -14.05 16.86
CA LEU C 151 -34.54 -14.68 15.73
C LEU C 151 -34.03 -16.07 16.11
N LYS C 152 -33.70 -16.28 17.38
CA LYS C 152 -33.38 -17.64 17.81
C LYS C 152 -34.57 -18.59 17.65
N LEU C 153 -35.77 -18.13 18.03
CA LEU C 153 -36.97 -18.93 17.79
C LEU C 153 -37.13 -19.27 16.31
N VAL C 154 -36.97 -18.27 15.43
CA VAL C 154 -37.10 -18.52 13.99
C VAL C 154 -36.03 -19.51 13.52
N LYS C 155 -34.78 -19.27 13.90
CA LYS C 155 -33.69 -20.13 13.48
C LYS C 155 -33.95 -21.58 13.90
N ASP C 156 -34.41 -21.78 15.15
CA ASP C 156 -34.56 -23.15 15.63
C ASP C 156 -35.78 -23.80 15.01
N HIS C 157 -36.81 -23.01 14.72
CA HIS C 157 -37.97 -23.51 14.01
C HIS C 157 -37.56 -24.13 12.67
N TYR C 158 -36.72 -23.41 11.91
CA TYR C 158 -36.30 -23.93 10.61
C TYR C 158 -35.23 -25.01 10.72
N ARG C 159 -34.35 -24.96 11.73
CA ARG C 159 -33.42 -26.08 11.93
C ARG C 159 -34.15 -27.39 12.19
N ALA C 160 -35.28 -27.33 12.91
CA ALA C 160 -36.09 -28.54 13.11
C ALA C 160 -36.66 -29.09 11.82
N GLU C 161 -36.77 -28.26 10.77
CA GLU C 161 -37.18 -28.68 9.43
C GLU C 161 -36.00 -29.04 8.53
N GLY C 162 -34.78 -29.03 9.05
CA GLY C 162 -33.58 -29.25 8.28
C GLY C 162 -33.20 -28.12 7.35
N LYS C 163 -33.62 -26.89 7.66
CA LYS C 163 -33.35 -25.70 6.85
C LYS C 163 -32.54 -24.67 7.62
N ASN C 164 -31.66 -23.95 6.92
CA ASN C 164 -30.86 -22.87 7.52
C ASN C 164 -31.45 -21.53 7.08
N PHE C 165 -32.20 -20.90 7.98
CA PHE C 165 -32.71 -19.55 7.78
C PHE C 165 -31.56 -18.56 8.00
N LEU C 166 -31.18 -17.81 6.97
CA LEU C 166 -30.04 -16.91 7.06
C LEU C 166 -30.33 -15.77 8.03
N ILE C 167 -29.38 -15.47 8.92
CA ILE C 167 -29.49 -14.28 9.77
C ILE C 167 -28.25 -13.45 9.51
N THR C 168 -28.45 -12.20 9.09
CA THR C 168 -27.35 -11.29 8.85
C THR C 168 -27.65 -9.99 9.58
N MET C 169 -26.66 -9.11 9.71
CA MET C 169 -26.85 -7.86 10.44
C MET C 169 -26.02 -6.79 9.79
N ALA C 170 -26.52 -5.56 9.81
CA ALA C 170 -25.88 -4.43 9.16
C ALA C 170 -25.63 -3.33 10.20
N PRO C 171 -24.82 -3.59 11.23
CA PRO C 171 -24.46 -2.52 12.19
C PRO C 171 -23.66 -1.44 11.52
N GLU C 172 -23.87 -0.20 11.96
CA GLU C 172 -22.92 0.87 11.64
C GLU C 172 -21.61 0.59 12.37
N PHE C 173 -20.46 0.67 11.66
CA PHE C 173 -19.25 0.06 12.21
C PHE C 173 -18.76 0.60 13.56
N PRO C 174 -18.97 1.87 13.95
CA PRO C 174 -18.44 2.34 15.24
C PRO C 174 -19.01 1.59 16.44
N TYR C 175 -20.18 0.96 16.30
CA TYR C 175 -20.92 0.39 17.41
C TYR C 175 -20.51 -1.06 17.69
N LEU C 176 -19.47 -1.54 17.00
CA LEU C 176 -18.94 -2.90 17.10
C LEU C 176 -17.74 -2.99 18.04
N THR C 177 -17.49 -1.96 18.83
CA THR C 177 -16.46 -2.05 19.85
C THR C 177 -16.82 -3.10 20.91
N THR C 178 -15.81 -3.49 21.70
CA THR C 178 -16.00 -4.48 22.76
C THR C 178 -17.14 -4.11 23.71
N GLY C 179 -17.28 -2.82 24.02
CA GLY C 179 -18.34 -2.34 24.89
C GLY C 179 -19.41 -1.59 24.12
N GLY C 180 -19.57 -1.85 22.80
CA GLY C 180 -20.46 -1.06 21.96
C GLY C 180 -21.93 -1.47 22.05
N LYS C 181 -22.82 -0.53 21.67
CA LYS C 181 -24.24 -0.80 21.78
C LYS C 181 -24.70 -1.96 20.89
N TYR C 182 -23.91 -2.36 19.89
CA TYR C 182 -24.35 -3.45 19.02
C TYR C 182 -23.98 -4.83 19.56
N VAL C 183 -23.18 -4.89 20.63
CA VAL C 183 -22.69 -6.18 21.12
C VAL C 183 -23.81 -7.16 21.45
N PRO C 184 -24.91 -6.78 22.12
CA PRO C 184 -25.96 -7.78 22.39
C PRO C 184 -26.49 -8.49 21.14
N TYR C 185 -26.62 -7.79 20.00
CA TYR C 185 -27.08 -8.48 18.81
C TYR C 185 -26.11 -9.59 18.43
N ILE C 186 -24.80 -9.31 18.49
CA ILE C 186 -23.80 -10.30 18.07
C ILE C 186 -23.70 -11.44 19.08
N ASP C 187 -23.56 -11.10 20.36
CA ASP C 187 -23.37 -12.12 21.41
C ASP C 187 -24.57 -13.04 21.51
N ASN C 188 -25.77 -12.47 21.55
CA ASN C 188 -26.97 -13.31 21.69
C ASN C 188 -27.22 -14.16 20.45
N LEU C 189 -26.72 -13.75 19.28
CA LEU C 189 -26.94 -14.57 18.09
C LEU C 189 -25.71 -15.40 17.69
N GLU C 190 -24.71 -15.46 18.57
CA GLU C 190 -23.51 -16.25 18.31
C GLU C 190 -23.91 -17.71 18.06
N GLY C 191 -23.44 -18.29 16.96
CA GLY C 191 -23.85 -19.62 16.54
C GLY C 191 -25.13 -19.64 15.72
N TYR C 192 -25.86 -18.53 15.64
CA TYR C 192 -27.08 -18.41 14.83
C TYR C 192 -26.87 -17.58 13.58
N TYR C 193 -26.08 -16.50 13.65
CA TYR C 193 -25.98 -15.63 12.49
C TYR C 193 -25.00 -16.23 11.48
N ASP C 194 -25.25 -15.96 10.19
CA ASP C 194 -24.45 -16.46 9.09
C ASP C 194 -23.34 -15.51 8.66
N TRP C 195 -23.64 -14.21 8.59
CA TRP C 195 -22.52 -13.26 8.45
C TRP C 195 -23.00 -11.90 8.94
N ILE C 196 -22.05 -11.00 9.22
CA ILE C 196 -22.34 -9.60 9.50
C ILE C 196 -21.83 -8.78 8.32
N ASN C 197 -22.67 -7.86 7.82
CA ASN C 197 -22.25 -6.91 6.79
C ASN C 197 -22.40 -5.49 7.36
N PRO C 198 -21.40 -5.02 8.12
CA PRO C 198 -21.45 -3.69 8.71
C PRO C 198 -21.48 -2.61 7.64
N GLN C 199 -21.99 -1.46 8.05
CA GLN C 199 -21.98 -0.27 7.20
C GLN C 199 -20.69 0.47 7.48
N PHE C 200 -19.79 0.48 6.49
CA PHE C 200 -18.55 1.21 6.68
C PHE C 200 -18.67 2.59 6.01
N TYR C 201 -19.77 3.26 6.33
CA TYR C 201 -20.12 4.51 5.67
C TYR C 201 -21.12 5.25 6.54
N ASN C 202 -21.35 6.51 6.19
CA ASN C 202 -22.24 7.45 6.90
C ASN C 202 -21.76 7.82 8.29
N GLN C 203 -20.51 7.55 8.65
CA GLN C 203 -20.02 7.86 9.97
C GLN C 203 -19.01 9.02 9.97
N GLY C 204 -19.07 9.87 8.96
CA GLY C 204 -18.17 11.01 8.80
C GLY C 204 -16.74 10.79 9.22
N GLY C 205 -16.31 11.52 10.24
CA GLY C 205 -14.96 11.47 10.75
C GLY C 205 -14.67 10.38 11.77
N ASP C 206 -15.61 9.49 12.09
CA ASP C 206 -15.24 8.29 12.84
C ASP C 206 -14.29 7.40 12.04
N GLY C 207 -13.61 6.51 12.74
CA GLY C 207 -12.62 5.68 12.08
C GLY C 207 -11.87 4.84 13.10
N ILE C 208 -10.57 4.64 12.92
CA ILE C 208 -9.80 3.81 13.84
C ILE C 208 -8.40 4.37 13.98
N TRP C 209 -7.91 4.42 15.24
CA TRP C 209 -6.51 4.69 15.55
C TRP C 209 -5.72 3.39 15.52
N VAL C 210 -4.64 3.38 14.77
CA VAL C 210 -3.78 2.20 14.66
C VAL C 210 -2.41 2.61 15.14
N ASP C 211 -2.01 2.07 16.29
CA ASP C 211 -0.72 2.38 16.88
C ASP C 211 0.35 2.07 15.86
N GLY C 212 1.24 3.04 15.65
CA GLY C 212 2.31 2.90 14.69
C GLY C 212 1.95 3.36 13.29
N VAL C 213 0.70 3.70 13.03
CA VAL C 213 0.26 4.14 11.70
C VAL C 213 -0.47 5.48 11.80
N GLY C 214 -1.34 5.63 12.81
CA GLY C 214 -2.05 6.88 13.03
C GLY C 214 -3.58 6.84 12.96
N TRP C 215 -4.22 8.02 12.82
CA TRP C 215 -5.69 8.12 12.79
C TRP C 215 -6.24 7.88 11.39
N ILE C 216 -7.05 6.84 11.22
CA ILE C 216 -7.57 6.50 9.90
C ILE C 216 -9.08 6.72 9.92
N ALA C 217 -9.54 7.82 9.29
CA ALA C 217 -10.94 8.17 9.23
C ALA C 217 -11.67 7.49 8.08
N GLN C 218 -12.93 7.14 8.35
CA GLN C 218 -13.79 6.56 7.32
C GLN C 218 -14.04 7.52 6.16
N ASN C 219 -13.88 8.84 6.34
CA ASN C 219 -14.10 9.75 5.22
C ASN C 219 -12.79 10.24 4.61
N ASN C 220 -11.68 9.58 4.93
CA ASN C 220 -10.37 9.95 4.39
C ASN C 220 -10.10 9.13 3.13
N ASP C 221 -10.30 9.74 1.97
CA ASP C 221 -10.07 9.00 0.73
C ASP C 221 -8.62 8.65 0.50
N ALA C 222 -7.68 9.47 0.98
CA ALA C 222 -6.26 9.18 0.81
C ALA C 222 -5.86 7.88 1.48
N LEU C 223 -6.59 7.47 2.53
CA LEU C 223 -6.23 6.31 3.35
C LEU C 223 -7.29 5.20 3.25
N LYS C 224 -8.03 5.14 2.13
CA LYS C 224 -9.13 4.17 2.05
C LYS C 224 -8.64 2.73 2.13
N GLU C 225 -7.50 2.40 1.48
CA GLU C 225 -7.03 1.02 1.61
C GLU C 225 -6.72 0.67 3.06
N GLU C 226 -6.04 1.59 3.76
CA GLU C 226 -5.68 1.36 5.15
C GLU C 226 -6.91 1.27 6.05
N PHE C 227 -7.92 2.08 5.75
CA PHE C 227 -9.16 1.99 6.51
C PHE C 227 -9.80 0.61 6.35
N ILE C 228 -10.02 0.18 5.10
CA ILE C 228 -10.64 -1.13 4.87
C ILE C 228 -9.81 -2.23 5.52
N TYR C 229 -8.48 -2.20 5.34
CA TYR C 229 -7.65 -3.24 5.94
C TYR C 229 -7.72 -3.23 7.47
N TYR C 230 -7.47 -2.09 8.12
CA TYR C 230 -7.33 -2.12 9.57
C TYR C 230 -8.67 -2.29 10.27
N ILE C 231 -9.75 -1.66 9.78
CA ILE C 231 -11.02 -1.90 10.45
C ILE C 231 -11.39 -3.38 10.30
N SER C 232 -11.10 -3.98 9.14
CA SER C 232 -11.42 -5.40 8.98
C SER C 232 -10.51 -6.28 9.83
N ASP C 233 -9.21 -6.00 9.82
CA ASP C 233 -8.27 -6.80 10.61
C ASP C 233 -8.66 -6.76 12.08
N SER C 234 -9.10 -5.59 12.56
CA SER C 234 -9.44 -5.49 13.97
C SER C 234 -10.70 -6.32 14.30
N LEU C 235 -11.71 -6.25 13.44
CA LEU C 235 -12.92 -7.03 13.64
C LEU C 235 -12.64 -8.53 13.58
N ILE C 236 -11.87 -8.98 12.58
CA ILE C 236 -11.73 -10.42 12.43
C ILE C 236 -10.74 -11.01 13.43
N ASN C 237 -10.01 -10.19 14.16
CA ASN C 237 -9.21 -10.70 15.26
C ASN C 237 -9.69 -10.25 16.62
N GLY C 238 -10.79 -9.51 16.70
CA GLY C 238 -11.19 -8.90 17.97
C GLY C 238 -10.10 -8.05 18.64
N THR C 239 -9.39 -7.27 17.85
CA THR C 239 -8.31 -6.43 18.39
C THR C 239 -8.66 -4.94 18.24
N ARG C 240 -7.77 -4.09 18.81
CA ARG C 240 -7.90 -2.63 18.75
C ARG C 240 -9.25 -2.17 19.32
N GLY C 241 -9.77 -2.93 20.26
CA GLY C 241 -11.00 -2.55 20.92
C GLY C 241 -12.28 -3.01 20.25
N PHE C 242 -12.20 -3.86 19.22
CA PHE C 242 -13.38 -4.29 18.49
C PHE C 242 -13.80 -5.72 18.84
N HIS C 243 -15.12 -5.95 18.85
CA HIS C 243 -15.68 -7.28 18.98
C HIS C 243 -15.29 -8.17 17.81
N LYS C 244 -14.89 -9.40 18.08
CA LYS C 244 -14.53 -10.31 16.99
C LYS C 244 -15.74 -10.71 16.14
N ILE C 245 -15.54 -10.68 14.83
CA ILE C 245 -16.43 -11.30 13.86
C ILE C 245 -15.52 -12.18 13.01
N PRO C 246 -15.69 -13.50 12.97
CA PRO C 246 -14.79 -14.33 12.12
C PRO C 246 -14.76 -13.86 10.67
N HIS C 247 -13.59 -14.02 10.02
CA HIS C 247 -13.41 -13.43 8.70
C HIS C 247 -14.37 -14.01 7.64
N ASP C 248 -14.67 -15.32 7.72
N ASP C 248 -14.66 -15.31 7.69
CA ASP C 248 -15.63 -15.96 6.82
CA ASP C 248 -15.63 -15.83 6.71
C ASP C 248 -17.07 -15.53 7.10
C ASP C 248 -17.07 -15.44 7.04
N LYS C 249 -17.30 -14.79 8.19
CA LYS C 249 -18.59 -14.23 8.53
C LYS C 249 -18.61 -12.70 8.49
N LEU C 250 -17.67 -12.09 7.77
CA LEU C 250 -17.61 -10.63 7.68
C LEU C 250 -17.70 -10.24 6.21
N VAL C 251 -18.66 -9.39 5.89
CA VAL C 251 -18.92 -8.89 4.54
C VAL C 251 -18.81 -7.37 4.61
N PHE C 252 -18.04 -6.75 3.70
CA PHE C 252 -17.68 -5.33 3.84
C PHE C 252 -18.73 -4.45 3.15
N GLY C 253 -19.50 -3.69 3.93
CA GLY C 253 -20.58 -2.87 3.36
C GLY C 253 -20.14 -1.46 2.99
N ILE C 254 -20.40 -1.08 1.74
CA ILE C 254 -20.02 0.25 1.25
C ILE C 254 -21.11 0.82 0.35
N PRO C 255 -21.10 2.14 0.13
CA PRO C 255 -22.18 2.75 -0.66
C PRO C 255 -21.95 2.51 -2.15
N SER C 256 -23.06 2.41 -2.91
CA SER C 256 -22.91 2.18 -4.33
C SER C 256 -22.49 3.44 -5.09
N SER C 257 -22.67 4.64 -4.51
CA SER C 257 -22.26 5.90 -5.15
C SER C 257 -22.33 7.00 -4.08
N ILE C 258 -21.91 8.21 -4.44
CA ILE C 258 -22.03 9.32 -3.49
C ILE C 258 -23.48 9.74 -3.28
N ASP C 259 -24.42 9.27 -4.13
CA ASP C 259 -25.84 9.49 -3.84
C ASP C 259 -26.39 8.55 -2.76
N ALA C 260 -25.80 7.37 -2.62
CA ALA C 260 -26.36 6.36 -1.73
C ALA C 260 -26.03 6.61 -0.26
N ALA C 261 -24.95 7.34 0.03
CA ALA C 261 -24.56 7.61 1.42
C ALA C 261 -23.87 8.97 1.49
N ALA C 262 -23.92 9.62 2.66
CA ALA C 262 -23.27 10.93 2.78
C ALA C 262 -21.75 10.82 2.64
N THR C 263 -21.15 9.81 3.26
CA THR C 263 -19.70 9.60 3.22
C THR C 263 -19.46 8.12 3.14
N GLY C 264 -18.25 7.74 2.76
CA GLY C 264 -17.86 6.35 2.79
C GLY C 264 -17.72 5.72 1.42
N PHE C 265 -18.18 6.41 0.36
CA PHE C 265 -18.01 5.85 -0.99
C PHE C 265 -16.53 5.58 -1.28
N VAL C 266 -16.26 4.45 -1.94
CA VAL C 266 -14.89 4.04 -2.26
C VAL C 266 -14.58 4.61 -3.64
N GLN C 267 -13.76 5.66 -3.68
N GLN C 267 -13.76 5.67 -3.67
CA GLN C 267 -13.49 6.33 -4.95
CA GLN C 267 -13.48 6.33 -4.95
C GLN C 267 -12.76 5.41 -5.92
C GLN C 267 -12.78 5.40 -5.91
N ASP C 268 -11.78 4.67 -5.43
CA ASP C 268 -10.99 3.78 -6.26
C ASP C 268 -11.15 2.34 -5.79
N PRO C 269 -11.92 1.53 -6.52
CA PRO C 269 -12.14 0.14 -6.11
C PRO C 269 -10.85 -0.62 -5.87
N GLN C 270 -9.77 -0.21 -6.53
CA GLN C 270 -8.49 -0.86 -6.28
C GLN C 270 -8.09 -0.81 -4.80
N ASP C 271 -8.51 0.23 -4.07
CA ASP C 271 -8.16 0.27 -2.64
C ASP C 271 -8.82 -0.89 -1.89
N LEU C 272 -10.03 -1.24 -2.29
CA LEU C 272 -10.67 -2.38 -1.64
C LEU C 272 -10.06 -3.71 -2.11
N TYR C 273 -9.86 -3.87 -3.42
CA TYR C 273 -9.18 -5.06 -3.89
C TYR C 273 -7.86 -5.29 -3.14
N ASP C 274 -7.08 -4.22 -2.96
CA ASP C 274 -5.77 -4.36 -2.32
C ASP C 274 -5.92 -4.67 -0.84
N ALA C 275 -6.86 -4.00 -0.15
CA ALA C 275 -7.07 -4.37 1.26
C ALA C 275 -7.51 -5.82 1.41
N PHE C 276 -8.44 -6.27 0.54
CA PHE C 276 -8.91 -7.66 0.54
C PHE C 276 -7.74 -8.61 0.28
N GLU C 277 -6.84 -8.21 -0.61
CA GLU C 277 -5.67 -9.04 -0.90
C GLU C 277 -4.79 -9.19 0.33
N THR C 278 -4.52 -8.09 1.04
CA THR C 278 -3.73 -8.19 2.28
C THR C 278 -4.40 -9.12 3.29
N LEU C 279 -5.72 -9.00 3.45
CA LEU C 279 -6.44 -9.90 4.35
C LEU C 279 -6.30 -11.36 3.87
N THR C 280 -6.43 -11.59 2.57
CA THR C 280 -6.29 -12.95 2.05
C THR C 280 -4.86 -13.47 2.28
N THR C 281 -3.87 -12.59 2.14
CA THR C 281 -2.48 -13.05 2.27
C THR C 281 -2.17 -13.47 3.70
N GLN C 282 -2.82 -12.85 4.69
CA GLN C 282 -2.62 -13.29 6.07
C GLN C 282 -3.60 -14.40 6.49
N GLY C 283 -4.25 -15.03 5.52
CA GLY C 283 -5.10 -16.18 5.79
C GLY C 283 -6.46 -15.83 6.35
N GLN C 284 -6.94 -14.61 6.13
CA GLN C 284 -8.24 -14.24 6.71
C GLN C 284 -9.09 -13.54 5.67
N PRO C 285 -9.33 -14.16 4.50
CA PRO C 285 -10.14 -13.50 3.47
C PRO C 285 -11.57 -13.23 3.97
N LEU C 286 -12.07 -12.05 3.65
CA LEU C 286 -13.44 -11.69 3.94
C LEU C 286 -14.42 -12.43 3.01
N ARG C 287 -15.67 -12.45 3.41
CA ARG C 287 -16.68 -13.26 2.73
C ARG C 287 -17.25 -12.55 1.53
N GLY C 288 -17.08 -11.22 1.45
CA GLY C 288 -17.55 -10.50 0.26
C GLY C 288 -17.85 -9.03 0.56
N VAL C 289 -18.77 -8.49 -0.23
CA VAL C 289 -19.04 -7.05 -0.21
C VAL C 289 -20.55 -6.86 -0.09
N MET C 290 -20.96 -5.80 0.60
CA MET C 290 -22.37 -5.43 0.64
C MET C 290 -22.51 -3.98 0.16
N THR C 291 -23.67 -3.65 -0.40
CA THR C 291 -23.87 -2.25 -0.75
C THR C 291 -25.29 -1.78 -0.52
N TRP C 292 -25.39 -0.53 -0.04
CA TRP C 292 -26.60 0.28 -0.20
C TRP C 292 -26.34 1.11 -1.46
N SER C 293 -27.03 0.83 -2.59
CA SER C 293 -28.02 -0.22 -2.75
C SER C 293 -28.19 -0.59 -4.22
N ILE C 294 -28.94 -1.66 -4.48
CA ILE C 294 -29.21 -2.05 -5.85
C ILE C 294 -29.92 -0.91 -6.60
N ASN C 295 -30.99 -0.39 -6.00
CA ASN C 295 -31.76 0.70 -6.63
C ASN C 295 -30.91 1.94 -6.89
N TRP C 296 -29.98 2.27 -6.00
CA TRP C 296 -29.02 3.34 -6.31
C TRP C 296 -28.10 2.96 -7.45
N ASP C 297 -27.60 1.73 -7.46
CA ASP C 297 -26.78 1.28 -8.57
C ASP C 297 -27.56 1.34 -9.89
N MET C 298 -28.88 1.26 -9.82
CA MET C 298 -29.75 1.32 -11.00
C MET C 298 -30.42 2.68 -11.16
N GLY C 299 -29.93 3.69 -10.44
CA GLY C 299 -30.55 4.99 -10.36
C GLY C 299 -29.86 6.02 -11.23
N THR C 300 -30.11 7.30 -10.92
CA THR C 300 -29.58 8.43 -11.69
C THR C 300 -28.97 9.46 -10.75
N ASN C 301 -28.00 10.21 -11.27
CA ASN C 301 -27.44 11.29 -10.45
C ASN C 301 -28.27 12.54 -10.69
N LYS C 302 -27.88 13.66 -10.06
CA LYS C 302 -28.74 14.84 -10.15
C LYS C 302 -28.86 15.37 -11.58
N ASN C 303 -27.83 15.18 -12.40
CA ASN C 303 -27.86 15.60 -13.80
C ASN C 303 -28.64 14.63 -14.70
N GLY C 304 -29.27 13.61 -14.14
CA GLY C 304 -30.05 12.67 -14.92
C GLY C 304 -29.25 11.58 -15.60
N GLN C 305 -27.94 11.47 -15.33
CA GLN C 305 -27.10 10.39 -15.84
C GLN C 305 -27.28 9.12 -15.02
N GLN C 306 -27.43 7.99 -15.70
CA GLN C 306 -27.67 6.71 -15.05
C GLN C 306 -26.39 6.15 -14.43
N TYR C 307 -26.47 5.70 -13.18
CA TYR C 307 -25.33 5.04 -12.58
C TYR C 307 -24.96 3.76 -13.33
N ASN C 308 -25.94 3.15 -14.01
CA ASN C 308 -25.69 2.05 -14.96
C ASN C 308 -24.95 0.87 -14.33
N GLU C 309 -25.28 0.54 -13.07
CA GLU C 309 -24.77 -0.69 -12.46
C GLU C 309 -23.26 -0.70 -12.38
N GLN C 310 -22.64 0.48 -12.26
CA GLN C 310 -21.18 0.52 -12.15
C GLN C 310 -20.67 -0.19 -10.89
N PHE C 311 -21.44 -0.19 -9.82
CA PHE C 311 -20.93 -0.81 -8.60
C PHE C 311 -20.87 -2.33 -8.76
N ILE C 312 -21.94 -2.94 -9.27
CA ILE C 312 -21.88 -4.39 -9.41
C ILE C 312 -20.87 -4.78 -10.50
N LYS C 313 -20.68 -3.93 -11.50
CA LYS C 313 -19.60 -4.18 -12.44
C LYS C 313 -18.25 -4.17 -11.74
N ASP C 314 -18.06 -3.25 -10.79
CA ASP C 314 -16.77 -3.12 -10.10
C ASP C 314 -16.50 -4.27 -9.14
N TYR C 315 -17.52 -4.77 -8.45
CA TYR C 315 -17.28 -5.68 -7.34
C TYR C 315 -17.81 -7.08 -7.54
N GLY C 316 -18.82 -7.29 -8.40
CA GLY C 316 -19.37 -8.61 -8.64
C GLY C 316 -18.34 -9.59 -9.19
N PRO C 317 -17.68 -9.22 -10.29
CA PRO C 317 -16.68 -10.16 -10.83
C PRO C 317 -15.51 -10.35 -9.88
N PHE C 318 -15.13 -9.29 -9.18
CA PHE C 318 -14.09 -9.39 -8.17
C PHE C 318 -14.44 -10.45 -7.12
N VAL C 319 -15.65 -10.42 -6.56
CA VAL C 319 -16.06 -11.39 -5.52
C VAL C 319 -16.29 -12.79 -6.13
N HIS C 320 -16.99 -12.87 -7.24
CA HIS C 320 -17.48 -14.16 -7.73
C HIS C 320 -16.45 -14.90 -8.56
N GLY C 321 -15.60 -14.18 -9.28
CA GLY C 321 -14.72 -14.86 -10.28
C GLY C 321 -15.53 -15.60 -11.36
N GLN C 322 -14.81 -16.41 -12.14
CA GLN C 322 -15.42 -17.23 -13.20
C GLN C 322 -15.23 -18.70 -12.89
N VAL C 323 -16.25 -19.48 -13.20
CA VAL C 323 -16.16 -20.94 -13.11
C VAL C 323 -15.07 -21.45 -14.05
N THR C 324 -14.25 -22.39 -13.55
CA THR C 324 -13.27 -23.06 -14.41
C THR C 324 -13.95 -24.27 -15.05
N PRO C 325 -14.25 -24.23 -16.35
CA PRO C 325 -15.14 -25.25 -16.93
C PRO C 325 -14.38 -26.51 -17.28
N PRO C 326 -15.05 -27.67 -17.28
CA PRO C 326 -14.45 -28.88 -17.87
C PRO C 326 -14.03 -28.61 -19.31
N PRO C 327 -12.77 -28.96 -19.68
CA PRO C 327 -12.22 -28.67 -21.00
C PRO C 327 -13.04 -29.25 -22.16
N PRO D 5 38.21 49.09 1.02
CA PRO D 5 36.83 49.55 1.14
C PRO D 5 35.81 48.38 1.10
N MET D 6 35.74 47.59 2.18
CA MET D 6 35.04 46.31 2.14
C MET D 6 33.56 46.50 2.45
N THR D 7 32.72 45.99 1.55
CA THR D 7 31.29 46.19 1.60
C THR D 7 30.64 45.00 2.30
N ASN D 8 29.76 45.29 3.25
CA ASN D 8 29.07 44.29 4.05
C ASN D 8 27.57 44.52 3.87
N PRO D 9 26.76 43.46 3.93
CA PRO D 9 25.30 43.63 3.90
C PRO D 9 24.74 44.11 5.24
N ASP D 10 23.66 44.90 5.16
CA ASP D 10 22.97 45.45 6.34
C ASP D 10 22.01 44.44 6.96
N SER D 11 21.29 43.66 6.14
CA SER D 11 20.35 42.68 6.71
C SER D 11 20.27 41.42 5.85
N GLY D 12 19.10 41.13 5.25
CA GLY D 12 18.92 39.85 4.57
C GLY D 12 19.85 39.71 3.37
N VAL D 13 20.19 38.46 3.01
CA VAL D 13 21.06 38.27 1.85
C VAL D 13 20.42 37.30 0.87
N VAL D 14 20.65 37.54 -0.42
CA VAL D 14 20.50 36.49 -1.42
C VAL D 14 21.88 36.30 -2.05
N VAL D 15 22.50 35.16 -1.76
CA VAL D 15 23.84 34.83 -2.27
C VAL D 15 23.72 34.10 -3.59
N GLY D 16 24.45 34.54 -4.58
CA GLY D 16 24.49 33.86 -5.87
C GLY D 16 25.93 33.68 -6.31
N TYR D 17 26.20 32.51 -6.89
CA TYR D 17 27.54 32.25 -7.43
C TYR D 17 27.59 32.67 -8.89
N TRP D 18 28.76 33.15 -9.30
CA TRP D 18 29.04 33.68 -10.63
C TRP D 18 30.15 32.86 -11.29
N HIS D 19 29.86 32.26 -12.44
CA HIS D 19 30.80 31.35 -13.11
C HIS D 19 31.95 32.13 -13.74
N ASN D 20 33.19 31.79 -13.38
CA ASN D 20 34.34 32.21 -14.19
C ASN D 20 34.57 31.29 -15.41
N TRP D 21 33.52 30.91 -16.13
CA TRP D 21 33.61 30.12 -17.36
C TRP D 21 32.32 30.32 -18.15
N CYS D 22 32.33 29.89 -19.42
CA CYS D 22 31.23 30.08 -20.36
C CYS D 22 30.60 28.76 -20.75
N ASP D 23 29.29 28.79 -20.97
CA ASP D 23 28.50 27.72 -21.54
C ASP D 23 28.70 26.37 -20.84
N GLY D 24 28.41 26.35 -19.53
CA GLY D 24 28.47 25.09 -18.80
C GLY D 24 27.24 24.24 -19.08
N GLY D 25 27.46 22.92 -19.13
CA GLY D 25 26.36 22.00 -19.32
C GLY D 25 25.61 21.68 -18.03
N GLY D 26 24.29 21.55 -18.14
CA GLY D 26 23.46 21.32 -16.98
C GLY D 26 23.20 19.85 -16.67
N TYR D 27 22.71 19.60 -15.45
CA TYR D 27 22.35 18.23 -15.10
C TYR D 27 21.23 17.69 -15.96
N GLN D 28 20.49 18.57 -16.65
CA GLN D 28 19.39 18.12 -17.51
C GLN D 28 19.56 18.65 -18.92
N GLY D 29 20.81 18.85 -19.35
CA GLY D 29 21.12 19.23 -20.72
C GLY D 29 21.04 20.72 -21.03
N GLY D 30 20.84 21.56 -20.03
CA GLY D 30 20.77 22.99 -20.26
C GLY D 30 22.14 23.60 -20.48
N ASN D 31 22.16 24.92 -20.55
CA ASN D 31 23.36 25.70 -20.80
C ASN D 31 23.35 26.92 -19.92
N ALA D 32 24.49 27.16 -19.27
CA ALA D 32 24.67 28.33 -18.44
C ALA D 32 25.68 29.25 -19.13
N PRO D 33 25.29 30.41 -19.62
CA PRO D 33 26.26 31.33 -20.23
C PRO D 33 27.13 32.01 -19.17
N CYS D 34 28.30 32.48 -19.61
CA CYS D 34 29.01 33.49 -18.85
C CYS D 34 28.37 34.87 -19.09
N VAL D 35 28.34 35.68 -18.03
CA VAL D 35 27.75 37.01 -18.04
C VAL D 35 28.70 37.96 -17.31
N THR D 36 28.53 39.24 -17.54
CA THR D 36 29.33 40.19 -16.80
C THR D 36 28.75 40.39 -15.41
N LEU D 37 29.55 41.01 -14.55
CA LEU D 37 29.05 41.32 -13.21
C LEU D 37 27.94 42.37 -13.26
N ASP D 38 28.08 43.36 -14.17
N ASP D 38 28.06 43.38 -14.14
CA ASP D 38 27.05 44.38 -14.30
CA ASP D 38 26.96 44.35 -14.10
C ASP D 38 25.71 43.79 -14.70
C ASP D 38 25.70 43.85 -14.79
N GLU D 39 25.71 42.66 -15.41
CA GLU D 39 24.45 42.05 -15.85
C GLU D 39 23.71 41.28 -14.76
N VAL D 40 24.34 41.03 -13.61
CA VAL D 40 23.69 40.29 -12.52
C VAL D 40 22.58 41.12 -11.89
N ASN D 41 21.43 40.48 -11.66
CA ASN D 41 20.32 41.17 -11.01
C ASN D 41 20.75 41.74 -9.66
N PRO D 42 20.47 43.01 -9.37
CA PRO D 42 20.94 43.59 -8.10
C PRO D 42 20.31 42.96 -6.86
N MET D 43 19.26 42.16 -7.00
CA MET D 43 18.75 41.50 -5.79
C MET D 43 19.65 40.38 -5.34
N TYR D 44 20.57 39.93 -6.19
CA TYR D 44 21.72 39.16 -5.70
C TYR D 44 22.66 40.16 -5.01
N ASN D 45 22.51 40.36 -3.71
CA ASN D 45 23.36 41.35 -3.07
C ASN D 45 24.69 40.78 -2.59
N ILE D 46 24.88 39.47 -2.64
CA ILE D 46 26.18 38.84 -2.44
C ILE D 46 26.47 38.02 -3.69
N VAL D 47 27.57 38.32 -4.38
CA VAL D 47 27.95 37.63 -5.60
C VAL D 47 29.27 36.91 -5.36
N ASN D 48 29.27 35.58 -5.50
CA ASN D 48 30.46 34.77 -5.23
C ASN D 48 31.10 34.34 -6.55
N VAL D 49 32.21 35.00 -6.88
CA VAL D 49 33.04 34.67 -8.03
C VAL D 49 33.69 33.29 -7.85
N SER D 50 33.43 32.38 -8.79
CA SER D 50 33.81 30.96 -8.70
C SER D 50 34.73 30.58 -9.86
N PHE D 51 35.98 30.12 -9.59
CA PHE D 51 36.49 29.72 -8.28
C PHE D 51 37.95 30.09 -8.12
N MET D 52 38.36 30.31 -6.87
CA MET D 52 39.78 30.32 -6.55
C MET D 52 40.21 28.86 -6.49
N LYS D 53 41.33 28.53 -7.12
CA LYS D 53 41.70 27.13 -7.30
C LYS D 53 43.18 27.08 -7.65
N VAL D 54 43.71 25.87 -7.74
CA VAL D 54 45.03 25.65 -8.30
C VAL D 54 44.80 25.36 -9.78
N TYR D 55 45.23 26.27 -10.67
CA TYR D 55 45.08 26.05 -12.09
C TYR D 55 46.05 25.01 -12.62
N ASP D 56 47.24 24.95 -12.05
CA ASP D 56 48.31 24.14 -12.60
C ASP D 56 49.17 23.69 -11.42
N VAL D 57 49.11 22.40 -11.08
CA VAL D 57 49.80 21.92 -9.91
C VAL D 57 51.30 22.17 -9.97
N ALA D 58 51.85 22.38 -11.17
CA ALA D 58 53.24 22.82 -11.32
C ALA D 58 53.50 24.17 -10.67
N ASP D 59 52.45 24.96 -10.43
CA ASP D 59 52.63 26.25 -9.79
C ASP D 59 52.51 26.21 -8.28
N GLY D 60 52.48 25.01 -7.70
CA GLY D 60 52.44 24.85 -6.25
C GLY D 60 51.03 24.78 -5.72
N ARG D 61 50.96 24.58 -4.40
CA ARG D 61 49.70 24.26 -3.74
C ARG D 61 48.81 25.46 -3.42
N ILE D 62 49.30 26.69 -3.53
CA ILE D 62 48.55 27.85 -3.06
C ILE D 62 47.50 28.22 -4.10
N PRO D 63 46.21 28.16 -3.78
CA PRO D 63 45.17 28.57 -4.74
C PRO D 63 45.30 30.03 -5.15
N THR D 64 44.81 30.32 -6.35
CA THR D 64 44.78 31.71 -6.80
C THR D 64 43.54 31.90 -7.68
N PHE D 65 43.46 33.06 -8.32
CA PHE D 65 42.32 33.38 -9.17
C PHE D 65 42.83 34.02 -10.45
N LYS D 66 42.43 33.47 -11.60
CA LYS D 66 42.70 34.11 -12.89
C LYS D 66 41.40 34.25 -13.66
N LEU D 67 41.08 35.47 -14.06
CA LEU D 67 39.85 35.72 -14.81
C LEU D 67 39.92 34.99 -16.16
N ASP D 68 38.90 34.18 -16.44
CA ASP D 68 38.88 33.42 -17.70
C ASP D 68 38.72 34.39 -18.85
N PRO D 69 39.67 34.49 -19.78
CA PRO D 69 39.55 35.54 -20.81
C PRO D 69 38.35 35.33 -21.74
N THR D 70 37.87 34.08 -21.91
CA THR D 70 36.70 33.83 -22.75
C THR D 70 35.48 34.61 -22.28
N ILE D 71 35.47 35.08 -21.03
CA ILE D 71 34.31 35.85 -20.57
C ILE D 71 34.20 37.17 -21.29
N GLY D 72 35.32 37.69 -21.79
CA GLY D 72 35.32 38.99 -22.45
C GLY D 72 35.37 40.17 -21.52
N LEU D 73 35.77 39.96 -20.28
CA LEU D 73 36.01 41.04 -19.33
C LEU D 73 37.51 41.24 -19.23
N SER D 74 37.95 42.48 -19.41
CA SER D 74 39.33 42.76 -19.11
C SER D 74 39.51 42.86 -17.59
N GLU D 75 40.77 42.80 -17.14
CA GLU D 75 41.05 43.01 -15.72
C GLU D 75 40.40 44.28 -15.25
N GLU D 76 40.57 45.36 -16.03
CA GLU D 76 40.04 46.66 -15.64
C GLU D 76 38.51 46.67 -15.64
N GLN D 77 37.88 46.01 -16.63
CA GLN D 77 36.42 45.92 -16.63
C GLN D 77 35.93 45.20 -15.37
N PHE D 78 36.49 44.03 -15.10
CA PHE D 78 36.15 43.24 -13.91
C PHE D 78 36.32 44.08 -12.63
N ILE D 79 37.48 44.72 -12.47
CA ILE D 79 37.73 45.53 -11.28
C ILE D 79 36.70 46.66 -11.16
N ASP D 80 36.42 47.33 -12.28
CA ASP D 80 35.44 48.43 -12.23
C ASP D 80 34.06 47.93 -11.89
N GLN D 81 33.70 46.72 -12.35
CA GLN D 81 32.35 46.24 -12.09
C GLN D 81 32.19 45.75 -10.67
N ILE D 82 33.25 45.20 -10.06
CA ILE D 82 33.22 45.01 -8.61
C ILE D 82 33.01 46.34 -7.90
N SER D 83 33.77 47.36 -8.30
CA SER D 83 33.64 48.65 -7.61
C SER D 83 32.20 49.19 -7.72
N GLU D 84 31.56 48.98 -8.87
CA GLU D 84 30.19 49.43 -9.03
C GLU D 84 29.22 48.61 -8.18
N LEU D 85 29.41 47.28 -8.11
CA LEU D 85 28.61 46.50 -7.18
C LEU D 85 28.75 47.06 -5.77
N ASN D 86 29.99 47.40 -5.36
CA ASN D 86 30.21 47.93 -4.03
C ASN D 86 29.47 49.24 -3.81
N LYS D 87 29.42 50.09 -4.85
CA LYS D 87 28.70 51.38 -4.78
C LYS D 87 27.23 51.16 -4.52
N GLN D 88 26.66 50.11 -5.08
CA GLN D 88 25.29 49.73 -4.84
C GLN D 88 25.08 49.08 -3.47
N GLY D 89 26.12 48.97 -2.65
CA GLY D 89 26.04 48.26 -1.37
C GLY D 89 26.12 46.75 -1.46
N ARG D 90 26.51 46.19 -2.60
CA ARG D 90 26.57 44.74 -2.77
C ARG D 90 27.99 44.25 -2.54
N SER D 91 28.13 43.00 -2.14
CA SER D 91 29.44 42.42 -1.84
C SER D 91 29.81 41.41 -2.91
N VAL D 92 31.10 41.31 -3.20
CA VAL D 92 31.62 40.35 -4.17
C VAL D 92 32.64 39.53 -3.42
N LEU D 93 32.36 38.25 -3.21
CA LEU D 93 33.27 37.34 -2.53
C LEU D 93 34.04 36.54 -3.57
N LEU D 94 35.21 36.03 -3.16
CA LEU D 94 35.91 35.02 -3.94
C LEU D 94 35.54 33.65 -3.37
N ALA D 95 35.03 32.75 -4.21
CA ALA D 95 34.65 31.40 -3.76
C ALA D 95 35.84 30.46 -3.98
N LEU D 96 36.30 29.84 -2.91
CA LEU D 96 37.38 28.86 -2.95
C LEU D 96 36.83 27.46 -3.21
N GLY D 97 37.40 26.77 -4.19
CA GLY D 97 37.07 25.37 -4.38
C GLY D 97 36.50 25.03 -5.75
N GLY D 98 35.37 24.33 -5.75
CA GLY D 98 34.78 23.83 -6.98
C GLY D 98 35.36 22.49 -7.40
N ALA D 99 34.80 21.97 -8.50
CA ALA D 99 35.25 20.71 -9.06
C ALA D 99 36.67 20.84 -9.58
N ASP D 100 37.45 19.78 -9.41
N ASP D 100 37.46 19.78 -9.45
CA ASP D 100 38.79 19.67 -9.98
CA ASP D 100 38.80 19.72 -10.06
C ASP D 100 39.66 20.89 -9.62
C ASP D 100 39.66 20.91 -9.63
N ALA D 101 39.55 21.33 -8.37
CA ALA D 101 40.24 22.54 -7.91
C ALA D 101 41.67 22.29 -7.48
N HIS D 102 42.01 21.04 -7.16
CA HIS D 102 43.35 20.68 -6.68
C HIS D 102 43.73 21.46 -5.43
N VAL D 103 42.74 21.74 -4.56
CA VAL D 103 43.01 22.40 -3.29
C VAL D 103 43.38 21.28 -2.32
N GLU D 104 44.67 21.17 -2.01
CA GLU D 104 45.18 20.13 -1.14
C GLU D 104 46.30 20.75 -0.28
N LEU D 105 45.91 21.71 0.55
CA LEU D 105 46.84 22.53 1.30
C LEU D 105 47.43 21.74 2.47
N GLU D 106 48.70 21.99 2.75
CA GLU D 106 49.47 21.23 3.73
C GLU D 106 49.92 22.14 4.88
N THR D 107 49.92 21.57 6.08
CA THR D 107 50.37 22.27 7.28
C THR D 107 51.65 23.07 7.02
N GLY D 108 51.59 24.38 7.27
CA GLY D 108 52.68 25.27 6.91
C GLY D 108 52.34 26.21 5.76
N ASP D 109 51.40 25.84 4.90
CA ASP D 109 51.00 26.71 3.80
C ASP D 109 50.14 27.90 4.24
N GLU D 110 49.69 27.94 5.50
CA GLU D 110 48.66 28.92 5.86
C GLU D 110 49.14 30.37 5.68
N ARG D 111 50.41 30.67 5.96
CA ARG D 111 50.87 32.05 5.83
C ARG D 111 50.85 32.49 4.36
N ALA D 112 51.43 31.69 3.48
CA ALA D 112 51.43 32.06 2.06
C ALA D 112 50.01 32.07 1.48
N PHE D 113 49.15 31.13 1.90
CA PHE D 113 47.75 31.18 1.45
C PHE D 113 47.10 32.49 1.87
N ALA D 114 47.22 32.84 3.14
CA ALA D 114 46.70 34.14 3.60
C ALA D 114 47.30 35.30 2.82
N ASP D 115 48.59 35.26 2.50
CA ASP D 115 49.19 36.33 1.73
C ASP D 115 48.52 36.46 0.37
N GLU D 116 48.21 35.32 -0.27
CA GLU D 116 47.63 35.36 -1.61
C GLU D 116 46.17 35.83 -1.58
N ILE D 117 45.43 35.48 -0.52
CA ILE D 117 44.07 35.99 -0.37
C ILE D 117 44.09 37.50 -0.25
N ILE D 118 44.95 38.01 0.64
CA ILE D 118 45.14 39.45 0.80
C ILE D 118 45.54 40.09 -0.53
N ARG D 119 46.47 39.45 -1.24
CA ARG D 119 46.91 40.04 -2.50
C ARG D 119 45.77 40.17 -3.50
N LEU D 120 44.96 39.10 -3.64
CA LEU D 120 43.87 39.17 -4.60
C LEU D 120 42.81 40.17 -4.14
N THR D 121 42.58 40.24 -2.82
CA THR D 121 41.61 41.16 -2.28
C THR D 121 41.99 42.61 -2.56
N GLU D 122 43.28 42.94 -2.37
CA GLU D 122 43.76 44.30 -2.69
C GLU D 122 43.68 44.58 -4.19
N ARG D 123 43.99 43.60 -5.03
CA ARG D 123 44.01 43.84 -6.48
C ARG D 123 42.59 43.98 -7.02
N TYR D 124 41.66 43.10 -6.62
CA TYR D 124 40.33 43.10 -7.24
C TYR D 124 39.26 43.78 -6.41
N GLY D 125 39.47 44.01 -5.12
CA GLY D 125 38.46 44.63 -4.31
C GLY D 125 37.45 43.66 -3.74
N PHE D 126 37.76 42.36 -3.65
CA PHE D 126 36.85 41.40 -3.05
C PHE D 126 36.52 41.77 -1.61
N ASP D 127 35.31 41.41 -1.17
CA ASP D 127 34.82 41.75 0.17
C ASP D 127 34.97 40.59 1.15
N GLY D 128 35.50 39.47 0.69
CA GLY D 128 35.62 38.30 1.54
C GLY D 128 35.78 37.07 0.70
N LEU D 129 35.58 35.92 1.35
CA LEU D 129 35.86 34.63 0.74
C LEU D 129 34.82 33.63 1.20
N ASP D 130 34.34 32.81 0.28
CA ASP D 130 33.38 31.75 0.59
C ASP D 130 34.09 30.41 0.43
N ILE D 131 34.00 29.53 1.44
CA ILE D 131 34.65 28.22 1.38
C ILE D 131 33.69 27.26 0.67
N ASP D 132 34.05 26.82 -0.53
CA ASP D 132 33.12 26.04 -1.34
C ASP D 132 33.87 24.85 -1.94
N LEU D 133 34.47 24.06 -1.07
CA LEU D 133 35.24 22.89 -1.49
C LEU D 133 34.33 21.81 -2.08
N GLU D 134 34.84 21.08 -3.06
CA GLU D 134 34.16 19.86 -3.53
C GLU D 134 34.20 18.80 -2.43
N GLN D 135 33.24 17.88 -2.47
N GLN D 135 33.25 17.87 -2.48
CA GLN D 135 33.07 16.93 -1.36
CA GLN D 135 33.06 16.95 -1.36
C GLN D 135 34.39 16.27 -1.02
C GLN D 135 34.37 16.22 -1.02
N ALA D 136 35.11 15.78 -2.03
CA ALA D 136 36.34 15.06 -1.78
C ALA D 136 37.44 15.95 -1.21
N ALA D 137 37.33 17.28 -1.37
CA ALA D 137 38.37 18.15 -0.84
C ALA D 137 38.18 18.46 0.64
N VAL D 138 36.98 18.25 1.19
CA VAL D 138 36.70 18.70 2.55
C VAL D 138 37.74 18.12 3.52
N THR D 139 38.15 16.86 3.33
CA THR D 139 39.15 16.26 4.23
C THR D 139 40.52 16.03 3.56
N ALA D 140 40.77 16.62 2.39
CA ALA D 140 42.04 16.37 1.70
C ALA D 140 43.22 17.01 2.43
N ALA D 141 44.36 16.32 2.42
CA ALA D 141 45.61 16.86 2.95
C ALA D 141 45.29 17.48 4.31
N ASN D 142 45.63 18.74 4.56
CA ASN D 142 45.32 19.44 5.81
C ASN D 142 44.39 20.62 5.58
N ASN D 143 43.53 20.52 4.57
CA ASN D 143 42.55 21.57 4.29
C ASN D 143 41.75 21.94 5.55
N GLN D 144 41.39 20.95 6.38
CA GLN D 144 40.51 21.19 7.53
C GLN D 144 41.13 22.15 8.55
N THR D 145 42.45 22.29 8.54
CA THR D 145 43.12 23.19 9.46
C THR D 145 43.82 24.34 8.78
N VAL D 146 44.44 24.11 7.60
CA VAL D 146 45.18 25.17 6.93
C VAL D 146 44.23 26.27 6.43
N ILE D 147 43.10 25.89 5.86
CA ILE D 147 42.19 26.90 5.30
C ILE D 147 41.66 27.79 6.41
N PRO D 148 41.16 27.25 7.55
CA PRO D 148 40.79 28.15 8.65
C PRO D 148 41.95 28.97 9.18
N ASP D 149 43.11 28.34 9.39
CA ASP D 149 44.24 29.13 9.90
C ASP D 149 44.57 30.29 8.98
N ALA D 150 44.55 30.06 7.67
CA ALA D 150 44.88 31.17 6.78
C ALA D 150 43.81 32.23 6.86
N LEU D 151 42.55 31.83 6.95
CA LEU D 151 41.49 32.83 6.96
C LEU D 151 41.50 33.65 8.26
N LYS D 152 41.93 33.07 9.37
CA LYS D 152 42.05 33.88 10.59
C LYS D 152 43.09 34.96 10.40
N LEU D 153 44.23 34.59 9.77
CA LEU D 153 45.23 35.61 9.49
C LEU D 153 44.65 36.71 8.64
N VAL D 154 43.89 36.35 7.60
CA VAL D 154 43.32 37.35 6.71
C VAL D 154 42.31 38.22 7.47
N LYS D 155 41.42 37.58 8.23
CA LYS D 155 40.44 38.32 9.04
C LYS D 155 41.11 39.35 9.95
N ASP D 156 42.10 38.89 10.73
CA ASP D 156 42.77 39.78 11.67
C ASP D 156 43.57 40.84 10.97
N HIS D 157 44.11 40.53 9.79
CA HIS D 157 44.83 41.55 9.03
C HIS D 157 43.89 42.69 8.67
N TYR D 158 42.70 42.38 8.18
CA TYR D 158 41.76 43.46 7.86
C TYR D 158 41.13 44.08 9.10
N ARG D 159 40.93 43.29 10.17
CA ARG D 159 40.43 43.89 11.39
C ARG D 159 41.38 44.99 11.88
N ALA D 160 42.70 44.76 11.83
CA ALA D 160 43.65 45.82 12.15
C ALA D 160 43.49 47.07 11.30
N GLU D 161 42.80 47.00 10.16
CA GLU D 161 42.52 48.17 9.33
C GLU D 161 41.09 48.68 9.47
N GLY D 162 40.38 48.23 10.49
CA GLY D 162 39.01 48.65 10.68
C GLY D 162 38.02 48.03 9.72
N LYS D 163 38.38 46.93 9.06
CA LYS D 163 37.56 46.34 8.00
C LYS D 163 37.13 44.94 8.38
N ASN D 164 35.91 44.57 7.98
CA ASN D 164 35.39 43.22 8.18
C ASN D 164 35.44 42.47 6.84
N PHE D 165 36.41 41.58 6.72
CA PHE D 165 36.55 40.68 5.57
C PHE D 165 35.55 39.55 5.75
N LEU D 166 34.59 39.42 4.83
CA LEU D 166 33.52 38.44 5.04
C LEU D 166 34.06 37.03 4.89
N ILE D 167 33.65 36.13 5.78
CA ILE D 167 33.98 34.71 5.66
C ILE D 167 32.69 33.93 5.69
N THR D 168 32.41 33.23 4.60
CA THR D 168 31.23 32.37 4.50
C THR D 168 31.68 30.98 4.11
N MET D 169 30.79 30.00 4.22
CA MET D 169 31.11 28.62 3.87
C MET D 169 29.89 27.93 3.27
N ALA D 170 30.13 27.02 2.32
CA ALA D 170 29.07 26.26 1.67
C ALA D 170 29.25 24.77 1.87
N PRO D 171 29.13 24.28 3.10
CA PRO D 171 29.22 22.84 3.32
C PRO D 171 28.02 22.12 2.74
N GLU D 172 28.26 20.92 2.24
CA GLU D 172 27.15 20.02 1.94
CA GLU D 172 27.20 19.97 1.95
C GLU D 172 26.48 19.63 3.26
N PHE D 173 25.13 19.72 3.30
CA PHE D 173 24.44 19.70 4.60
C PHE D 173 24.67 18.44 5.45
N PRO D 174 24.83 17.23 4.91
CA PRO D 174 25.01 16.05 5.79
C PRO D 174 26.28 16.08 6.63
N TYR D 175 27.29 16.85 6.25
CA TYR D 175 28.55 16.89 6.96
C TYR D 175 28.56 17.85 8.15
N LEU D 176 27.40 18.48 8.46
CA LEU D 176 27.27 19.38 9.59
C LEU D 176 26.76 18.70 10.85
N THR D 177 26.75 17.37 10.89
CA THR D 177 26.46 16.67 12.13
C THR D 177 27.52 17.00 13.18
N THR D 178 27.17 16.74 14.43
CA THR D 178 28.08 16.98 15.57
C THR D 178 29.44 16.34 15.36
N GLY D 179 29.48 15.14 14.80
CA GLY D 179 30.76 14.49 14.56
C GLY D 179 31.10 14.49 13.08
N GLY D 180 30.58 15.48 12.34
CA GLY D 180 30.70 15.46 10.89
C GLY D 180 32.04 16.01 10.39
N LYS D 181 32.36 15.66 9.16
CA LYS D 181 33.66 16.05 8.62
C LYS D 181 33.80 17.55 8.47
N TYR D 182 32.72 18.30 8.48
CA TYR D 182 32.86 19.75 8.26
C TYR D 182 33.07 20.52 9.57
N VAL D 183 32.89 19.90 10.72
CA VAL D 183 32.97 20.59 12.01
C VAL D 183 34.24 21.42 12.17
N PRO D 184 35.45 20.94 11.82
CA PRO D 184 36.64 21.77 12.06
C PRO D 184 36.59 23.11 11.37
N TYR D 185 35.97 23.21 10.20
CA TYR D 185 35.85 24.52 9.56
C TYR D 185 35.02 25.48 10.43
N ILE D 186 33.91 25.01 10.96
CA ILE D 186 33.04 25.86 11.77
C ILE D 186 33.68 26.17 13.12
N ASP D 187 34.18 25.14 13.81
CA ASP D 187 34.79 25.34 15.13
C ASP D 187 36.01 26.25 15.05
N ASN D 188 36.88 26.00 14.06
CA ASN D 188 38.11 26.73 13.95
C ASN D 188 37.84 28.19 13.60
N LEU D 189 36.70 28.48 12.96
CA LEU D 189 36.41 29.85 12.54
C LEU D 189 35.31 30.48 13.38
N GLU D 190 34.98 29.89 14.53
CA GLU D 190 33.97 30.47 15.39
C GLU D 190 34.39 31.88 15.80
N GLY D 191 33.49 32.86 15.60
CA GLY D 191 33.82 34.25 15.88
C GLY D 191 34.49 34.97 14.72
N TYR D 192 34.82 34.26 13.66
CA TYR D 192 35.37 34.82 12.44
C TYR D 192 34.40 34.79 11.28
N TYR D 193 33.59 33.73 11.18
CA TYR D 193 32.74 33.59 10.01
C TYR D 193 31.51 34.48 10.17
N ASP D 194 31.01 34.97 9.04
CA ASP D 194 29.84 35.86 9.03
C ASP D 194 28.52 35.12 8.80
N TRP D 195 28.50 34.15 7.91
CA TRP D 195 27.35 33.23 7.87
C TRP D 195 27.81 31.96 7.16
N ILE D 196 26.99 30.92 7.28
CA ILE D 196 27.16 29.67 6.58
C ILE D 196 25.98 29.54 5.62
N ASN D 197 26.26 29.24 4.34
CA ASN D 197 25.21 28.90 3.36
C ASN D 197 25.42 27.46 2.92
N PRO D 198 24.92 26.49 3.71
CA PRO D 198 25.05 25.09 3.32
C PRO D 198 24.31 24.81 2.01
N GLN D 199 24.77 23.76 1.33
CA GLN D 199 24.13 23.23 0.13
C GLN D 199 23.10 22.21 0.57
N PHE D 200 21.83 22.59 0.52
CA PHE D 200 20.73 21.66 0.85
C PHE D 200 20.26 20.94 -0.41
N TYR D 201 21.23 20.44 -1.17
CA TYR D 201 20.97 19.85 -2.48
C TYR D 201 22.13 18.95 -2.87
N ASN D 202 21.96 18.22 -3.97
CA ASN D 202 22.93 17.25 -4.48
C ASN D 202 23.24 16.11 -3.50
N GLN D 203 22.40 15.85 -2.51
CA GLN D 203 22.65 14.74 -1.59
C GLN D 203 21.59 13.64 -1.71
N GLY D 204 20.90 13.57 -2.84
CA GLY D 204 20.01 12.46 -3.11
C GLY D 204 19.07 12.07 -1.97
N GLY D 205 19.25 10.84 -1.46
CA GLY D 205 18.42 10.26 -0.41
C GLY D 205 18.71 10.72 1.02
N ASP D 206 19.82 11.40 1.27
CA ASP D 206 20.08 11.92 2.62
C ASP D 206 18.98 12.88 3.08
N GLY D 207 18.90 13.09 4.40
CA GLY D 207 17.84 13.90 4.96
C GLY D 207 17.94 13.90 6.47
N ILE D 208 16.81 13.89 7.15
CA ILE D 208 16.81 13.96 8.61
C ILE D 208 15.61 13.18 9.11
N TRP D 209 15.86 12.34 10.10
CA TRP D 209 14.81 11.67 10.84
C TRP D 209 14.34 12.61 11.94
N VAL D 210 13.04 12.89 11.97
CA VAL D 210 12.46 13.72 13.02
C VAL D 210 11.52 12.88 13.87
N ASP D 211 11.88 12.72 15.14
CA ASP D 211 11.09 11.89 16.05
C ASP D 211 9.68 12.45 16.13
N GLY D 212 8.70 11.57 15.98
CA GLY D 212 7.30 11.95 15.93
C GLY D 212 6.81 12.43 14.59
N VAL D 213 7.68 12.60 13.59
CA VAL D 213 7.29 13.06 12.26
C VAL D 213 7.72 12.06 11.17
N GLY D 214 8.96 11.54 11.22
CA GLY D 214 9.33 10.50 10.27
C GLY D 214 10.60 10.85 9.52
N TRP D 215 10.88 10.10 8.45
CA TRP D 215 12.08 10.28 7.62
C TRP D 215 11.80 11.34 6.58
N ILE D 216 12.61 12.41 6.59
CA ILE D 216 12.39 13.53 5.68
C ILE D 216 13.61 13.62 4.77
N ALA D 217 13.48 13.11 3.54
CA ALA D 217 14.59 13.10 2.58
C ALA D 217 14.70 14.42 1.83
N GLN D 218 15.94 14.76 1.47
CA GLN D 218 16.20 15.99 0.72
C GLN D 218 15.63 15.93 -0.71
N ASN D 219 15.36 14.75 -1.23
CA ASN D 219 14.81 14.67 -2.57
C ASN D 219 13.31 14.35 -2.54
N ASN D 220 12.67 14.51 -1.38
CA ASN D 220 11.24 14.25 -1.25
C ASN D 220 10.48 15.56 -1.44
N ASP D 221 9.91 15.76 -2.63
CA ASP D 221 9.19 16.99 -2.94
C ASP D 221 7.92 17.15 -2.13
N ALA D 222 7.25 16.03 -1.76
CA ALA D 222 6.04 16.12 -0.95
C ALA D 222 6.32 16.64 0.46
N LEU D 223 7.55 16.50 0.93
CA LEU D 223 7.90 16.97 2.27
C LEU D 223 8.92 18.13 2.27
N LYS D 224 8.91 18.97 1.22
CA LYS D 224 9.96 19.99 1.14
C LYS D 224 9.83 21.02 2.26
N GLU D 225 8.61 21.44 2.61
CA GLU D 225 8.48 22.41 3.69
C GLU D 225 9.04 21.85 5.01
N GLU D 226 8.68 20.60 5.33
CA GLU D 226 9.20 19.94 6.54
C GLU D 226 10.70 19.80 6.49
N PHE D 227 11.24 19.50 5.29
CA PHE D 227 12.69 19.34 5.18
C PHE D 227 13.38 20.65 5.49
N ILE D 228 12.93 21.73 4.85
CA ILE D 228 13.57 23.03 5.06
C ILE D 228 13.44 23.45 6.51
N TYR D 229 12.21 23.31 7.08
CA TYR D 229 11.99 23.68 8.48
C TYR D 229 12.85 22.84 9.44
N TYR D 230 12.81 21.50 9.32
CA TYR D 230 13.44 20.70 10.38
C TYR D 230 14.96 20.67 10.25
N ILE D 231 15.50 20.68 9.03
CA ILE D 231 16.98 20.76 8.92
C ILE D 231 17.48 22.10 9.47
N SER D 232 16.74 23.20 9.20
CA SER D 232 17.15 24.51 9.73
C SER D 232 17.00 24.59 11.24
N ASP D 233 15.85 24.15 11.74
CA ASP D 233 15.62 24.16 13.18
C ASP D 233 16.71 23.39 13.91
N SER D 234 17.15 22.26 13.34
CA SER D 234 18.18 21.47 13.99
C SER D 234 19.51 22.20 13.98
N LEU D 235 19.89 22.80 12.83
CA LEU D 235 21.13 23.57 12.79
C LEU D 235 21.10 24.77 13.75
N ILE D 236 19.99 25.52 13.78
CA ILE D 236 20.03 26.79 14.51
C ILE D 236 19.89 26.55 16.00
N ASN D 237 19.53 25.36 16.42
CA ASN D 237 19.52 25.02 17.83
C ASN D 237 20.55 23.97 18.23
N GLY D 238 21.33 23.44 17.28
CA GLY D 238 22.29 22.39 17.61
C GLY D 238 21.62 21.12 18.10
N THR D 239 20.44 20.79 17.57
CA THR D 239 19.67 19.63 17.99
C THR D 239 19.62 18.54 16.92
N ARG D 240 19.04 17.40 17.27
CA ARG D 240 18.91 16.25 16.34
C ARG D 240 20.26 15.83 15.75
N GLY D 241 21.33 16.00 16.53
CA GLY D 241 22.65 15.57 16.11
C GLY D 241 23.40 16.53 15.20
N PHE D 242 22.96 17.78 15.09
CA PHE D 242 23.61 18.74 14.20
C PHE D 242 24.38 19.79 14.98
N HIS D 243 25.51 20.20 14.41
CA HIS D 243 26.30 21.29 14.97
C HIS D 243 25.50 22.59 14.90
N LYS D 244 25.59 23.41 15.94
CA LYS D 244 24.84 24.65 15.97
C LYS D 244 25.41 25.68 14.99
N ILE D 245 24.54 26.30 14.22
CA ILE D 245 24.84 27.52 13.49
C ILE D 245 23.77 28.53 13.90
N PRO D 246 24.11 29.69 14.47
CA PRO D 246 23.06 30.63 14.91
C PRO D 246 22.20 31.09 13.74
N HIS D 247 20.91 31.31 14.00
CA HIS D 247 19.98 31.52 12.88
C HIS D 247 20.33 32.76 12.04
N ASP D 248 20.79 33.84 12.68
N ASP D 248 20.81 33.83 12.68
CA ASP D 248 21.18 35.02 11.90
CA ASP D 248 21.20 35.02 11.94
C ASP D 248 22.43 34.80 11.07
C ASP D 248 22.45 34.80 11.09
N LYS D 249 23.06 33.63 11.20
CA LYS D 249 24.24 33.27 10.46
C LYS D 249 24.00 32.06 9.56
N LEU D 250 22.74 31.71 9.32
CA LEU D 250 22.39 30.57 8.48
C LEU D 250 21.67 31.12 7.26
N VAL D 251 22.15 30.74 6.08
CA VAL D 251 21.58 31.11 4.80
C VAL D 251 21.27 29.80 4.07
N PHE D 252 20.03 29.66 3.55
CA PHE D 252 19.55 28.36 3.04
C PHE D 252 19.91 28.21 1.56
N GLY D 253 20.83 27.29 1.25
CA GLY D 253 21.28 27.13 -0.14
C GLY D 253 20.51 26.10 -0.94
N ILE D 254 20.01 26.52 -2.11
CA ILE D 254 19.20 25.67 -2.98
C ILE D 254 19.55 25.94 -4.45
N PRO D 255 19.25 24.96 -5.31
CA PRO D 255 19.57 25.09 -6.75
C PRO D 255 18.67 26.12 -7.41
N SER D 256 19.18 26.77 -8.45
CA SER D 256 18.31 27.70 -9.16
C SER D 256 17.33 27.00 -10.09
N SER D 257 17.58 25.75 -10.49
CA SER D 257 16.70 24.97 -11.37
C SER D 257 17.20 23.53 -11.36
N ILE D 258 16.43 22.65 -12.02
CA ILE D 258 16.88 21.27 -12.17
C ILE D 258 18.13 21.15 -13.04
N ASP D 259 18.54 22.20 -13.76
CA ASP D 259 19.83 22.11 -14.45
C ASP D 259 20.99 22.43 -13.54
N ALA D 260 20.75 23.14 -12.43
CA ALA D 260 21.83 23.61 -11.58
C ALA D 260 22.33 22.54 -10.62
N ALA D 261 21.53 21.52 -10.35
CA ALA D 261 21.90 20.46 -9.41
C ALA D 261 21.14 19.21 -9.76
N ALA D 262 21.70 18.06 -9.36
CA ALA D 262 21.04 16.78 -9.60
C ALA D 262 19.73 16.67 -8.85
N THR D 263 19.73 17.00 -7.56
CA THR D 263 18.56 16.91 -6.72
C THR D 263 18.52 18.13 -5.81
N GLY D 264 17.34 18.36 -5.23
CA GLY D 264 17.14 19.36 -4.21
C GLY D 264 16.48 20.64 -4.69
N PHE D 265 16.21 20.77 -5.99
CA PHE D 265 15.47 21.92 -6.47
C PHE D 265 14.12 22.03 -5.75
N VAL D 266 13.73 23.24 -5.39
CA VAL D 266 12.48 23.47 -4.68
C VAL D 266 11.40 23.77 -5.73
N GLN D 267 10.52 22.76 -5.97
CA GLN D 267 9.47 22.86 -6.98
C GLN D 267 8.51 23.98 -6.67
N ASP D 268 8.08 24.09 -5.42
CA ASP D 268 7.15 25.13 -5.05
C ASP D 268 7.78 26.08 -4.05
N PRO D 269 8.13 27.30 -4.45
CA PRO D 269 8.75 28.23 -3.49
C PRO D 269 7.89 28.51 -2.27
N GLN D 270 6.57 28.32 -2.35
CA GLN D 270 5.74 28.52 -1.16
C GLN D 270 6.20 27.61 -0.03
N ASP D 271 6.80 26.45 -0.33
CA ASP D 271 7.29 25.58 0.74
C ASP D 271 8.41 26.25 1.54
N LEU D 272 9.32 26.94 0.84
CA LEU D 272 10.37 27.67 1.52
C LEU D 272 9.80 28.86 2.27
N TYR D 273 8.91 29.62 1.61
CA TYR D 273 8.32 30.76 2.32
C TYR D 273 7.66 30.30 3.62
N ASP D 274 6.94 29.17 3.57
CA ASP D 274 6.20 28.72 4.76
C ASP D 274 7.15 28.20 5.83
N ALA D 275 8.19 27.46 5.42
CA ALA D 275 9.21 27.02 6.40
C ALA D 275 9.87 28.22 7.05
N PHE D 276 10.26 29.19 6.22
CA PHE D 276 10.87 30.41 6.74
C PHE D 276 9.91 31.13 7.70
N GLU D 277 8.62 31.09 7.42
CA GLU D 277 7.69 31.77 8.30
C GLU D 277 7.64 31.07 9.66
N THR D 278 7.64 29.74 9.64
CA THR D 278 7.62 28.98 10.89
C THR D 278 8.84 29.31 11.73
N LEU D 279 10.01 29.42 11.09
CA LEU D 279 11.25 29.77 11.79
C LEU D 279 11.19 31.20 12.36
N THR D 280 10.62 32.13 11.60
CA THR D 280 10.47 33.51 12.09
C THR D 280 9.50 33.58 13.27
N THR D 281 8.36 32.90 13.15
CA THR D 281 7.36 32.83 14.24
C THR D 281 7.96 32.36 15.56
N GLN D 282 8.87 31.39 15.53
CA GLN D 282 9.50 30.96 16.79
C GLN D 282 10.74 31.82 17.13
N GLY D 283 10.89 32.98 16.49
CA GLY D 283 11.95 33.89 16.90
C GLY D 283 13.31 33.56 16.34
N GLN D 284 13.39 32.72 15.31
CA GLN D 284 14.71 32.36 14.76
C GLN D 284 14.75 32.50 13.24
N PRO D 285 14.46 33.69 12.73
CA PRO D 285 14.46 33.88 11.27
C PRO D 285 15.85 33.62 10.69
N LEU D 286 15.88 32.92 9.54
CA LEU D 286 17.16 32.73 8.85
C LEU D 286 17.59 34.04 8.18
N ARG D 287 18.87 34.10 7.84
CA ARG D 287 19.49 35.30 7.26
C ARG D 287 19.17 35.47 5.75
N GLY D 288 18.80 34.41 5.06
CA GLY D 288 18.44 34.58 3.64
C GLY D 288 18.56 33.27 2.89
N VAL D 289 18.77 33.39 1.58
CA VAL D 289 18.80 32.27 0.67
C VAL D 289 20.11 32.33 -0.12
N MET D 290 20.62 31.16 -0.55
CA MET D 290 21.77 31.12 -1.45
C MET D 290 21.38 30.25 -2.63
N THR D 291 21.98 30.49 -3.79
CA THR D 291 21.73 29.58 -4.89
C THR D 291 22.96 29.36 -5.76
N TRP D 292 23.09 28.11 -6.18
CA TRP D 292 23.84 27.77 -7.39
C TRP D 292 22.81 27.71 -8.51
N SER D 293 22.84 28.67 -9.43
CA SER D 293 23.79 29.79 -9.47
C SER D 293 23.18 30.93 -10.25
N ILE D 294 23.83 32.10 -10.20
CA ILE D 294 23.39 33.24 -11.01
C ILE D 294 23.38 32.88 -12.49
N ASN D 295 24.48 32.32 -12.97
CA ASN D 295 24.58 31.97 -14.40
C ASN D 295 23.52 30.96 -14.81
N TRP D 296 23.20 29.97 -13.94
CA TRP D 296 22.10 29.06 -14.24
C TRP D 296 20.77 29.79 -14.25
N ASP D 297 20.58 30.76 -13.36
CA ASP D 297 19.36 31.55 -13.37
C ASP D 297 19.23 32.37 -14.64
N MET D 298 20.32 32.53 -15.39
CA MET D 298 20.34 33.27 -16.65
C MET D 298 20.64 32.35 -17.83
N GLY D 299 20.36 31.06 -17.69
CA GLY D 299 20.66 30.08 -18.71
C GLY D 299 19.41 29.55 -19.40
N THR D 300 19.56 28.41 -20.06
CA THR D 300 18.46 27.81 -20.79
C THR D 300 18.38 26.35 -20.42
N ASN D 301 17.22 25.76 -20.66
CA ASN D 301 17.09 24.33 -20.45
C ASN D 301 17.46 23.61 -21.75
N LYS D 302 17.31 22.29 -21.78
CA LYS D 302 17.72 21.54 -22.96
C LYS D 302 16.90 21.94 -24.19
N ASN D 303 15.68 22.43 -23.99
CA ASN D 303 14.83 22.85 -25.10
C ASN D 303 15.06 24.29 -25.52
N GLY D 304 16.08 24.95 -24.98
CA GLY D 304 16.30 26.33 -25.34
C GLY D 304 15.39 27.32 -24.65
N GLN D 305 14.55 26.88 -23.72
CA GLN D 305 13.72 27.83 -22.98
C GLN D 305 14.54 28.54 -21.92
N GLN D 306 14.36 29.86 -21.83
CA GLN D 306 15.13 30.68 -20.92
C GLN D 306 14.63 30.50 -19.49
N TYR D 307 15.57 30.34 -18.54
CA TYR D 307 15.17 30.44 -17.13
C TYR D 307 14.79 31.87 -16.78
N ASN D 308 15.40 32.86 -17.46
CA ASN D 308 15.04 34.29 -17.36
C ASN D 308 14.87 34.76 -15.91
N GLU D 309 15.84 34.40 -15.06
CA GLU D 309 15.87 34.88 -13.68
C GLU D 309 14.65 34.44 -12.87
N GLN D 310 14.08 33.26 -13.18
CA GLN D 310 12.97 32.74 -12.38
C GLN D 310 13.31 32.65 -10.90
N PHE D 311 14.53 32.18 -10.57
CA PHE D 311 14.87 32.01 -9.17
C PHE D 311 14.90 33.35 -8.43
N ILE D 312 15.66 34.34 -8.94
CA ILE D 312 15.78 35.58 -8.19
C ILE D 312 14.46 36.33 -8.18
N LYS D 313 13.64 36.15 -9.22
CA LYS D 313 12.28 36.70 -9.17
C LYS D 313 11.45 36.07 -8.02
N ASP D 314 11.63 34.76 -7.80
CA ASP D 314 10.90 34.04 -6.73
C ASP D 314 11.41 34.38 -5.34
N TYR D 315 12.73 34.59 -5.16
CA TYR D 315 13.27 34.67 -3.80
C TYR D 315 13.83 36.04 -3.47
N GLY D 316 14.18 36.87 -4.46
CA GLY D 316 14.75 38.17 -4.20
C GLY D 316 13.79 39.07 -3.41
N PRO D 317 12.59 39.29 -3.95
CA PRO D 317 11.64 40.15 -3.22
C PRO D 317 11.22 39.55 -1.89
N PHE D 318 11.12 38.21 -1.83
CA PHE D 318 10.78 37.58 -0.56
C PHE D 318 11.82 37.90 0.50
N VAL D 319 13.11 37.70 0.17
CA VAL D 319 14.13 37.93 1.18
C VAL D 319 14.27 39.42 1.47
N HIS D 320 14.35 40.25 0.43
CA HIS D 320 14.61 41.67 0.68
C HIS D 320 13.38 42.43 1.20
N GLY D 321 12.18 41.87 1.09
CA GLY D 321 10.97 42.53 1.53
C GLY D 321 10.22 43.18 0.37
N ALA E 4 18.49 -34.61 -4.63
CA ALA E 4 17.45 -35.40 -3.96
C ALA E 4 17.36 -36.82 -4.57
N PRO E 5 16.78 -37.80 -3.85
CA PRO E 5 16.63 -39.14 -4.44
C PRO E 5 15.76 -39.08 -5.68
N MET E 6 16.00 -40.01 -6.61
CA MET E 6 15.25 -40.07 -7.86
C MET E 6 14.65 -41.48 -7.98
N THR E 7 13.45 -41.64 -7.42
CA THR E 7 12.84 -42.96 -7.22
C THR E 7 12.22 -43.44 -8.53
N ASN E 8 12.46 -44.70 -8.87
CA ASN E 8 11.92 -45.35 -10.07
C ASN E 8 11.14 -46.60 -9.67
N PRO E 9 10.09 -46.94 -10.43
CA PRO E 9 9.35 -48.17 -10.15
C PRO E 9 10.12 -49.41 -10.60
N ASP E 10 9.88 -50.52 -9.90
CA ASP E 10 10.56 -51.77 -10.23
C ASP E 10 9.83 -52.59 -11.29
N SER E 11 8.49 -52.60 -11.27
CA SER E 11 7.72 -53.35 -12.27
C SER E 11 6.47 -52.58 -12.69
N GLY E 12 5.28 -53.13 -12.41
CA GLY E 12 4.05 -52.49 -12.86
C GLY E 12 3.80 -51.14 -12.20
N VAL E 13 2.97 -50.34 -12.87
CA VAL E 13 2.65 -48.98 -12.42
C VAL E 13 1.15 -48.76 -12.52
N VAL E 14 0.63 -48.04 -11.53
CA VAL E 14 -0.67 -47.38 -11.61
C VAL E 14 -0.34 -45.90 -11.48
N VAL E 15 -0.44 -45.20 -12.60
CA VAL E 15 -0.18 -43.76 -12.69
C VAL E 15 -1.48 -43.04 -12.36
N GLY E 16 -1.45 -42.14 -11.38
CA GLY E 16 -2.59 -41.26 -11.13
C GLY E 16 -2.15 -39.81 -11.12
N TYR E 17 -2.96 -38.95 -11.74
CA TYR E 17 -2.71 -37.52 -11.74
C TYR E 17 -3.29 -36.85 -10.50
N TRP E 18 -2.54 -35.89 -9.97
CA TRP E 18 -2.85 -35.20 -8.73
C TRP E 18 -3.12 -33.74 -9.06
N HIS E 19 -4.30 -33.24 -8.68
CA HIS E 19 -4.74 -31.88 -9.02
C HIS E 19 -4.04 -30.84 -8.14
N ASN E 20 -3.41 -29.86 -8.79
CA ASN E 20 -2.92 -28.66 -8.09
C ASN E 20 -3.98 -27.55 -8.16
N TRP E 21 -5.15 -27.87 -7.56
CA TRP E 21 -6.29 -26.97 -7.43
C TRP E 21 -7.36 -27.70 -6.62
N CYS E 22 -8.40 -26.97 -6.21
CA CYS E 22 -9.41 -27.53 -5.33
C CYS E 22 -10.79 -27.50 -5.97
N ASP E 23 -11.65 -28.40 -5.45
CA ASP E 23 -13.05 -28.55 -5.84
C ASP E 23 -13.29 -28.36 -7.33
N GLY E 24 -12.75 -29.27 -8.15
CA GLY E 24 -12.92 -29.16 -9.60
C GLY E 24 -14.25 -29.72 -10.06
N GLY E 25 -14.75 -29.15 -11.15
CA GLY E 25 -16.08 -29.45 -11.65
C GLY E 25 -16.09 -30.60 -12.65
N GLY E 26 -16.99 -31.57 -12.42
CA GLY E 26 -17.00 -32.80 -13.19
C GLY E 26 -17.76 -32.73 -14.51
N TYR E 27 -17.57 -33.78 -15.31
CA TYR E 27 -18.31 -33.91 -16.55
C TYR E 27 -19.77 -34.25 -16.30
N GLN E 28 -20.07 -34.80 -15.14
CA GLN E 28 -21.43 -35.17 -14.74
C GLN E 28 -21.80 -34.47 -13.44
N GLY E 29 -21.36 -33.22 -13.28
CA GLY E 29 -21.70 -32.41 -12.13
C GLY E 29 -21.14 -32.90 -10.79
N GLY E 30 -20.08 -33.70 -10.80
CA GLY E 30 -19.45 -34.13 -9.59
C GLY E 30 -18.37 -33.16 -9.14
N ASN E 31 -17.78 -33.47 -7.99
CA ASN E 31 -16.79 -32.61 -7.37
C ASN E 31 -15.50 -33.36 -7.03
N ALA E 32 -14.37 -32.84 -7.52
CA ALA E 32 -13.06 -33.39 -7.14
C ALA E 32 -12.40 -32.45 -6.15
N PRO E 33 -12.29 -32.81 -4.87
CA PRO E 33 -11.62 -31.93 -3.92
C PRO E 33 -10.11 -31.97 -4.11
N CYS E 34 -9.42 -31.00 -3.53
CA CYS E 34 -7.97 -31.15 -3.45
C CYS E 34 -7.65 -32.12 -2.34
N VAL E 35 -6.56 -32.85 -2.53
CA VAL E 35 -6.08 -33.74 -1.50
C VAL E 35 -4.59 -33.48 -1.36
N THR E 36 -4.03 -33.97 -0.26
CA THR E 36 -2.59 -33.89 -0.07
C THR E 36 -1.93 -35.18 -0.57
N LEU E 37 -0.63 -35.09 -0.85
CA LEU E 37 0.08 -36.29 -1.27
C LEU E 37 -0.03 -37.37 -0.22
N ASP E 38 -0.08 -37.01 1.05
CA ASP E 38 -0.09 -38.05 2.06
C ASP E 38 -1.38 -38.86 2.05
N GLU E 39 -2.48 -38.24 1.63
CA GLU E 39 -3.78 -38.90 1.53
C GLU E 39 -3.90 -39.85 0.34
N VAL E 40 -2.99 -39.78 -0.64
CA VAL E 40 -3.13 -40.57 -1.86
C VAL E 40 -2.95 -42.04 -1.53
N ASN E 41 -3.87 -42.88 -2.04
CA ASN E 41 -3.71 -44.30 -1.84
C ASN E 41 -2.34 -44.76 -2.30
N PRO E 42 -1.62 -45.56 -1.51
CA PRO E 42 -0.24 -45.93 -1.90
C PRO E 42 -0.15 -46.83 -3.13
N MET E 43 -1.26 -47.45 -3.55
CA MET E 43 -1.21 -48.24 -4.77
C MET E 43 -1.08 -47.35 -6.01
N TYR E 44 -1.33 -46.04 -5.89
CA TYR E 44 -0.89 -45.09 -6.92
C TYR E 44 0.61 -44.93 -6.74
N ASN E 45 1.41 -45.75 -7.42
CA ASN E 45 2.84 -45.67 -7.14
C ASN E 45 3.57 -44.66 -8.05
N ILE E 46 2.87 -44.05 -9.00
CA ILE E 46 3.38 -42.92 -9.77
C ILE E 46 2.34 -41.82 -9.66
N VAL E 47 2.71 -40.69 -9.04
CA VAL E 47 1.79 -39.59 -8.81
C VAL E 47 2.28 -38.40 -9.66
N ASN E 48 1.41 -37.92 -10.54
CA ASN E 48 1.74 -36.91 -11.53
C ASN E 48 1.11 -35.59 -11.11
N VAL E 49 1.96 -34.70 -10.58
CA VAL E 49 1.53 -33.37 -10.12
C VAL E 49 1.16 -32.51 -11.32
N SER E 50 -0.10 -32.03 -11.35
CA SER E 50 -0.67 -31.37 -12.51
C SER E 50 -1.16 -29.97 -12.11
N PHE E 51 -0.68 -28.94 -12.82
CA PHE E 51 0.25 -29.02 -13.95
C PHE E 51 1.41 -28.00 -13.88
N MET E 52 2.48 -28.32 -14.59
CA MET E 52 3.51 -27.35 -14.96
C MET E 52 3.05 -26.57 -16.18
N LYS E 53 2.87 -25.25 -16.02
CA LYS E 53 2.26 -24.39 -17.03
C LYS E 53 2.90 -23.01 -16.96
N VAL E 54 2.63 -22.21 -18.00
CA VAL E 54 2.88 -20.77 -17.98
C VAL E 54 1.67 -20.09 -17.31
N TYR E 55 1.86 -19.59 -16.08
CA TYR E 55 0.75 -19.02 -15.31
C TYR E 55 0.36 -17.61 -15.76
N ASP E 56 1.15 -17.00 -16.64
CA ASP E 56 1.08 -15.58 -16.97
C ASP E 56 2.02 -15.35 -18.15
N VAL E 57 1.45 -15.08 -19.34
CA VAL E 57 2.27 -14.96 -20.54
C VAL E 57 3.32 -13.86 -20.38
N ALA E 58 3.03 -12.87 -19.52
CA ALA E 58 3.93 -11.74 -19.32
C ALA E 58 5.19 -12.15 -18.57
N ASP E 59 5.14 -13.22 -17.78
CA ASP E 59 6.30 -13.72 -17.06
C ASP E 59 7.19 -14.63 -17.92
N GLY E 60 7.04 -14.63 -19.25
CA GLY E 60 7.87 -15.41 -20.14
C GLY E 60 7.21 -16.71 -20.57
N ARG E 61 7.87 -17.37 -21.54
CA ARG E 61 7.38 -18.60 -22.16
C ARG E 61 7.75 -19.87 -21.39
N ILE E 62 8.70 -19.83 -20.45
CA ILE E 62 9.16 -21.04 -19.78
C ILE E 62 8.15 -21.48 -18.73
N PRO E 63 7.61 -22.70 -18.82
CA PRO E 63 6.65 -23.15 -17.82
C PRO E 63 7.33 -23.35 -16.47
N THR E 64 6.53 -23.26 -15.41
CA THR E 64 7.01 -23.44 -14.06
C THR E 64 5.88 -24.07 -13.27
N PHE E 65 6.06 -24.22 -11.97
CA PHE E 65 5.05 -24.82 -11.13
C PHE E 65 4.95 -24.04 -9.84
N LYS E 66 3.74 -23.58 -9.50
CA LYS E 66 3.49 -22.93 -8.21
C LYS E 66 2.44 -23.72 -7.47
N LEU E 67 2.84 -24.30 -6.35
CA LEU E 67 1.92 -25.02 -5.50
C LEU E 67 0.75 -24.11 -5.14
N ASP E 68 -0.46 -24.66 -5.19
CA ASP E 68 -1.66 -23.89 -4.87
C ASP E 68 -1.85 -23.86 -3.34
N PRO E 69 -1.81 -22.69 -2.70
CA PRO E 69 -1.91 -22.66 -1.23
C PRO E 69 -3.25 -23.15 -0.70
N THR E 70 -4.34 -23.06 -1.48
CA THR E 70 -5.63 -23.52 -0.95
C THR E 70 -5.66 -25.02 -0.74
N ILE E 71 -4.67 -25.77 -1.22
CA ILE E 71 -4.56 -27.17 -0.84
C ILE E 71 -4.21 -27.33 0.64
N GLY E 72 -3.67 -26.27 1.26
CA GLY E 72 -3.30 -26.33 2.66
C GLY E 72 -1.93 -26.90 2.96
N LEU E 73 -1.03 -26.87 1.98
CA LEU E 73 0.33 -27.37 2.12
C LEU E 73 1.28 -26.22 1.87
N SER E 74 2.19 -25.97 2.80
CA SER E 74 3.31 -25.12 2.43
C SER E 74 4.17 -25.86 1.41
N GLU E 75 4.99 -25.09 0.68
CA GLU E 75 5.97 -25.69 -0.23
C GLU E 75 6.82 -26.74 0.46
N GLU E 76 7.19 -26.49 1.73
CA GLU E 76 8.07 -27.41 2.45
C GLU E 76 7.34 -28.64 2.95
N GLN E 77 6.06 -28.50 3.34
CA GLN E 77 5.23 -29.68 3.56
C GLN E 77 5.16 -30.54 2.30
N PHE E 78 5.03 -29.90 1.16
CA PHE E 78 4.95 -30.59 -0.12
C PHE E 78 6.26 -31.33 -0.43
N ILE E 79 7.41 -30.68 -0.18
CA ILE E 79 8.73 -31.32 -0.25
C ILE E 79 8.78 -32.55 0.64
N ASP E 80 8.40 -32.38 1.92
CA ASP E 80 8.44 -33.49 2.86
C ASP E 80 7.56 -34.64 2.37
N GLN E 81 6.41 -34.31 1.78
CA GLN E 81 5.47 -35.38 1.40
C GLN E 81 5.95 -36.13 0.15
N ILE E 82 6.57 -35.41 -0.78
CA ILE E 82 7.28 -36.09 -1.87
C ILE E 82 8.38 -36.98 -1.30
N SER E 83 9.13 -36.46 -0.31
CA SER E 83 10.18 -37.28 0.27
C SER E 83 9.62 -38.56 0.89
N GLU E 84 8.45 -38.47 1.54
CA GLU E 84 7.86 -39.65 2.15
C GLU E 84 7.37 -40.62 1.07
N LEU E 85 6.77 -40.11 -0.02
CA LEU E 85 6.40 -41.01 -1.10
C LEU E 85 7.62 -41.76 -1.62
N ASN E 86 8.76 -41.07 -1.78
CA ASN E 86 9.98 -41.74 -2.22
C ASN E 86 10.44 -42.79 -1.22
N LYS E 87 10.29 -42.52 0.09
CA LYS E 87 10.70 -43.53 1.07
C LYS E 87 9.88 -44.80 0.90
N GLN E 88 8.57 -44.66 0.60
CA GLN E 88 7.70 -45.78 0.26
C GLN E 88 8.01 -46.37 -1.12
N GLY E 89 9.02 -45.86 -1.83
CA GLY E 89 9.36 -46.33 -3.17
C GLY E 89 8.46 -45.83 -4.30
N ARG E 90 7.68 -44.79 -4.07
CA ARG E 90 6.78 -44.28 -5.10
C ARG E 90 7.40 -43.05 -5.77
N SER E 91 7.05 -42.82 -7.03
CA SER E 91 7.58 -41.71 -7.83
C SER E 91 6.57 -40.58 -7.92
N VAL E 92 7.06 -39.34 -7.89
CA VAL E 92 6.24 -38.13 -8.08
C VAL E 92 6.81 -37.40 -9.30
N LEU E 93 6.01 -37.30 -10.34
CA LEU E 93 6.40 -36.65 -11.58
C LEU E 93 5.74 -35.27 -11.62
N LEU E 94 6.36 -34.39 -12.42
CA LEU E 94 5.77 -33.11 -12.81
C LEU E 94 5.07 -33.26 -14.17
N ALA E 95 3.75 -33.11 -14.21
CA ALA E 95 3.00 -33.22 -15.46
C ALA E 95 2.93 -31.85 -16.12
N LEU E 96 3.50 -31.77 -17.32
CA LEU E 96 3.59 -30.55 -18.11
C LEU E 96 2.38 -30.43 -19.03
N GLY E 97 1.65 -29.33 -18.93
CA GLY E 97 0.60 -29.05 -19.89
C GLY E 97 -0.74 -28.83 -19.24
N GLY E 98 -1.77 -29.55 -19.70
CA GLY E 98 -3.08 -29.29 -19.18
C GLY E 98 -3.74 -28.14 -19.92
N ALA E 99 -4.92 -27.78 -19.44
CA ALA E 99 -5.80 -26.85 -20.14
C ALA E 99 -5.30 -25.42 -19.99
N ASP E 100 -5.19 -24.71 -21.12
CA ASP E 100 -4.82 -23.28 -21.15
C ASP E 100 -3.49 -23.04 -20.45
N ALA E 101 -2.53 -23.91 -20.74
CA ALA E 101 -1.22 -23.86 -20.12
C ALA E 101 -0.27 -22.92 -20.83
N HIS E 102 -0.65 -22.42 -22.00
CA HIS E 102 0.17 -21.49 -22.78
C HIS E 102 1.59 -22.02 -22.96
N VAL E 103 1.69 -23.30 -23.27
CA VAL E 103 2.99 -23.92 -23.55
C VAL E 103 3.21 -23.75 -25.05
N GLU E 104 3.84 -22.64 -25.41
CA GLU E 104 4.26 -22.38 -26.79
C GLU E 104 5.74 -22.02 -26.67
N LEU E 105 6.62 -22.99 -26.91
CA LEU E 105 8.04 -22.82 -26.70
C LEU E 105 8.75 -22.77 -28.05
N GLU E 106 9.61 -21.77 -28.20
CA GLU E 106 10.34 -21.54 -29.44
C GLU E 106 11.79 -21.98 -29.28
N THR E 107 12.41 -22.32 -30.41
CA THR E 107 13.81 -22.73 -30.41
C THR E 107 14.68 -21.71 -29.70
N GLY E 108 15.71 -22.20 -29.03
CA GLY E 108 16.50 -21.40 -28.13
C GLY E 108 16.03 -21.41 -26.69
N ASP E 109 14.83 -21.91 -26.44
CA ASP E 109 14.28 -21.99 -25.09
C ASP E 109 14.71 -23.25 -24.33
N GLU E 110 15.45 -24.17 -24.98
CA GLU E 110 15.82 -25.46 -24.39
C GLU E 110 16.47 -25.35 -23.02
N ARG E 111 17.69 -24.79 -22.99
CA ARG E 111 18.44 -24.65 -21.75
C ARG E 111 17.64 -23.91 -20.68
N ALA E 112 16.87 -22.89 -21.07
CA ALA E 112 16.06 -22.19 -20.07
C ALA E 112 14.99 -23.11 -19.47
N PHE E 113 14.31 -23.90 -20.31
CA PHE E 113 13.32 -24.85 -19.84
C PHE E 113 13.96 -25.94 -18.98
N ALA E 114 15.01 -26.57 -19.49
CA ALA E 114 15.74 -27.58 -18.73
C ALA E 114 16.19 -27.07 -17.36
N ASP E 115 16.59 -25.79 -17.27
CA ASP E 115 17.02 -25.24 -15.99
C ASP E 115 15.87 -25.11 -15.01
N GLU E 116 14.69 -24.68 -15.49
CA GLU E 116 13.57 -24.58 -14.56
C GLU E 116 13.11 -25.96 -14.08
N ILE E 117 13.15 -26.96 -14.98
CA ILE E 117 12.87 -28.33 -14.57
C ILE E 117 13.85 -28.78 -13.51
N ILE E 118 15.15 -28.61 -13.78
CA ILE E 118 16.17 -28.96 -12.80
C ILE E 118 15.94 -28.21 -11.48
N ARG E 119 15.61 -26.91 -11.56
CA ARG E 119 15.45 -26.14 -10.33
C ARG E 119 14.27 -26.65 -9.50
N LEU E 120 13.13 -26.91 -10.16
CA LEU E 120 11.98 -27.49 -9.43
C LEU E 120 12.32 -28.89 -8.94
N THR E 121 13.06 -29.65 -9.74
CA THR E 121 13.41 -31.01 -9.33
C THR E 121 14.31 -31.01 -8.08
N GLU E 122 15.25 -30.05 -8.02
CA GLU E 122 16.15 -30.00 -6.86
C GLU E 122 15.42 -29.49 -5.62
N ARG E 123 14.47 -28.56 -5.78
CA ARG E 123 13.71 -28.10 -4.60
C ARG E 123 12.71 -29.15 -4.12
N TYR E 124 11.89 -29.69 -5.03
CA TYR E 124 10.79 -30.54 -4.58
C TYR E 124 11.11 -32.02 -4.58
N GLY E 125 12.16 -32.43 -5.29
CA GLY E 125 12.47 -33.83 -5.37
C GLY E 125 11.64 -34.61 -6.37
N PHE E 126 11.08 -33.95 -7.40
CA PHE E 126 10.41 -34.69 -8.48
C PHE E 126 11.32 -35.77 -9.02
N ASP E 127 10.70 -36.84 -9.52
CA ASP E 127 11.42 -37.99 -10.07
C ASP E 127 11.42 -38.03 -11.60
N GLY E 128 10.74 -37.08 -12.25
CA GLY E 128 10.63 -37.09 -13.70
C GLY E 128 9.58 -36.10 -14.15
N LEU E 129 9.26 -36.18 -15.44
CA LEU E 129 8.28 -35.27 -16.01
C LEU E 129 7.39 -36.06 -16.96
N ASP E 130 6.10 -35.71 -17.00
CA ASP E 130 5.15 -36.33 -17.93
C ASP E 130 4.71 -35.27 -18.93
N ILE E 131 4.86 -35.53 -20.23
CA ILE E 131 4.42 -34.61 -21.28
C ILE E 131 2.91 -34.80 -21.47
N ASP E 132 2.12 -33.84 -21.00
CA ASP E 132 0.67 -33.94 -21.02
C ASP E 132 0.05 -32.67 -21.64
N LEU E 133 0.40 -32.43 -22.90
CA LEU E 133 -0.03 -31.24 -23.63
C LEU E 133 -1.48 -31.32 -24.08
N GLU E 134 -2.24 -30.24 -23.83
CA GLU E 134 -3.55 -30.05 -24.47
C GLU E 134 -3.41 -30.06 -26.00
N GLN E 135 -4.53 -30.32 -26.69
CA GLN E 135 -4.51 -30.58 -28.12
C GLN E 135 -3.77 -29.50 -28.90
N ALA E 136 -4.12 -28.23 -28.62
CA ALA E 136 -3.49 -27.11 -29.30
C ALA E 136 -1.98 -27.15 -29.16
N ALA E 137 -1.49 -27.37 -27.92
CA ALA E 137 -0.06 -27.34 -27.64
C ALA E 137 0.73 -28.38 -28.43
N VAL E 138 0.08 -29.43 -28.95
CA VAL E 138 0.81 -30.59 -29.46
C VAL E 138 1.69 -30.21 -30.65
N THR E 139 1.16 -29.40 -31.57
CA THR E 139 1.89 -28.99 -32.76
C THR E 139 2.45 -27.58 -32.67
N ALA E 140 2.05 -26.80 -31.64
CA ALA E 140 2.40 -25.39 -31.54
C ALA E 140 3.90 -25.18 -31.61
N ALA E 141 4.29 -23.98 -32.09
CA ALA E 141 5.66 -23.46 -32.09
C ALA E 141 6.68 -24.50 -32.53
N ASN E 142 7.82 -24.56 -31.82
CA ASN E 142 8.75 -25.69 -31.93
C ASN E 142 8.63 -26.64 -30.74
N ASN E 143 7.43 -26.76 -30.15
CA ASN E 143 7.22 -27.62 -28.99
C ASN E 143 7.71 -29.04 -29.23
N GLN E 144 7.52 -29.58 -30.44
CA GLN E 144 7.90 -30.97 -30.72
C GLN E 144 9.41 -31.18 -30.73
N THR E 145 10.19 -30.10 -30.70
CA THR E 145 11.64 -30.17 -30.61
C THR E 145 12.19 -29.53 -29.34
N VAL E 146 11.64 -28.39 -28.92
CA VAL E 146 12.09 -27.77 -27.68
C VAL E 146 11.85 -28.71 -26.51
N ILE E 147 10.62 -29.23 -26.36
CA ILE E 147 10.30 -30.08 -25.21
C ILE E 147 11.17 -31.34 -25.17
N PRO E 148 11.31 -32.12 -26.25
CA PRO E 148 12.31 -33.21 -26.21
C PRO E 148 13.72 -32.71 -25.93
N ASP E 149 14.11 -31.57 -26.52
CA ASP E 149 15.48 -31.10 -26.37
C ASP E 149 15.77 -30.75 -24.91
N ALA E 150 14.88 -29.98 -24.28
CA ALA E 150 15.04 -29.71 -22.85
C ALA E 150 15.14 -31.02 -22.05
N LEU E 151 14.26 -32.00 -22.37
CA LEU E 151 14.22 -33.21 -21.56
C LEU E 151 15.46 -34.04 -21.72
N LYS E 152 16.07 -34.06 -22.92
CA LYS E 152 17.35 -34.73 -23.08
C LYS E 152 18.45 -34.02 -22.27
N LEU E 153 18.39 -32.68 -22.19
CA LEU E 153 19.34 -31.96 -21.33
C LEU E 153 19.17 -32.39 -19.87
N VAL E 154 17.92 -32.43 -19.41
CA VAL E 154 17.65 -32.82 -18.03
C VAL E 154 18.08 -34.27 -17.80
N LYS E 155 17.68 -35.18 -18.69
CA LYS E 155 18.00 -36.59 -18.51
C LYS E 155 19.50 -36.81 -18.42
N ASP E 156 20.28 -36.20 -19.32
CA ASP E 156 21.72 -36.43 -19.33
C ASP E 156 22.39 -35.78 -18.11
N HIS E 157 21.89 -34.62 -17.69
CA HIS E 157 22.30 -34.03 -16.42
C HIS E 157 22.18 -35.03 -15.27
N TYR E 158 21.03 -35.72 -15.17
CA TYR E 158 20.88 -36.62 -14.03
C TYR E 158 21.53 -37.97 -14.25
N ARG E 159 21.62 -38.44 -15.51
CA ARG E 159 22.44 -39.63 -15.76
C ARG E 159 23.89 -39.44 -15.30
N ALA E 160 24.42 -38.22 -15.51
CA ALA E 160 25.78 -37.92 -15.05
C ALA E 160 25.93 -38.07 -13.54
N GLU E 161 24.86 -37.82 -12.77
CA GLU E 161 24.86 -38.06 -11.33
C GLU E 161 24.44 -39.50 -10.95
N GLY E 162 24.29 -40.40 -11.92
CA GLY E 162 23.84 -41.75 -11.61
C GLY E 162 22.35 -41.93 -11.35
N LYS E 163 21.50 -41.03 -11.83
CA LYS E 163 20.05 -41.10 -11.60
C LYS E 163 19.28 -41.15 -12.92
N ASN E 164 18.09 -41.74 -12.88
CA ASN E 164 17.23 -41.84 -14.07
C ASN E 164 16.03 -40.93 -13.82
N PHE E 165 16.03 -39.77 -14.48
CA PHE E 165 14.90 -38.83 -14.46
C PHE E 165 13.83 -39.43 -15.37
N LEU E 166 12.66 -39.75 -14.83
CA LEU E 166 11.65 -40.43 -15.63
C LEU E 166 11.08 -39.47 -16.68
N ILE E 167 10.91 -39.97 -17.91
CA ILE E 167 10.21 -39.21 -18.95
C ILE E 167 9.02 -40.06 -19.42
N THR E 168 7.80 -39.54 -19.22
CA THR E 168 6.62 -40.25 -19.72
C THR E 168 5.81 -39.30 -20.59
N MET E 169 4.87 -39.84 -21.38
CA MET E 169 4.05 -39.00 -22.24
C MET E 169 2.60 -39.46 -22.19
N ALA E 170 1.68 -38.51 -22.24
CA ALA E 170 0.23 -38.77 -22.20
C ALA E 170 -0.50 -38.28 -23.46
N PRO E 171 -0.14 -38.78 -24.64
CA PRO E 171 -0.85 -38.40 -25.86
C PRO E 171 -2.27 -38.93 -25.92
N GLU E 172 -3.16 -38.12 -26.49
CA GLU E 172 -4.46 -38.63 -26.91
C GLU E 172 -4.27 -39.68 -28.01
N PHE E 173 -4.95 -40.83 -27.86
CA PHE E 173 -4.60 -41.98 -28.69
C PHE E 173 -4.71 -41.76 -30.20
N PRO E 174 -5.64 -40.93 -30.73
CA PRO E 174 -5.73 -40.80 -32.20
C PRO E 174 -4.45 -40.25 -32.81
N TYR E 175 -3.65 -39.51 -32.03
CA TYR E 175 -2.42 -38.95 -32.54
C TYR E 175 -1.29 -39.96 -32.68
N LEU E 176 -1.55 -41.25 -32.44
CA LEU E 176 -0.48 -42.24 -32.46
C LEU E 176 -0.51 -43.10 -33.71
N THR E 177 -1.25 -42.68 -34.75
CA THR E 177 -1.19 -43.36 -36.04
C THR E 177 0.20 -43.25 -36.64
N THR E 178 0.49 -44.11 -37.61
CA THR E 178 1.73 -43.97 -38.38
C THR E 178 1.77 -42.59 -39.04
N GLY E 179 2.73 -41.74 -38.64
CA GLY E 179 2.73 -40.37 -39.11
C GLY E 179 1.79 -39.42 -38.41
N GLY E 180 1.24 -39.80 -37.26
CA GLY E 180 0.31 -38.95 -36.57
C GLY E 180 1.01 -37.76 -35.95
N LYS E 181 0.20 -36.88 -35.37
CA LYS E 181 0.73 -35.62 -34.87
C LYS E 181 1.74 -35.83 -33.76
N TYR E 182 1.65 -36.94 -33.02
CA TYR E 182 2.44 -37.10 -31.81
C TYR E 182 3.73 -37.86 -32.04
N VAL E 183 3.87 -38.53 -33.17
CA VAL E 183 5.05 -39.36 -33.44
C VAL E 183 6.35 -38.57 -33.30
N PRO E 184 6.39 -37.25 -33.56
CA PRO E 184 7.66 -36.52 -33.32
C PRO E 184 8.18 -36.65 -31.89
N TYR E 185 7.32 -36.44 -30.89
CA TYR E 185 7.76 -36.56 -29.50
C TYR E 185 8.33 -37.95 -29.22
N ILE E 186 7.72 -39.01 -29.76
CA ILE E 186 8.22 -40.36 -29.51
C ILE E 186 9.55 -40.57 -30.22
N ASP E 187 9.68 -40.08 -31.46
CA ASP E 187 10.92 -40.27 -32.19
C ASP E 187 12.06 -39.50 -31.54
N ASN E 188 11.80 -38.24 -31.21
CA ASN E 188 12.82 -37.34 -30.68
C ASN E 188 13.27 -37.69 -29.28
N LEU E 189 12.51 -38.55 -28.59
CA LEU E 189 12.84 -39.01 -27.25
C LEU E 189 13.21 -40.48 -27.23
N GLU E 190 13.55 -41.04 -28.38
CA GLU E 190 13.92 -42.45 -28.42
C GLU E 190 15.13 -42.70 -27.52
N GLY E 191 15.11 -43.82 -26.79
CA GLY E 191 16.13 -44.11 -25.79
C GLY E 191 16.07 -43.28 -24.51
N TYR E 192 15.21 -42.26 -24.47
CA TYR E 192 15.05 -41.39 -23.31
C TYR E 192 13.76 -41.64 -22.54
N TYR E 193 12.64 -41.91 -23.21
CA TYR E 193 11.38 -42.03 -22.48
C TYR E 193 11.29 -43.41 -21.80
N ASP E 194 10.58 -43.43 -20.66
CA ASP E 194 10.46 -44.66 -19.87
C ASP E 194 9.17 -45.41 -20.14
N TRP E 195 8.03 -44.72 -20.19
CA TRP E 195 6.86 -45.33 -20.78
C TRP E 195 5.96 -44.25 -21.34
N ILE E 196 4.98 -44.67 -22.12
CA ILE E 196 3.93 -43.79 -22.61
C ILE E 196 2.62 -44.26 -22.02
N ASN E 197 1.85 -43.33 -21.47
CA ASN E 197 0.51 -43.63 -20.98
C ASN E 197 -0.48 -42.82 -21.80
N PRO E 198 -0.91 -43.32 -22.98
CA PRO E 198 -1.88 -42.58 -23.79
C PRO E 198 -3.20 -42.47 -23.07
N GLN E 199 -3.96 -41.44 -23.45
CA GLN E 199 -5.30 -41.22 -22.96
C GLN E 199 -6.23 -41.95 -23.92
N PHE E 200 -6.82 -43.05 -23.47
CA PHE E 200 -7.83 -43.77 -24.26
C PHE E 200 -9.23 -43.34 -23.80
N TYR E 201 -9.45 -42.03 -23.85
CA TYR E 201 -10.69 -41.44 -23.38
C TYR E 201 -10.84 -40.04 -23.98
N ASN E 202 -12.05 -39.48 -23.83
CA ASN E 202 -12.44 -38.18 -24.36
C ASN E 202 -12.34 -38.08 -25.88
N GLN E 203 -12.41 -39.20 -26.62
CA GLN E 203 -12.33 -39.12 -28.07
C GLN E 203 -13.61 -39.59 -28.75
N GLY E 204 -14.71 -39.69 -27.99
CA GLY E 204 -16.00 -40.04 -28.53
C GLY E 204 -16.04 -41.29 -29.39
N GLY E 205 -16.44 -41.13 -30.64
CA GLY E 205 -16.57 -42.22 -31.58
C GLY E 205 -15.30 -42.54 -32.31
N ASP E 206 -14.18 -41.91 -31.96
CA ASP E 206 -12.93 -42.32 -32.56
C ASP E 206 -12.55 -43.71 -32.03
N GLY E 207 -11.73 -44.43 -32.78
CA GLY E 207 -11.39 -45.79 -32.40
C GLY E 207 -10.46 -46.47 -33.38
N ILE E 208 -10.73 -47.74 -33.69
CA ILE E 208 -9.83 -48.53 -34.50
C ILE E 208 -10.65 -49.46 -35.37
N TRP E 209 -10.28 -49.57 -36.64
CA TRP E 209 -10.89 -50.56 -37.50
C TRP E 209 -10.11 -51.86 -37.33
N VAL E 210 -10.83 -52.97 -37.17
CA VAL E 210 -10.23 -54.28 -36.96
C VAL E 210 -10.83 -55.25 -37.94
N ASP E 211 -10.02 -55.68 -38.91
CA ASP E 211 -10.44 -56.70 -39.87
C ASP E 211 -11.01 -57.90 -39.14
N GLY E 212 -12.18 -58.34 -39.59
CA GLY E 212 -12.90 -59.43 -38.97
C GLY E 212 -13.92 -59.00 -37.96
N VAL E 213 -13.78 -57.80 -37.39
CA VAL E 213 -14.64 -57.39 -36.30
C VAL E 213 -15.50 -56.20 -36.73
N GLY E 214 -14.85 -55.09 -37.06
CA GLY E 214 -15.57 -53.91 -37.47
C GLY E 214 -14.93 -52.67 -36.91
N TRP E 215 -15.73 -51.62 -36.77
CA TRP E 215 -15.26 -50.36 -36.21
C TRP E 215 -15.46 -50.40 -34.69
N ILE E 216 -14.36 -50.43 -33.95
CA ILE E 216 -14.43 -50.47 -32.49
C ILE E 216 -14.19 -49.07 -31.93
N ALA E 217 -15.25 -48.42 -31.44
CA ALA E 217 -15.16 -47.05 -30.99
C ALA E 217 -14.74 -46.97 -29.53
N GLN E 218 -13.99 -45.93 -29.20
CA GLN E 218 -13.62 -45.69 -27.82
C GLN E 218 -14.83 -45.45 -26.94
N ASN E 219 -16.01 -45.18 -27.50
CA ASN E 219 -17.17 -44.98 -26.64
C ASN E 219 -18.16 -46.12 -26.71
N ASN E 220 -17.78 -47.26 -27.30
CA ASN E 220 -18.64 -48.43 -27.38
C ASN E 220 -18.45 -49.29 -26.13
N ASP E 221 -19.43 -49.24 -25.24
CA ASP E 221 -19.36 -49.98 -24.00
C ASP E 221 -19.52 -51.48 -24.20
N ALA E 222 -20.30 -51.91 -25.21
CA ALA E 222 -20.44 -53.33 -25.50
C ALA E 222 -19.14 -53.95 -25.97
N LEU E 223 -18.22 -53.14 -26.52
CA LEU E 223 -16.99 -53.62 -27.13
C LEU E 223 -15.75 -53.16 -26.36
N LYS E 224 -15.89 -52.86 -25.07
CA LYS E 224 -14.76 -52.28 -24.33
C LYS E 224 -13.58 -53.25 -24.20
N GLU E 225 -13.82 -54.56 -23.99
CA GLU E 225 -12.67 -55.46 -23.97
C GLU E 225 -11.95 -55.47 -25.31
N GLU E 226 -12.73 -55.48 -26.41
CA GLU E 226 -12.16 -55.50 -27.76
C GLU E 226 -11.38 -54.21 -28.04
N PHE E 227 -11.96 -53.06 -27.70
CA PHE E 227 -11.24 -51.79 -27.81
C PHE E 227 -9.90 -51.82 -27.07
N ILE E 228 -9.92 -52.12 -25.75
CA ILE E 228 -8.68 -52.14 -24.99
C ILE E 228 -7.67 -53.10 -25.62
N TYR E 229 -8.13 -54.31 -25.97
CA TYR E 229 -7.21 -55.32 -26.48
C TYR E 229 -6.65 -54.93 -27.84
N TYR E 230 -7.53 -54.60 -28.80
CA TYR E 230 -7.07 -54.39 -30.17
C TYR E 230 -6.24 -53.11 -30.31
N ILE E 231 -6.59 -52.04 -29.59
CA ILE E 231 -5.75 -50.85 -29.76
C ILE E 231 -4.39 -51.06 -29.08
N SER E 232 -4.35 -51.82 -27.98
CA SER E 232 -3.06 -52.16 -27.37
C SER E 232 -2.27 -53.07 -28.27
N ASP E 233 -2.91 -54.12 -28.79
CA ASP E 233 -2.23 -55.05 -29.68
C ASP E 233 -1.67 -54.32 -30.89
N SER E 234 -2.42 -53.30 -31.37
CA SER E 234 -1.98 -52.53 -32.54
C SER E 234 -0.76 -51.68 -32.20
N LEU E 235 -0.80 -50.98 -31.08
CA LEU E 235 0.32 -50.15 -30.66
C LEU E 235 1.55 -51.00 -30.35
N ILE E 236 1.40 -52.12 -29.63
CA ILE E 236 2.60 -52.86 -29.21
C ILE E 236 3.23 -53.62 -30.36
N ASN E 237 2.56 -53.74 -31.50
CA ASN E 237 3.15 -54.38 -32.68
C ASN E 237 3.30 -53.42 -33.86
N GLY E 238 2.95 -52.15 -33.70
CA GLY E 238 2.88 -51.21 -34.82
C GLY E 238 2.03 -51.66 -35.98
N THR E 239 0.86 -52.23 -35.71
CA THR E 239 -0.03 -52.72 -36.75
C THR E 239 -1.31 -51.88 -36.78
N ARG E 240 -2.14 -52.18 -37.78
CA ARG E 240 -3.44 -51.52 -37.92
C ARG E 240 -3.32 -50.00 -38.01
N GLY E 241 -2.23 -49.52 -38.58
CA GLY E 241 -2.07 -48.09 -38.77
C GLY E 241 -1.59 -47.33 -37.58
N PHE E 242 -0.93 -47.98 -36.62
CA PHE E 242 -0.46 -47.28 -35.43
C PHE E 242 1.05 -47.36 -35.32
N HIS E 243 1.63 -46.29 -34.76
CA HIS E 243 3.05 -46.25 -34.44
C HIS E 243 3.34 -47.23 -33.30
N LYS E 244 4.48 -47.93 -33.38
CA LYS E 244 4.79 -48.93 -32.37
C LYS E 244 5.21 -48.27 -31.05
N ILE E 245 4.58 -48.69 -29.96
CA ILE E 245 5.08 -48.47 -28.61
C ILE E 245 5.34 -49.84 -27.99
N PRO E 246 6.57 -50.17 -27.58
CA PRO E 246 6.82 -51.51 -27.00
C PRO E 246 5.97 -51.74 -25.76
N HIS E 247 5.48 -52.99 -25.62
CA HIS E 247 4.47 -53.29 -24.59
C HIS E 247 4.96 -53.00 -23.17
N ASP E 248 6.24 -53.20 -22.90
CA ASP E 248 6.81 -52.87 -21.59
C ASP E 248 6.90 -51.37 -21.36
N LYS E 249 6.65 -50.57 -22.41
CA LYS E 249 6.58 -49.12 -22.28
C LYS E 249 5.19 -48.56 -22.59
N LEU E 250 4.15 -49.40 -22.50
CA LEU E 250 2.78 -48.97 -22.76
C LEU E 250 1.94 -49.09 -21.49
N VAL E 251 1.35 -47.98 -21.06
CA VAL E 251 0.50 -47.89 -19.88
C VAL E 251 -0.88 -47.42 -20.36
N PHE E 252 -1.94 -48.11 -19.97
CA PHE E 252 -3.27 -47.86 -20.55
C PHE E 252 -4.02 -46.84 -19.70
N GLY E 253 -4.25 -45.65 -20.27
CA GLY E 253 -4.84 -44.56 -19.51
C GLY E 253 -6.35 -44.52 -19.71
N ILE E 254 -7.10 -44.50 -18.61
CA ILE E 254 -8.57 -44.47 -18.65
C ILE E 254 -9.07 -43.54 -17.56
N PRO E 255 -10.34 -43.11 -17.63
CA PRO E 255 -10.88 -42.20 -16.60
C PRO E 255 -11.24 -42.92 -15.30
N SER E 256 -11.13 -42.20 -14.18
CA SER E 256 -11.49 -42.86 -12.93
C SER E 256 -13.01 -42.92 -12.75
N SER E 257 -13.77 -42.14 -13.51
CA SER E 257 -15.22 -42.12 -13.40
C SER E 257 -15.77 -41.35 -14.60
N ILE E 258 -17.10 -41.46 -14.78
CA ILE E 258 -17.77 -40.65 -15.79
C ILE E 258 -17.66 -39.17 -15.47
N ASP E 259 -17.41 -38.82 -14.19
CA ASP E 259 -17.13 -37.43 -13.88
C ASP E 259 -15.74 -37.01 -14.37
N ALA E 260 -14.75 -37.92 -14.25
CA ALA E 260 -13.37 -37.61 -14.59
C ALA E 260 -13.18 -37.28 -16.05
N ALA E 261 -14.01 -37.84 -16.93
CA ALA E 261 -13.87 -37.61 -18.36
C ALA E 261 -15.25 -37.75 -19.01
N ALA E 262 -15.35 -37.26 -20.24
CA ALA E 262 -16.63 -37.27 -20.94
C ALA E 262 -16.98 -38.67 -21.41
N THR E 263 -16.06 -39.30 -22.14
CA THR E 263 -16.20 -40.65 -22.65
C THR E 263 -14.94 -41.45 -22.29
N GLY E 264 -15.06 -42.77 -22.32
CA GLY E 264 -13.92 -43.67 -22.12
C GLY E 264 -13.93 -44.44 -20.82
N PHE E 265 -14.82 -44.09 -19.89
CA PHE E 265 -14.89 -44.82 -18.63
C PHE E 265 -15.21 -46.30 -18.88
N VAL E 266 -14.56 -47.17 -18.09
CA VAL E 266 -14.70 -48.62 -18.24
C VAL E 266 -15.76 -49.09 -17.24
N GLN E 267 -16.94 -49.45 -17.75
CA GLN E 267 -18.02 -49.82 -16.84
C GLN E 267 -17.71 -51.11 -16.12
N ASP E 268 -17.18 -52.10 -16.82
CA ASP E 268 -16.88 -53.38 -16.20
C ASP E 268 -15.37 -53.59 -16.22
N PRO E 269 -14.68 -53.43 -15.10
CA PRO E 269 -13.23 -53.65 -15.09
C PRO E 269 -12.82 -55.01 -15.58
N GLN E 270 -13.72 -56.01 -15.54
CA GLN E 270 -13.37 -57.32 -16.10
C GLN E 270 -12.95 -57.20 -17.56
N ASP E 271 -13.52 -56.23 -18.29
CA ASP E 271 -13.13 -56.02 -19.68
C ASP E 271 -11.65 -55.65 -19.78
N LEU E 272 -11.16 -54.79 -18.89
CA LEU E 272 -9.74 -54.49 -18.86
C LEU E 272 -8.94 -55.70 -18.41
N TYR E 273 -9.37 -56.37 -17.33
CA TYR E 273 -8.61 -57.53 -16.85
C TYR E 273 -8.45 -58.56 -17.98
N ASP E 274 -9.55 -58.87 -18.71
CA ASP E 274 -9.48 -59.88 -19.78
C ASP E 274 -8.60 -59.41 -20.94
N ALA E 275 -8.74 -58.14 -21.35
CA ALA E 275 -7.88 -57.61 -22.39
C ALA E 275 -6.41 -57.74 -21.99
N PHE E 276 -6.09 -57.33 -20.77
CA PHE E 276 -4.70 -57.40 -20.29
C PHE E 276 -4.22 -58.84 -20.22
N GLU E 277 -5.10 -59.73 -19.80
CA GLU E 277 -4.74 -61.14 -19.74
C GLU E 277 -4.39 -61.69 -21.12
N THR E 278 -5.20 -61.38 -22.12
CA THR E 278 -4.88 -61.81 -23.49
C THR E 278 -3.53 -61.28 -23.94
N LEU E 279 -3.26 -59.99 -23.68
CA LEU E 279 -1.96 -59.43 -24.01
C LEU E 279 -0.83 -60.13 -23.29
N THR E 280 -1.01 -60.43 -22.00
CA THR E 280 0.06 -61.08 -21.25
C THR E 280 0.34 -62.48 -21.79
N THR E 281 -0.72 -63.23 -22.09
CA THR E 281 -0.60 -64.61 -22.56
C THR E 281 0.06 -64.70 -23.93
N GLN E 282 -0.06 -63.67 -24.78
CA GLN E 282 0.60 -63.72 -26.08
C GLN E 282 2.04 -63.19 -26.00
N GLY E 283 2.54 -62.91 -24.80
CA GLY E 283 3.93 -62.53 -24.65
C GLY E 283 4.14 -61.03 -24.59
N GLN E 284 3.08 -60.23 -24.54
CA GLN E 284 3.21 -58.78 -24.61
C GLN E 284 2.43 -58.08 -23.51
N PRO E 285 2.73 -58.38 -22.23
CA PRO E 285 2.02 -57.70 -21.13
C PRO E 285 2.27 -56.20 -21.15
N LEU E 286 1.21 -55.42 -20.86
CA LEU E 286 1.36 -53.98 -20.68
C LEU E 286 1.98 -53.65 -19.32
N ARG E 287 2.47 -52.42 -19.23
CA ARG E 287 3.20 -52.02 -18.04
C ARG E 287 2.27 -51.61 -16.90
N GLY E 288 1.02 -51.33 -17.17
CA GLY E 288 0.08 -51.02 -16.12
C GLY E 288 -1.02 -50.14 -16.66
N VAL E 289 -1.54 -49.31 -15.76
CA VAL E 289 -2.76 -48.54 -15.94
C VAL E 289 -2.46 -47.11 -15.53
N MET E 290 -3.10 -46.16 -16.23
CA MET E 290 -3.04 -44.75 -15.83
C MET E 290 -4.47 -44.26 -15.67
N THR E 291 -4.65 -43.27 -14.79
CA THR E 291 -5.98 -42.69 -14.71
C THR E 291 -5.92 -41.19 -14.46
N TRP E 292 -6.86 -40.49 -15.09
CA TRP E 292 -7.33 -39.18 -14.66
C TRP E 292 -8.61 -39.43 -13.88
N SER E 293 -8.60 -39.21 -12.55
CA SER E 293 -7.45 -38.74 -11.75
C SER E 293 -7.57 -39.24 -10.31
N ILE E 294 -6.49 -39.07 -9.52
CA ILE E 294 -6.53 -39.42 -8.10
C ILE E 294 -7.64 -38.65 -7.40
N ASN E 295 -7.77 -37.36 -7.70
CA ASN E 295 -8.73 -36.52 -6.98
C ASN E 295 -10.16 -36.95 -7.29
N TRP E 296 -10.43 -37.28 -8.56
CA TRP E 296 -11.76 -37.79 -8.93
C TRP E 296 -12.04 -39.10 -8.23
N ASP E 297 -11.06 -40.00 -8.16
CA ASP E 297 -11.22 -41.25 -7.42
C ASP E 297 -11.48 -41.00 -5.94
N MET E 298 -11.17 -39.81 -5.45
CA MET E 298 -11.35 -39.46 -4.06
C MET E 298 -12.50 -38.49 -3.86
N GLY E 299 -13.23 -38.16 -4.91
CA GLY E 299 -14.23 -37.14 -4.93
C GLY E 299 -15.64 -37.65 -4.79
N THR E 300 -16.58 -36.92 -5.40
CA THR E 300 -18.00 -37.16 -5.23
C THR E 300 -18.72 -36.92 -6.55
N ASN E 301 -19.83 -37.64 -6.75
CA ASN E 301 -20.65 -37.38 -7.92
C ASN E 301 -21.66 -36.27 -7.63
N LYS E 302 -22.53 -36.00 -8.61
CA LYS E 302 -23.50 -34.92 -8.51
C LYS E 302 -24.48 -35.10 -7.36
N ASN E 303 -24.61 -36.31 -6.82
CA ASN E 303 -25.47 -36.58 -5.67
C ASN E 303 -24.70 -36.61 -4.36
N GLY E 304 -23.42 -36.25 -4.37
CA GLY E 304 -22.63 -36.27 -3.15
C GLY E 304 -22.27 -37.66 -2.64
N GLN E 305 -22.41 -38.69 -3.47
CA GLN E 305 -21.94 -40.00 -3.07
C GLN E 305 -20.43 -40.07 -3.24
N GLN E 306 -19.79 -40.76 -2.32
CA GLN E 306 -18.33 -40.88 -2.33
C GLN E 306 -17.91 -41.86 -3.42
N TYR E 307 -17.15 -41.37 -4.42
CA TYR E 307 -16.47 -42.29 -5.34
C TYR E 307 -15.63 -43.30 -4.59
N ASN E 308 -15.05 -42.86 -3.47
CA ASN E 308 -14.53 -43.78 -2.46
C ASN E 308 -13.44 -44.70 -3.04
N GLU E 309 -12.53 -44.12 -3.84
CA GLU E 309 -11.33 -44.84 -4.31
C GLU E 309 -11.67 -46.14 -5.04
N GLN E 310 -12.79 -46.11 -5.78
CA GLN E 310 -13.25 -47.27 -6.53
C GLN E 310 -12.24 -47.69 -7.60
N PHE E 311 -11.69 -46.70 -8.33
CA PHE E 311 -10.75 -47.00 -9.40
C PHE E 311 -9.51 -47.71 -8.87
N ILE E 312 -8.86 -47.13 -7.87
CA ILE E 312 -7.63 -47.75 -7.40
C ILE E 312 -7.93 -49.07 -6.69
N LYS E 313 -9.13 -49.21 -6.12
CA LYS E 313 -9.54 -50.52 -5.60
C LYS E 313 -9.75 -51.51 -6.75
N ASP E 314 -10.29 -51.05 -7.87
CA ASP E 314 -10.47 -51.93 -9.03
C ASP E 314 -9.14 -52.32 -9.69
N TYR E 315 -8.19 -51.39 -9.79
CA TYR E 315 -7.02 -51.65 -10.66
C TYR E 315 -5.69 -51.76 -9.94
N GLY E 316 -5.56 -51.25 -8.71
CA GLY E 316 -4.34 -51.39 -7.96
C GLY E 316 -3.94 -52.82 -7.66
N PRO E 317 -4.81 -53.58 -7.00
CA PRO E 317 -4.46 -54.98 -6.70
C PRO E 317 -4.20 -55.78 -7.98
N PHE E 318 -4.93 -55.46 -9.05
CA PHE E 318 -4.74 -56.15 -10.33
C PHE E 318 -3.33 -55.89 -10.88
N VAL E 319 -2.91 -54.64 -10.94
CA VAL E 319 -1.60 -54.31 -11.50
C VAL E 319 -0.47 -54.82 -10.60
N HIS E 320 -0.55 -54.55 -9.30
CA HIS E 320 0.55 -54.89 -8.40
C HIS E 320 0.63 -56.38 -8.09
N GLY E 321 -0.45 -57.13 -8.31
CA GLY E 321 -0.41 -58.57 -8.11
C GLY E 321 0.50 -59.33 -9.06
N PRO F 5 0.91 10.54 -37.37
CA PRO F 5 -0.30 10.67 -38.18
C PRO F 5 -0.10 9.99 -39.52
N MET F 6 0.48 8.79 -39.45
CA MET F 6 0.78 8.03 -40.65
C MET F 6 -0.46 7.30 -41.16
N THR F 7 -0.71 6.09 -40.65
CA THR F 7 -1.61 5.16 -41.32
C THR F 7 -3.07 5.61 -41.21
N ASN F 8 -3.72 5.78 -42.38
CA ASN F 8 -5.15 6.09 -42.51
C ASN F 8 -5.85 4.96 -43.25
N PRO F 9 -7.12 4.70 -42.91
CA PRO F 9 -7.89 3.69 -43.64
C PRO F 9 -8.37 4.21 -44.98
N ASP F 10 -8.57 3.28 -45.92
CA ASP F 10 -8.99 3.63 -47.26
C ASP F 10 -10.49 3.57 -47.45
N SER F 11 -11.15 2.57 -46.87
CA SER F 11 -12.60 2.45 -46.95
C SER F 11 -13.21 2.18 -45.58
N GLY F 12 -13.91 1.05 -45.43
CA GLY F 12 -14.62 0.75 -44.20
C GLY F 12 -13.70 0.49 -43.02
N VAL F 13 -14.26 0.65 -41.81
CA VAL F 13 -13.50 0.48 -40.59
C VAL F 13 -14.27 -0.42 -39.64
N VAL F 14 -13.56 -1.30 -38.94
CA VAL F 14 -14.02 -1.89 -37.69
C VAL F 14 -13.10 -1.35 -36.63
N VAL F 15 -13.64 -0.48 -35.76
CA VAL F 15 -12.85 0.11 -34.69
C VAL F 15 -13.00 -0.77 -33.46
N GLY F 16 -11.88 -1.13 -32.86
CA GLY F 16 -11.87 -1.87 -31.60
C GLY F 16 -11.13 -1.10 -30.54
N TYR F 17 -11.65 -1.14 -29.33
CA TYR F 17 -10.90 -0.52 -28.24
C TYR F 17 -10.00 -1.57 -27.61
N TRP F 18 -8.86 -1.10 -27.11
CA TRP F 18 -7.78 -1.93 -26.58
C TRP F 18 -7.51 -1.46 -25.16
N HIS F 19 -7.67 -2.36 -24.20
CA HIS F 19 -7.54 -1.95 -22.79
C HIS F 19 -6.07 -1.81 -22.44
N ASN F 20 -5.73 -0.67 -21.84
CA ASN F 20 -4.45 -0.49 -21.17
C ASN F 20 -4.50 -0.99 -19.72
N TRP F 21 -5.05 -2.19 -19.49
CA TRP F 21 -5.15 -2.76 -18.15
C TRP F 21 -5.51 -4.24 -18.27
N CYS F 22 -5.41 -4.96 -17.16
CA CYS F 22 -5.57 -6.41 -17.19
C CYS F 22 -6.78 -6.83 -16.35
N ASP F 23 -7.34 -7.98 -16.71
CA ASP F 23 -8.40 -8.69 -15.98
C ASP F 23 -9.52 -7.76 -15.50
N GLY F 24 -10.20 -7.12 -16.47
CA GLY F 24 -11.39 -6.35 -16.17
C GLY F 24 -12.59 -7.25 -15.99
N GLY F 25 -13.54 -6.80 -15.18
CA GLY F 25 -14.74 -7.57 -14.91
C GLY F 25 -15.90 -7.11 -15.77
N GLY F 26 -16.76 -8.05 -16.15
CA GLY F 26 -17.86 -7.75 -17.05
C GLY F 26 -19.16 -7.45 -16.33
N TYR F 27 -20.10 -6.86 -17.08
CA TYR F 27 -21.44 -6.61 -16.57
C TYR F 27 -22.20 -7.90 -16.26
N GLN F 28 -21.77 -9.02 -16.83
CA GLN F 28 -22.40 -10.28 -16.53
C GLN F 28 -21.39 -11.28 -15.96
N GLY F 29 -20.37 -10.79 -15.25
CA GLY F 29 -19.50 -11.69 -14.51
C GLY F 29 -18.27 -12.19 -15.24
N GLY F 30 -18.10 -11.84 -16.52
CA GLY F 30 -16.97 -12.32 -17.28
C GLY F 30 -15.67 -11.59 -16.96
N ASN F 31 -14.63 -11.93 -17.73
CA ASN F 31 -13.29 -11.43 -17.52
C ASN F 31 -12.69 -11.00 -18.85
N ALA F 32 -12.15 -9.80 -18.89
CA ALA F 32 -11.48 -9.29 -20.06
C ALA F 32 -9.99 -9.26 -19.80
N PRO F 33 -9.21 -10.15 -20.40
CA PRO F 33 -7.77 -10.15 -20.18
C PRO F 33 -7.11 -9.03 -20.97
N CYS F 34 -5.97 -8.59 -20.46
CA CYS F 34 -5.11 -7.78 -21.31
C CYS F 34 -4.53 -8.65 -22.42
N VAL F 35 -4.35 -8.04 -23.59
CA VAL F 35 -3.74 -8.71 -24.73
C VAL F 35 -2.72 -7.75 -25.34
N THR F 36 -1.79 -8.31 -26.11
CA THR F 36 -0.78 -7.49 -26.79
C THR F 36 -1.33 -7.03 -28.14
N LEU F 37 -0.74 -5.94 -28.65
CA LEU F 37 -1.21 -5.43 -29.94
C LEU F 37 -1.18 -6.49 -31.02
N ASP F 38 -0.10 -7.29 -31.11
CA ASP F 38 -0.04 -8.24 -32.23
C ASP F 38 -0.93 -9.45 -32.06
N GLU F 39 -1.57 -9.63 -30.90
CA GLU F 39 -2.60 -10.66 -30.80
C GLU F 39 -3.91 -10.24 -31.43
N VAL F 40 -4.09 -8.93 -31.66
CA VAL F 40 -5.38 -8.41 -32.11
C VAL F 40 -5.65 -8.89 -33.54
N ASN F 41 -6.85 -9.42 -33.75
CA ASN F 41 -7.27 -9.81 -35.10
C ASN F 41 -7.04 -8.65 -36.06
N PRO F 42 -6.49 -8.90 -37.25
CA PRO F 42 -6.16 -7.78 -38.15
C PRO F 42 -7.39 -7.06 -38.71
N MET F 43 -8.56 -7.71 -38.72
CA MET F 43 -9.79 -7.08 -39.17
C MET F 43 -10.19 -5.89 -38.28
N TYR F 44 -9.74 -5.85 -37.03
CA TYR F 44 -9.78 -4.57 -36.31
C TYR F 44 -8.77 -3.65 -36.97
N ASN F 45 -9.17 -2.90 -38.00
CA ASN F 45 -8.17 -2.08 -38.68
C ASN F 45 -7.98 -0.72 -38.03
N ILE F 46 -8.85 -0.32 -37.11
CA ILE F 46 -8.59 0.83 -36.24
C ILE F 46 -8.57 0.30 -34.82
N VAL F 47 -7.46 0.51 -34.12
CA VAL F 47 -7.28 -0.02 -32.78
C VAL F 47 -7.03 1.15 -31.83
N ASN F 48 -7.92 1.33 -30.84
CA ASN F 48 -7.95 2.53 -30.01
C ASN F 48 -7.45 2.18 -28.61
N VAL F 49 -6.25 2.68 -28.29
CA VAL F 49 -5.60 2.43 -27.00
C VAL F 49 -6.27 3.28 -25.91
N SER F 50 -6.71 2.62 -24.83
CA SER F 50 -7.59 3.24 -23.85
C SER F 50 -7.00 3.07 -22.47
N PHE F 51 -6.75 4.18 -21.76
CA PHE F 51 -7.07 5.56 -22.16
C PHE F 51 -5.93 6.53 -21.87
N MET F 52 -5.94 7.65 -22.59
CA MET F 52 -5.19 8.83 -22.21
C MET F 52 -5.96 9.58 -21.13
N LYS F 53 -5.28 9.91 -20.03
CA LYS F 53 -5.98 10.52 -18.91
C LYS F 53 -4.98 11.20 -17.98
N VAL F 54 -5.53 12.00 -17.07
CA VAL F 54 -4.78 12.59 -15.96
C VAL F 54 -4.58 11.49 -14.92
N TYR F 55 -3.36 10.95 -14.84
CA TYR F 55 -3.12 9.84 -13.93
C TYR F 55 -3.07 10.30 -12.47
N ASP F 56 -2.62 11.54 -12.24
CA ASP F 56 -2.54 12.12 -10.90
C ASP F 56 -2.91 13.58 -11.02
N VAL F 57 -3.86 14.02 -10.18
CA VAL F 57 -4.30 15.41 -10.22
C VAL F 57 -3.18 16.35 -9.80
N ALA F 58 -2.15 15.82 -9.14
CA ALA F 58 -1.00 16.62 -8.73
C ALA F 58 -0.13 17.03 -9.91
N ASP F 59 -0.08 16.21 -10.97
CA ASP F 59 0.79 16.44 -12.11
C ASP F 59 0.20 17.39 -13.15
N GLY F 60 -0.82 18.16 -12.78
CA GLY F 60 -1.41 19.13 -13.71
C GLY F 60 -2.65 18.58 -14.39
N ARG F 61 -3.28 19.45 -15.17
CA ARG F 61 -4.53 19.14 -15.84
C ARG F 61 -4.35 18.46 -17.19
N ILE F 62 -3.13 18.37 -17.71
CA ILE F 62 -2.94 17.89 -19.09
C ILE F 62 -2.87 16.36 -19.09
N PRO F 63 -3.69 15.68 -19.87
CA PRO F 63 -3.66 14.22 -19.89
C PRO F 63 -2.41 13.68 -20.56
N THR F 64 -2.05 12.46 -20.19
CA THR F 64 -0.91 11.77 -20.76
C THR F 64 -1.29 10.30 -20.94
N PHE F 65 -0.31 9.49 -21.33
CA PHE F 65 -0.50 8.06 -21.48
C PHE F 65 0.72 7.35 -20.92
N LYS F 66 0.51 6.48 -19.94
CA LYS F 66 1.57 5.66 -19.39
C LYS F 66 1.21 4.20 -19.62
N LEU F 67 2.04 3.49 -20.39
CA LEU F 67 1.84 2.06 -20.60
C LEU F 67 1.74 1.31 -19.27
N ASP F 68 0.83 0.32 -19.21
CA ASP F 68 0.69 -0.51 -18.01
C ASP F 68 1.62 -1.70 -18.10
N PRO F 69 2.62 -1.82 -17.22
CA PRO F 69 3.64 -2.87 -17.39
C PRO F 69 3.07 -4.27 -17.34
N THR F 70 2.02 -4.49 -16.55
CA THR F 70 1.49 -5.84 -16.32
C THR F 70 1.06 -6.53 -17.62
N ILE F 71 0.87 -5.78 -18.70
CA ILE F 71 0.50 -6.38 -19.97
C ILE F 71 1.64 -7.23 -20.54
N GLY F 72 2.87 -6.98 -20.10
CA GLY F 72 4.02 -7.74 -20.57
C GLY F 72 4.69 -7.16 -21.80
N LEU F 73 4.47 -5.89 -22.10
CA LEU F 73 5.12 -5.24 -23.23
C LEU F 73 6.02 -4.14 -22.70
N SER F 74 7.28 -4.17 -23.13
CA SER F 74 8.19 -3.07 -22.81
C SER F 74 7.83 -1.85 -23.65
N GLU F 75 8.29 -0.68 -23.19
CA GLU F 75 8.14 0.55 -23.96
C GLU F 75 8.41 0.33 -25.44
N GLU F 76 9.57 -0.27 -25.73
CA GLU F 76 9.96 -0.50 -27.11
C GLU F 76 9.12 -1.62 -27.74
N GLN F 77 8.76 -2.63 -26.96
CA GLN F 77 7.93 -3.70 -27.51
C GLN F 77 6.58 -3.16 -27.94
N PHE F 78 6.04 -2.21 -27.16
CA PHE F 78 4.79 -1.54 -27.50
C PHE F 78 4.94 -0.74 -28.79
N ILE F 79 6.00 0.07 -28.86
CA ILE F 79 6.21 0.93 -30.04
C ILE F 79 6.35 0.08 -31.30
N ASP F 80 7.16 -0.97 -31.22
CA ASP F 80 7.35 -1.84 -32.38
C ASP F 80 6.09 -2.63 -32.73
N GLN F 81 5.20 -2.84 -31.75
CA GLN F 81 3.88 -3.39 -32.04
C GLN F 81 3.07 -2.44 -32.90
N ILE F 82 3.09 -1.15 -32.54
CA ILE F 82 2.36 -0.14 -33.29
C ILE F 82 2.90 -0.03 -34.70
N SER F 83 4.24 0.01 -34.83
CA SER F 83 4.85 0.05 -36.16
C SER F 83 4.38 -1.10 -37.02
N GLU F 84 4.40 -2.33 -36.47
CA GLU F 84 4.00 -3.49 -37.26
C GLU F 84 2.54 -3.40 -37.70
N LEU F 85 1.68 -2.85 -36.83
CA LEU F 85 0.29 -2.64 -37.25
C LEU F 85 0.23 -1.61 -38.38
N ASN F 86 0.99 -0.51 -38.26
CA ASN F 86 1.06 0.47 -39.33
C ASN F 86 1.51 -0.15 -40.64
N LYS F 87 2.54 -1.02 -40.59
CA LYS F 87 2.96 -1.77 -41.76
C LYS F 87 1.82 -2.58 -42.36
N GLN F 88 0.91 -3.08 -41.52
CA GLN F 88 -0.25 -3.81 -42.04
C GLN F 88 -1.31 -2.89 -42.66
N GLY F 89 -1.11 -1.57 -42.61
CA GLY F 89 -2.13 -0.63 -43.06
C GLY F 89 -3.22 -0.41 -42.03
N ARG F 90 -2.89 -0.53 -40.75
CA ARG F 90 -3.83 -0.40 -39.64
C ARG F 90 -3.42 0.80 -38.81
N SER F 91 -4.41 1.43 -38.19
CA SER F 91 -4.21 2.64 -37.43
C SER F 91 -4.35 2.34 -35.94
N VAL F 92 -3.52 3.01 -35.13
CA VAL F 92 -3.52 2.83 -33.69
C VAL F 92 -3.73 4.22 -33.10
N LEU F 93 -4.97 4.50 -32.67
CA LEU F 93 -5.35 5.78 -32.11
C LEU F 93 -5.19 5.76 -30.60
N LEU F 94 -4.93 6.94 -30.05
CA LEU F 94 -4.98 7.14 -28.61
C LEU F 94 -6.38 7.63 -28.23
N ALA F 95 -7.09 6.87 -27.37
CA ALA F 95 -8.43 7.25 -26.93
C ALA F 95 -8.33 8.07 -25.64
N LEU F 96 -8.84 9.30 -25.70
CA LEU F 96 -8.80 10.23 -24.58
C LEU F 96 -10.05 10.07 -23.73
N GLY F 97 -9.89 9.85 -22.42
CA GLY F 97 -11.04 9.87 -21.54
C GLY F 97 -11.21 8.61 -20.70
N GLY F 98 -12.39 8.00 -20.79
CA GLY F 98 -12.75 6.88 -19.93
C GLY F 98 -13.19 7.38 -18.55
N ALA F 99 -13.67 6.43 -17.75
CA ALA F 99 -14.15 6.76 -16.41
C ALA F 99 -13.00 7.23 -15.53
N ASP F 100 -13.32 8.16 -14.62
CA ASP F 100 -12.34 8.69 -13.67
C ASP F 100 -11.10 9.17 -14.39
N ALA F 101 -11.28 9.87 -15.51
CA ALA F 101 -10.15 10.36 -16.29
C ALA F 101 -9.60 11.69 -15.79
N HIS F 102 -10.38 12.45 -15.02
CA HIS F 102 -9.92 13.73 -14.46
C HIS F 102 -9.53 14.70 -15.57
N VAL F 103 -10.29 14.68 -16.66
CA VAL F 103 -10.10 15.59 -17.78
C VAL F 103 -11.03 16.78 -17.53
N GLU F 104 -10.45 17.89 -17.07
CA GLU F 104 -11.19 19.10 -16.78
C GLU F 104 -10.39 20.30 -17.26
N LEU F 105 -10.00 20.26 -18.54
CA LEU F 105 -9.15 21.30 -19.12
C LEU F 105 -9.86 22.65 -19.08
N GLU F 106 -9.06 23.71 -18.97
CA GLU F 106 -9.56 25.07 -18.89
C GLU F 106 -8.94 25.92 -19.99
N THR F 107 -9.65 27.00 -20.32
CA THR F 107 -9.20 27.94 -21.33
C THR F 107 -7.76 28.34 -21.09
N GLY F 108 -6.92 28.20 -22.11
CA GLY F 108 -5.51 28.43 -21.90
C GLY F 108 -4.67 27.19 -22.11
N ASP F 109 -5.08 26.05 -21.57
CA ASP F 109 -4.33 24.79 -21.66
C ASP F 109 -4.14 24.26 -23.13
N GLU F 110 -4.59 25.01 -24.13
CA GLU F 110 -4.65 24.48 -25.51
C GLU F 110 -3.27 24.03 -26.00
N ARG F 111 -2.24 24.85 -25.77
CA ARG F 111 -0.93 24.56 -26.35
C ARG F 111 -0.25 23.40 -25.61
N ALA F 112 -0.31 23.41 -24.27
CA ALA F 112 0.35 22.35 -23.51
C ALA F 112 -0.26 20.98 -23.81
N PHE F 113 -1.58 20.94 -24.03
CA PHE F 113 -2.25 19.70 -24.41
C PHE F 113 -1.80 19.23 -25.78
N ALA F 114 -1.93 20.09 -26.80
CA ALA F 114 -1.48 19.73 -28.14
C ALA F 114 -0.03 19.27 -28.13
N ASP F 115 0.81 19.92 -27.33
CA ASP F 115 2.23 19.53 -27.25
C ASP F 115 2.38 18.10 -26.74
N GLU F 116 1.53 17.70 -25.79
CA GLU F 116 1.64 16.35 -25.24
C GLU F 116 1.13 15.30 -26.22
N ILE F 117 0.03 15.61 -26.92
CA ILE F 117 -0.44 14.77 -28.02
C ILE F 117 0.70 14.53 -29.01
N ILE F 118 1.32 15.62 -29.47
CA ILE F 118 2.43 15.50 -30.43
C ILE F 118 3.53 14.63 -29.86
N ARG F 119 3.95 14.89 -28.62
CA ARG F 119 5.07 14.15 -28.03
C ARG F 119 4.81 12.65 -28.02
N LEU F 120 3.58 12.24 -27.64
CA LEU F 120 3.25 10.83 -27.53
C LEU F 120 3.07 10.20 -28.90
N THR F 121 2.47 10.94 -29.83
CA THR F 121 2.38 10.46 -31.21
C THR F 121 3.76 10.25 -31.80
N GLU F 122 4.73 11.10 -31.39
CA GLU F 122 6.11 10.94 -31.85
C GLU F 122 6.79 9.77 -31.16
N ARG F 123 6.54 9.61 -29.85
CA ARG F 123 7.20 8.53 -29.12
C ARG F 123 6.69 7.16 -29.56
N TYR F 124 5.37 6.98 -29.64
CA TYR F 124 4.78 5.65 -29.85
C TYR F 124 4.29 5.42 -31.26
N GLY F 125 4.15 6.47 -32.07
CA GLY F 125 3.69 6.28 -33.42
C GLY F 125 2.19 6.14 -33.55
N PHE F 126 1.42 6.81 -32.69
CA PHE F 126 -0.02 6.82 -32.86
C PHE F 126 -0.39 7.49 -34.19
N ASP F 127 -1.56 7.14 -34.71
CA ASP F 127 -2.07 7.69 -35.95
C ASP F 127 -3.21 8.68 -35.76
N GLY F 128 -3.57 9.00 -34.53
CA GLY F 128 -4.73 9.82 -34.27
C GLY F 128 -5.18 9.72 -32.82
N LEU F 129 -6.28 10.40 -32.53
CA LEU F 129 -6.84 10.47 -31.20
C LEU F 129 -8.36 10.36 -31.29
N ASP F 130 -8.95 9.58 -30.39
CA ASP F 130 -10.39 9.34 -30.31
C ASP F 130 -10.90 10.02 -29.04
N ILE F 131 -11.96 10.80 -29.16
CA ILE F 131 -12.51 11.51 -27.99
C ILE F 131 -13.56 10.60 -27.37
N ASP F 132 -13.27 10.10 -26.16
CA ASP F 132 -14.06 9.10 -25.49
C ASP F 132 -14.24 9.50 -24.04
N LEU F 133 -14.77 10.70 -23.81
CA LEU F 133 -14.93 11.20 -22.46
C LEU F 133 -16.07 10.45 -21.76
N GLU F 134 -15.93 10.23 -20.45
CA GLU F 134 -17.10 9.87 -19.65
C GLU F 134 -18.12 11.01 -19.68
N GLN F 135 -19.40 10.65 -19.50
CA GLN F 135 -20.51 11.58 -19.71
C GLN F 135 -20.33 12.87 -18.93
N ALA F 136 -19.84 12.77 -17.68
CA ALA F 136 -19.70 13.94 -16.82
C ALA F 136 -18.68 14.94 -17.38
N ALA F 137 -17.70 14.44 -18.13
CA ALA F 137 -16.65 15.27 -18.69
C ALA F 137 -17.06 16.03 -19.93
N VAL F 138 -18.16 15.63 -20.59
CA VAL F 138 -18.55 16.25 -21.87
C VAL F 138 -18.71 17.77 -21.73
N THR F 139 -19.27 18.23 -20.62
CA THR F 139 -19.46 19.67 -20.40
C THR F 139 -18.60 20.21 -19.27
N ALA F 140 -17.65 19.44 -18.76
CA ALA F 140 -16.85 19.90 -17.63
C ALA F 140 -15.84 20.96 -18.07
N ALA F 141 -15.69 21.98 -17.23
CA ALA F 141 -14.71 23.09 -17.39
C ALA F 141 -14.84 23.62 -18.82
N ASN F 142 -13.74 23.77 -19.57
CA ASN F 142 -13.80 24.25 -20.95
C ASN F 142 -13.44 23.14 -21.93
N ASN F 143 -13.76 21.89 -21.56
CA ASN F 143 -13.47 20.74 -22.42
C ASN F 143 -14.00 20.93 -23.83
N GLN F 144 -15.23 21.47 -23.96
CA GLN F 144 -15.87 21.59 -25.27
C GLN F 144 -15.09 22.50 -26.23
N THR F 145 -14.26 23.39 -25.71
CA THR F 145 -13.45 24.28 -26.55
C THR F 145 -11.97 23.98 -26.50
N VAL F 146 -11.41 23.70 -25.31
CA VAL F 146 -9.97 23.45 -25.19
C VAL F 146 -9.58 22.17 -25.94
N ILE F 147 -10.41 21.13 -25.86
CA ILE F 147 -10.05 19.86 -26.48
C ILE F 147 -10.13 20.02 -28.00
N PRO F 148 -11.14 20.68 -28.56
CA PRO F 148 -11.09 20.94 -30.01
C PRO F 148 -9.92 21.84 -30.41
N ASP F 149 -9.58 22.83 -29.59
CA ASP F 149 -8.49 23.74 -29.96
C ASP F 149 -7.19 23.00 -30.07
N ALA F 150 -6.82 22.24 -29.03
CA ALA F 150 -5.57 21.49 -29.06
C ALA F 150 -5.55 20.52 -30.24
N LEU F 151 -6.70 19.90 -30.55
CA LEU F 151 -6.75 19.00 -31.69
C LEU F 151 -6.55 19.75 -33.00
N LYS F 152 -7.10 20.96 -33.10
CA LYS F 152 -6.87 21.79 -34.28
C LYS F 152 -5.38 22.05 -34.46
N LEU F 153 -4.71 22.54 -33.41
CA LEU F 153 -3.26 22.72 -33.45
C LEU F 153 -2.58 21.44 -33.96
N VAL F 154 -2.95 20.30 -33.37
CA VAL F 154 -2.29 19.05 -33.70
C VAL F 154 -2.47 18.69 -35.17
N LYS F 155 -3.72 18.71 -35.65
CA LYS F 155 -3.98 18.28 -37.01
C LYS F 155 -3.39 19.24 -38.05
N ASP F 156 -3.26 20.51 -37.69
CA ASP F 156 -2.58 21.47 -38.57
C ASP F 156 -1.07 21.23 -38.58
N HIS F 157 -0.47 21.13 -37.39
CA HIS F 157 0.96 20.85 -37.26
C HIS F 157 1.37 19.65 -38.10
N TYR F 158 0.52 18.63 -38.20
CA TYR F 158 0.84 17.46 -38.97
C TYR F 158 0.38 17.54 -40.42
N ARG F 159 -0.58 18.42 -40.75
CA ARG F 159 -0.89 18.66 -42.16
C ARG F 159 0.29 19.31 -42.87
N ALA F 160 1.03 20.18 -42.15
CA ALA F 160 2.20 20.85 -42.69
C ALA F 160 3.29 19.87 -43.13
N GLU F 161 3.21 18.60 -42.72
CA GLU F 161 4.17 17.58 -43.12
C GLU F 161 3.55 16.52 -44.02
N GLY F 162 2.40 16.81 -44.63
CA GLY F 162 1.72 15.84 -45.46
C GLY F 162 0.90 14.78 -44.74
N LYS F 163 0.86 14.81 -43.41
CA LYS F 163 0.25 13.75 -42.60
C LYS F 163 -1.16 14.14 -42.15
N ASN F 164 -2.09 13.18 -42.23
CA ASN F 164 -3.45 13.37 -41.72
C ASN F 164 -3.58 12.69 -40.35
N PHE F 165 -3.56 13.49 -39.29
CA PHE F 165 -3.78 13.02 -37.92
C PHE F 165 -5.27 12.74 -37.71
N LEU F 166 -5.64 11.46 -37.61
CA LEU F 166 -7.04 11.07 -37.50
C LEU F 166 -7.67 11.61 -36.21
N ILE F 167 -8.88 12.17 -36.33
CA ILE F 167 -9.65 12.62 -35.17
C ILE F 167 -11.02 11.95 -35.21
N THR F 168 -11.30 11.11 -34.21
CA THR F 168 -12.60 10.46 -34.11
C THR F 168 -13.22 10.78 -32.76
N MET F 169 -14.51 10.46 -32.64
CA MET F 169 -15.28 10.84 -31.47
C MET F 169 -16.26 9.73 -31.13
N ALA F 170 -16.38 9.45 -29.83
CA ALA F 170 -17.26 8.40 -29.30
C ALA F 170 -18.28 9.00 -28.32
N PRO F 171 -19.19 9.85 -28.82
CA PRO F 171 -20.26 10.37 -27.95
C PRO F 171 -21.28 9.29 -27.62
N GLU F 172 -21.86 9.40 -26.42
CA GLU F 172 -23.07 8.66 -26.11
C GLU F 172 -24.21 9.18 -26.98
N PHE F 173 -24.92 8.26 -27.66
CA PHE F 173 -25.87 8.70 -28.67
C PHE F 173 -26.91 9.71 -28.20
N PRO F 174 -27.48 9.65 -26.97
CA PRO F 174 -28.51 10.67 -26.63
C PRO F 174 -28.00 12.12 -26.68
N TYR F 175 -26.70 12.35 -26.53
CA TYR F 175 -26.16 13.68 -26.58
C TYR F 175 -26.04 14.22 -28.00
N LEU F 176 -26.49 13.47 -28.99
CA LEU F 176 -26.40 13.90 -30.38
C LEU F 176 -27.70 14.52 -30.89
N THR F 177 -28.68 14.77 -30.01
CA THR F 177 -29.89 15.46 -30.43
C THR F 177 -29.54 16.88 -30.89
N THR F 178 -30.54 17.54 -31.51
CA THR F 178 -30.30 18.80 -32.21
C THR F 178 -29.60 19.81 -31.32
N GLY F 179 -30.06 19.98 -30.09
CA GLY F 179 -29.37 20.91 -29.22
C GLY F 179 -28.42 20.25 -28.23
N GLY F 180 -28.02 19.01 -28.54
CA GLY F 180 -27.45 18.14 -27.53
C GLY F 180 -26.11 18.60 -26.99
N LYS F 181 -25.75 18.01 -25.84
CA LYS F 181 -24.56 18.40 -25.10
C LYS F 181 -23.28 18.15 -25.88
N TYR F 182 -23.32 17.26 -26.87
CA TYR F 182 -22.09 16.89 -27.56
C TYR F 182 -21.88 17.69 -28.82
N VAL F 183 -22.91 18.43 -29.26
CA VAL F 183 -22.82 19.13 -30.54
C VAL F 183 -21.68 20.12 -30.60
N PRO F 184 -21.34 20.88 -29.52
CA PRO F 184 -20.09 21.66 -29.53
C PRO F 184 -18.85 20.95 -30.07
N TYR F 185 -18.60 19.69 -29.68
CA TYR F 185 -17.41 18.98 -30.18
C TYR F 185 -17.47 18.79 -31.69
N ILE F 186 -18.64 18.51 -32.24
CA ILE F 186 -18.73 18.29 -33.67
C ILE F 186 -18.66 19.63 -34.43
N ASP F 187 -19.37 20.65 -33.97
CA ASP F 187 -19.30 21.96 -34.62
C ASP F 187 -17.89 22.53 -34.55
N ASN F 188 -17.23 22.44 -33.39
CA ASN F 188 -15.89 23.00 -33.23
C ASN F 188 -14.80 22.18 -33.91
N LEU F 189 -15.14 21.11 -34.61
CA LEU F 189 -14.10 20.34 -35.31
C LEU F 189 -14.58 19.92 -36.70
N GLU F 190 -15.55 20.62 -37.25
CA GLU F 190 -15.94 20.39 -38.65
C GLU F 190 -14.79 20.74 -39.58
N GLY F 191 -14.55 19.87 -40.57
CA GLY F 191 -13.38 19.94 -41.41
C GLY F 191 -12.14 19.28 -40.83
N TYR F 192 -12.16 18.93 -39.54
CA TYR F 192 -11.05 18.30 -38.87
C TYR F 192 -11.29 16.82 -38.54
N TYR F 193 -12.51 16.45 -38.14
CA TYR F 193 -12.76 15.09 -37.69
C TYR F 193 -13.02 14.17 -38.88
N ASP F 194 -12.51 12.94 -38.78
CA ASP F 194 -12.57 11.96 -39.86
C ASP F 194 -13.81 11.08 -39.79
N TRP F 195 -14.19 10.61 -38.60
CA TRP F 195 -15.52 10.06 -38.44
C TRP F 195 -15.91 10.14 -36.97
N ILE F 196 -17.17 9.82 -36.72
CA ILE F 196 -17.71 9.77 -35.37
C ILE F 196 -18.30 8.38 -35.18
N ASN F 197 -17.90 7.71 -34.11
CA ASN F 197 -18.43 6.38 -33.80
C ASN F 197 -19.18 6.49 -32.49
N PRO F 198 -20.47 6.86 -32.53
CA PRO F 198 -21.24 6.98 -31.28
C PRO F 198 -21.36 5.64 -30.56
N GLN F 199 -21.57 5.74 -29.24
CA GLN F 199 -21.88 4.58 -28.42
C GLN F 199 -23.38 4.38 -28.47
N PHE F 200 -23.82 3.37 -29.21
CA PHE F 200 -25.24 3.00 -29.23
C PHE F 200 -25.53 1.87 -28.26
N TYR F 201 -25.06 2.06 -27.03
CA TYR F 201 -25.20 1.07 -25.96
C TYR F 201 -25.05 1.79 -24.63
N ASN F 202 -25.35 1.05 -23.55
CA ASN F 202 -25.24 1.53 -22.17
C ASN F 202 -26.21 2.67 -21.84
N GLN F 203 -27.21 2.91 -22.69
CA GLN F 203 -28.15 4.00 -22.42
C GLN F 203 -29.51 3.49 -21.92
N GLY F 204 -29.57 2.22 -21.50
CA GLY F 204 -30.82 1.70 -20.97
C GLY F 204 -31.98 1.81 -21.93
N GLY F 205 -33.07 2.39 -21.45
CA GLY F 205 -34.30 2.58 -22.21
C GLY F 205 -34.34 3.79 -23.12
N ASP F 206 -33.27 4.58 -23.19
CA ASP F 206 -33.24 5.69 -24.14
C ASP F 206 -33.25 5.14 -25.57
N GLY F 207 -33.49 6.01 -26.53
CA GLY F 207 -33.75 5.54 -27.88
C GLY F 207 -34.27 6.67 -28.76
N ILE F 208 -35.27 6.39 -29.58
CA ILE F 208 -35.79 7.38 -30.52
C ILE F 208 -37.26 7.10 -30.80
N TRP F 209 -38.04 8.19 -30.90
CA TRP F 209 -39.44 8.10 -31.31
C TRP F 209 -39.51 8.19 -32.82
N VAL F 210 -40.26 7.29 -33.45
CA VAL F 210 -40.47 7.29 -34.92
C VAL F 210 -41.97 7.20 -35.18
N ASP F 211 -42.56 8.28 -35.72
CA ASP F 211 -43.98 8.29 -36.03
C ASP F 211 -44.38 7.04 -36.80
N GLY F 212 -45.51 6.46 -36.42
CA GLY F 212 -45.99 5.25 -37.06
C GLY F 212 -45.38 3.96 -36.52
N VAL F 213 -44.29 4.04 -35.77
CA VAL F 213 -43.75 2.93 -35.00
C VAL F 213 -43.93 3.15 -33.50
N GLY F 214 -43.53 4.32 -33.02
CA GLY F 214 -43.56 4.58 -31.59
C GLY F 214 -42.15 4.66 -31.05
N TRP F 215 -42.00 4.35 -29.76
CA TRP F 215 -40.71 4.47 -29.12
C TRP F 215 -39.85 3.27 -29.47
N ILE F 216 -38.65 3.51 -29.95
CA ILE F 216 -37.71 2.45 -30.30
C ILE F 216 -36.53 2.55 -29.35
N ALA F 217 -36.55 1.73 -28.30
CA ALA F 217 -35.55 1.78 -27.25
C ALA F 217 -34.28 1.05 -27.68
N GLN F 218 -33.14 1.57 -27.23
CA GLN F 218 -31.84 0.97 -27.45
C GLN F 218 -31.68 -0.37 -26.74
N ASN F 219 -32.54 -0.70 -25.78
CA ASN F 219 -32.47 -2.01 -25.14
C ASN F 219 -33.62 -2.91 -25.58
N ASN F 220 -34.20 -2.62 -26.76
CA ASN F 220 -35.34 -3.40 -27.27
C ASN F 220 -34.80 -4.34 -28.34
N ASP F 221 -34.65 -5.61 -27.97
CA ASP F 221 -34.07 -6.59 -28.87
C ASP F 221 -35.02 -7.03 -29.95
N ALA F 222 -36.33 -6.89 -29.75
CA ALA F 222 -37.29 -7.14 -30.83
C ALA F 222 -37.20 -6.09 -31.94
N LEU F 223 -36.69 -4.89 -31.65
CA LEU F 223 -36.67 -3.80 -32.62
C LEU F 223 -35.25 -3.36 -32.96
N LYS F 224 -34.27 -4.26 -32.85
CA LYS F 224 -32.89 -3.83 -33.00
C LYS F 224 -32.62 -3.34 -34.41
N GLU F 225 -33.18 -3.99 -35.43
CA GLU F 225 -33.00 -3.50 -36.79
C GLU F 225 -33.60 -2.10 -36.93
N GLU F 226 -34.84 -1.95 -36.50
CA GLU F 226 -35.51 -0.65 -36.51
C GLU F 226 -34.68 0.40 -35.77
N PHE F 227 -34.12 0.02 -34.61
CA PHE F 227 -33.30 0.96 -33.85
C PHE F 227 -32.07 1.39 -34.63
N ILE F 228 -31.32 0.41 -35.17
CA ILE F 228 -30.10 0.73 -35.90
C ILE F 228 -30.41 1.57 -37.12
N TYR F 229 -31.42 1.17 -37.89
CA TYR F 229 -31.77 1.95 -39.08
C TYR F 229 -32.17 3.37 -38.71
N TYR F 230 -33.19 3.51 -37.85
CA TYR F 230 -33.81 4.82 -37.64
C TYR F 230 -32.88 5.79 -36.91
N ILE F 231 -32.12 5.33 -35.91
CA ILE F 231 -31.17 6.26 -35.29
C ILE F 231 -30.12 6.71 -36.31
N SER F 232 -29.63 5.78 -37.13
CA SER F 232 -28.61 6.12 -38.12
C SER F 232 -29.20 7.04 -39.19
N ASP F 233 -30.38 6.70 -39.69
CA ASP F 233 -31.06 7.51 -40.70
C ASP F 233 -31.26 8.93 -40.19
N SER F 234 -31.58 9.08 -38.90
CA SER F 234 -31.82 10.41 -38.34
C SER F 234 -30.53 11.21 -38.22
N LEU F 235 -29.45 10.57 -37.77
CA LEU F 235 -28.18 11.27 -37.66
C LEU F 235 -27.67 11.70 -39.03
N ILE F 236 -27.83 10.85 -40.04
CA ILE F 236 -27.18 11.16 -41.32
C ILE F 236 -28.00 12.13 -42.16
N ASN F 237 -29.24 12.41 -41.77
CA ASN F 237 -30.06 13.38 -42.43
C ASN F 237 -30.41 14.55 -41.52
N GLY F 238 -29.90 14.56 -40.30
CA GLY F 238 -30.32 15.54 -39.31
C GLY F 238 -31.82 15.58 -39.09
N THR F 239 -32.50 14.45 -39.19
CA THR F 239 -33.95 14.45 -38.95
C THR F 239 -34.30 13.89 -37.56
N ARG F 240 -35.61 13.86 -37.28
CA ARG F 240 -36.15 13.28 -36.03
C ARG F 240 -35.44 13.81 -34.78
N GLY F 241 -35.03 15.08 -34.82
CA GLY F 241 -34.47 15.71 -33.65
C GLY F 241 -33.01 15.43 -33.40
N PHE F 242 -32.27 14.94 -34.39
CA PHE F 242 -30.85 14.63 -34.23
C PHE F 242 -30.00 15.56 -35.08
N HIS F 243 -28.88 15.99 -34.50
CA HIS F 243 -27.85 16.70 -35.24
C HIS F 243 -27.34 15.85 -36.40
N LYS F 244 -26.91 16.50 -37.48
CA LYS F 244 -26.52 15.77 -38.67
C LYS F 244 -25.05 15.33 -38.58
N ILE F 245 -24.81 14.07 -38.86
CA ILE F 245 -23.47 13.50 -39.05
C ILE F 245 -23.45 12.86 -40.42
N PRO F 246 -22.62 13.34 -41.36
CA PRO F 246 -22.62 12.76 -42.73
C PRO F 246 -22.39 11.26 -42.69
N HIS F 247 -23.13 10.53 -43.53
CA HIS F 247 -23.17 9.07 -43.41
C HIS F 247 -21.80 8.43 -43.56
N ASP F 248 -20.91 9.02 -44.36
CA ASP F 248 -19.57 8.46 -44.47
C ASP F 248 -18.63 8.92 -43.36
N LYS F 249 -19.15 9.71 -42.42
CA LYS F 249 -18.44 10.03 -41.19
C LYS F 249 -19.10 9.39 -39.98
N LEU F 250 -19.97 8.40 -40.20
CA LEU F 250 -20.70 7.75 -39.11
C LEU F 250 -20.33 6.27 -39.03
N VAL F 251 -19.84 5.85 -37.85
CA VAL F 251 -19.46 4.48 -37.55
C VAL F 251 -20.32 4.00 -36.39
N PHE F 252 -21.00 2.87 -36.56
CA PHE F 252 -22.03 2.45 -35.59
C PHE F 252 -21.40 1.62 -34.45
N GLY F 253 -21.25 2.22 -33.26
CA GLY F 253 -20.60 1.56 -32.12
C GLY F 253 -21.54 0.68 -31.30
N ILE F 254 -21.12 -0.56 -31.05
CA ILE F 254 -21.94 -1.53 -30.32
C ILE F 254 -21.06 -2.41 -29.43
N PRO F 255 -21.63 -3.02 -28.37
CA PRO F 255 -20.82 -3.86 -27.47
C PRO F 255 -20.43 -5.19 -28.11
N SER F 256 -19.28 -5.73 -27.70
CA SER F 256 -18.85 -7.00 -28.28
C SER F 256 -19.60 -8.20 -27.68
N SER F 257 -20.21 -8.02 -26.50
CA SER F 257 -21.00 -9.06 -25.85
C SER F 257 -21.76 -8.42 -24.70
N ILE F 258 -22.62 -9.23 -24.07
CA ILE F 258 -23.34 -8.76 -22.88
C ILE F 258 -22.42 -8.50 -21.70
N ASP F 259 -21.18 -9.00 -21.71
CA ASP F 259 -20.25 -8.61 -20.67
C ASP F 259 -19.67 -7.23 -20.89
N ALA F 260 -19.65 -6.77 -22.14
CA ALA F 260 -18.91 -5.56 -22.45
C ALA F 260 -19.71 -4.29 -22.16
N ALA F 261 -21.05 -4.38 -22.09
CA ALA F 261 -21.92 -3.25 -21.80
C ALA F 261 -23.16 -3.76 -21.09
N ALA F 262 -23.73 -2.94 -20.20
CA ALA F 262 -24.95 -3.37 -19.50
C ALA F 262 -26.08 -3.67 -20.49
N THR F 263 -26.22 -2.83 -21.51
CA THR F 263 -27.29 -2.93 -22.48
C THR F 263 -26.73 -2.57 -23.85
N GLY F 264 -27.44 -3.01 -24.88
CA GLY F 264 -27.15 -2.59 -26.24
C GLY F 264 -26.56 -3.67 -27.12
N PHE F 265 -26.19 -4.82 -26.57
CA PHE F 265 -25.61 -5.89 -27.39
C PHE F 265 -26.61 -6.36 -28.45
N VAL F 266 -26.12 -6.55 -29.67
CA VAL F 266 -26.96 -6.95 -30.79
C VAL F 266 -27.03 -8.49 -30.79
N GLN F 267 -28.19 -9.03 -30.41
CA GLN F 267 -28.35 -10.48 -30.28
C GLN F 267 -28.13 -11.18 -31.61
N ASP F 268 -28.72 -10.64 -32.66
CA ASP F 268 -28.75 -11.25 -33.99
C ASP F 268 -28.09 -10.27 -34.93
N PRO F 269 -26.85 -10.51 -35.34
CA PRO F 269 -26.18 -9.56 -36.25
C PRO F 269 -26.91 -9.34 -37.58
N GLN F 270 -27.86 -10.21 -37.97
CA GLN F 270 -28.63 -9.93 -39.17
C GLN F 270 -29.33 -8.57 -39.07
N ASP F 271 -29.81 -8.21 -37.86
CA ASP F 271 -30.49 -6.93 -37.68
C ASP F 271 -29.61 -5.76 -38.10
N LEU F 272 -28.30 -5.83 -37.81
CA LEU F 272 -27.40 -4.78 -38.22
C LEU F 272 -27.08 -4.87 -39.73
N TYR F 273 -26.93 -6.08 -40.27
CA TYR F 273 -26.72 -6.19 -41.72
C TYR F 273 -27.88 -5.55 -42.47
N ASP F 274 -29.10 -5.98 -42.15
CA ASP F 274 -30.32 -5.46 -42.79
C ASP F 274 -30.37 -3.94 -42.68
N ALA F 275 -30.30 -3.40 -41.46
CA ALA F 275 -30.33 -1.95 -41.30
C ALA F 275 -29.24 -1.29 -42.14
N PHE F 276 -28.04 -1.90 -42.18
CA PHE F 276 -26.97 -1.32 -42.98
C PHE F 276 -27.30 -1.38 -44.46
N GLU F 277 -27.96 -2.46 -44.89
CA GLU F 277 -28.32 -2.60 -46.30
C GLU F 277 -29.34 -1.55 -46.71
N THR F 278 -30.39 -1.36 -45.91
CA THR F 278 -31.36 -0.31 -46.18
C THR F 278 -30.66 1.05 -46.35
N LEU F 279 -29.74 1.35 -45.44
CA LEU F 279 -29.02 2.62 -45.49
C LEU F 279 -28.21 2.76 -46.77
N THR F 280 -27.47 1.70 -47.14
CA THR F 280 -26.73 1.73 -48.40
C THR F 280 -27.66 1.83 -49.60
N THR F 281 -28.76 1.05 -49.60
CA THR F 281 -29.73 1.07 -50.69
C THR F 281 -30.26 2.47 -50.96
N GLN F 282 -30.56 3.25 -49.90
CA GLN F 282 -31.00 4.64 -50.05
C GLN F 282 -29.83 5.60 -50.29
N GLY F 283 -28.62 5.10 -50.54
CA GLY F 283 -27.53 5.97 -50.94
C GLY F 283 -26.77 6.64 -49.82
N GLN F 284 -26.88 6.13 -48.59
CA GLN F 284 -26.16 6.71 -47.45
C GLN F 284 -25.55 5.59 -46.61
N PRO F 285 -24.61 4.82 -47.19
CA PRO F 285 -23.91 3.79 -46.41
C PRO F 285 -23.01 4.37 -45.33
N LEU F 286 -23.05 3.75 -44.16
CA LEU F 286 -22.18 4.12 -43.05
C LEU F 286 -20.73 3.71 -43.34
N ARG F 287 -19.80 4.40 -42.68
CA ARG F 287 -18.38 4.09 -42.80
C ARG F 287 -18.03 2.74 -42.16
N GLY F 288 -18.80 2.26 -41.18
CA GLY F 288 -18.45 0.97 -40.57
C GLY F 288 -19.02 0.77 -39.17
N VAL F 289 -18.24 0.07 -38.34
CA VAL F 289 -18.68 -0.46 -37.06
C VAL F 289 -17.59 -0.22 -36.03
N MET F 290 -17.99 0.00 -34.78
CA MET F 290 -17.06 0.12 -33.68
C MET F 290 -17.53 -0.78 -32.54
N THR F 291 -16.61 -1.22 -31.68
CA THR F 291 -17.00 -2.02 -30.53
C THR F 291 -16.13 -1.73 -29.30
N TRP F 292 -16.80 -1.70 -28.15
CA TRP F 292 -16.18 -2.01 -26.86
C TRP F 292 -16.43 -3.49 -26.64
N SER F 293 -15.39 -4.32 -26.68
CA SER F 293 -13.99 -3.95 -26.90
C SER F 293 -13.21 -5.16 -27.49
N ILE F 294 -11.94 -4.95 -27.87
CA ILE F 294 -11.12 -6.08 -28.32
C ILE F 294 -10.91 -7.07 -27.17
N ASN F 295 -10.47 -6.56 -26.02
CA ASN F 295 -10.23 -7.43 -24.87
C ASN F 295 -11.47 -8.26 -24.51
N TRP F 296 -12.65 -7.64 -24.56
CA TRP F 296 -13.87 -8.39 -24.31
C TRP F 296 -14.10 -9.46 -25.36
N ASP F 297 -13.92 -9.12 -26.65
CA ASP F 297 -14.09 -10.11 -27.72
C ASP F 297 -13.13 -11.29 -27.54
N MET F 298 -11.97 -11.04 -26.92
CA MET F 298 -10.98 -12.05 -26.58
C MET F 298 -11.09 -12.55 -25.15
N GLY F 299 -12.18 -12.24 -24.44
CA GLY F 299 -12.32 -12.60 -23.03
C GLY F 299 -13.11 -13.87 -22.79
N THR F 300 -13.53 -14.05 -21.54
CA THR F 300 -14.38 -15.17 -21.12
C THR F 300 -15.64 -14.64 -20.47
N ASN F 301 -16.68 -15.49 -20.43
CA ASN F 301 -17.89 -15.14 -19.71
C ASN F 301 -17.82 -15.69 -18.28
N LYS F 302 -18.91 -15.48 -17.52
CA LYS F 302 -18.90 -15.88 -16.12
C LYS F 302 -18.70 -17.39 -15.93
N ASN F 303 -18.94 -18.19 -16.97
CA ASN F 303 -18.77 -19.63 -16.88
C ASN F 303 -17.43 -20.10 -17.45
N GLY F 304 -16.48 -19.19 -17.64
CA GLY F 304 -15.18 -19.53 -18.17
C GLY F 304 -15.15 -19.83 -19.67
N GLN F 305 -16.28 -19.72 -20.37
N GLN F 305 -16.28 -19.76 -20.37
CA GLN F 305 -16.33 -19.97 -21.81
CA GLN F 305 -16.29 -20.01 -21.81
C GLN F 305 -15.71 -18.82 -22.60
C GLN F 305 -15.66 -18.83 -22.55
N GLN F 306 -14.90 -19.16 -23.61
CA GLN F 306 -14.21 -18.14 -24.40
C GLN F 306 -15.19 -17.45 -25.33
N TYR F 307 -15.09 -16.12 -25.40
CA TYR F 307 -15.86 -15.42 -26.43
C TYR F 307 -15.27 -15.71 -27.81
N ASN F 308 -13.95 -15.94 -27.87
CA ASN F 308 -13.26 -16.42 -29.07
C ASN F 308 -13.53 -15.54 -30.29
N GLU F 309 -13.44 -14.23 -30.10
CA GLU F 309 -13.51 -13.26 -31.20
C GLU F 309 -14.83 -13.36 -31.98
N GLN F 310 -15.92 -13.66 -31.28
CA GLN F 310 -17.22 -13.79 -31.95
C GLN F 310 -17.64 -12.49 -32.62
N PHE F 311 -17.25 -11.34 -32.05
CA PHE F 311 -17.71 -10.08 -32.62
C PHE F 311 -16.97 -9.78 -33.91
N ILE F 312 -15.64 -9.80 -33.88
CA ILE F 312 -14.89 -9.51 -35.09
C ILE F 312 -15.09 -10.60 -36.14
N LYS F 313 -15.57 -11.78 -35.75
CA LYS F 313 -15.98 -12.78 -36.75
C LYS F 313 -17.30 -12.43 -37.40
N ASP F 314 -18.24 -11.83 -36.64
CA ASP F 314 -19.53 -11.48 -37.21
C ASP F 314 -19.45 -10.25 -38.11
N TYR F 315 -18.60 -9.29 -37.77
CA TYR F 315 -18.64 -7.97 -38.40
C TYR F 315 -17.40 -7.60 -39.21
N GLY F 316 -16.26 -8.25 -38.97
CA GLY F 316 -15.06 -8.05 -39.76
C GLY F 316 -15.24 -8.35 -41.24
N PRO F 317 -15.69 -9.58 -41.57
CA PRO F 317 -16.02 -9.88 -42.98
C PRO F 317 -17.05 -8.94 -43.56
N PHE F 318 -18.09 -8.61 -42.78
CA PHE F 318 -19.14 -7.72 -43.28
C PHE F 318 -18.60 -6.36 -43.69
N VAL F 319 -17.82 -5.71 -42.82
CA VAL F 319 -17.27 -4.40 -43.19
C VAL F 319 -16.21 -4.54 -44.28
N HIS F 320 -15.50 -5.67 -44.32
CA HIS F 320 -14.28 -5.74 -45.13
C HIS F 320 -14.36 -6.58 -46.43
C1 EDO G . -11.28 -6.69 26.62
O1 EDO G . -10.26 -6.71 27.60
C2 EDO G . -12.53 -7.02 27.38
O2 EDO G . -12.27 -6.70 28.74
S SO4 H . 13.07 25.45 26.52
O1 SO4 H . 14.27 26.03 25.81
O2 SO4 H . 13.41 25.28 27.98
O3 SO4 H . 11.92 26.39 26.33
O4 SO4 H . 12.75 24.14 25.88
C1 EDO I . -22.79 25.72 28.25
O1 EDO I . -21.72 26.63 28.43
C2 EDO I . -23.78 26.21 27.22
O2 EDO I . -23.18 26.23 25.94
C1 PEG J . -2.89 1.96 38.67
O1 PEG J . -1.83 2.37 39.50
C2 PEG J . -2.76 0.54 38.24
O2 PEG J . -3.89 -0.19 38.74
C3 PEG J . -3.65 -1.53 39.00
C4 PEG J . -4.00 -1.52 40.43
O4 PEG J . -4.96 -0.53 40.31
C1 EDO K . 3.63 12.30 35.97
O1 EDO K . 2.44 12.06 36.72
C2 EDO K . 3.61 13.71 35.41
O2 EDO K . 3.57 14.71 36.41
S SO4 L . 0.59 -14.49 17.52
O1 SO4 L . 1.48 -14.93 16.39
O2 SO4 L . 0.69 -12.99 17.63
O3 SO4 L . -0.84 -14.87 17.25
O4 SO4 L . 0.99 -15.17 18.81
C1 EDO M . 26.19 15.18 22.57
O1 EDO M . 26.28 15.95 21.38
C2 EDO M . 27.52 15.28 23.22
O2 EDO M . 28.51 14.88 22.30
C1 PEG N . 26.62 2.57 31.35
O1 PEG N . 27.59 2.27 30.40
C2 PEG N . 25.83 3.44 30.52
O2 PEG N . 25.28 2.55 29.59
C3 PEG N . 23.93 2.30 29.94
C4 PEG N . 23.76 0.86 30.30
O4 PEG N . 24.49 0.15 29.35
C1 EDO O . 15.29 -8.09 24.22
O1 EDO O . 15.63 -9.37 24.68
C2 EDO O . 16.02 -7.00 25.00
O2 EDO O . 17.28 -7.49 25.44
C1 EDO P . 11.98 -27.73 15.37
O1 EDO P . 11.64 -26.48 15.94
C2 EDO P . 13.24 -27.61 14.52
O2 EDO P . 14.26 -28.47 15.01
S SO4 Q . -42.10 -22.65 16.69
O1 SO4 Q . -42.46 -21.45 15.88
O2 SO4 Q . -41.13 -22.14 17.74
O3 SO4 Q . -43.26 -23.31 17.39
O4 SO4 Q . -41.42 -23.68 15.83
C1 PEG R . -8.67 -17.70 12.58
O1 PEG R . -8.75 -16.60 11.76
C2 PEG R . -9.15 -17.02 13.77
O2 PEG R . -10.37 -16.64 13.23
C3 PEG R . -11.35 -17.66 13.34
C4 PEG R . -12.16 -17.73 12.09
O4 PEG R . -12.95 -18.88 12.12
C1 EDO S . -30.89 11.67 1.33
O1 EDO S . -30.47 12.95 1.75
C2 EDO S . -31.76 11.13 2.44
O2 EDO S . -31.15 11.49 3.67
C1 EDO T . -37.65 10.38 -0.41
O1 EDO T . -36.41 9.96 0.15
C2 EDO T . -37.43 11.62 -1.23
O2 EDO T . -36.43 12.41 -0.62
C1 EDO U . -3.08 -2.86 3.46
O1 EDO U . -3.97 -3.34 2.45
C2 EDO U . -3.40 -1.50 4.01
O2 EDO U . -3.14 -0.44 3.08
C1 EDO V . -6.62 -6.01 22.10
O1 EDO V . -7.00 -4.70 22.46
C2 EDO V . -5.37 -5.89 21.30
O2 EDO V . -5.65 -4.86 20.38
C1 EDO W . -25.47 -20.22 11.49
O1 EDO W . -25.94 -20.77 10.29
C2 EDO W . -23.99 -20.52 11.64
O2 EDO W . -23.30 -20.07 10.49
C1 EDO X . 19.64 30.82 20.30
O1 EDO X . 20.62 31.14 19.32
C2 EDO X . 18.79 31.97 20.10
O2 EDO X . 18.04 31.58 19.01
S SO4 Y . 49.57 40.23 8.26
O1 SO4 Y . 49.32 40.02 6.80
O2 SO4 Y . 51.03 40.43 8.50
O3 SO4 Y . 48.82 41.46 8.69
O4 SO4 Y . 49.12 39.03 9.04
C1 EDO Z . 6.75 23.82 9.13
O1 EDO Z . 7.02 24.95 8.29
C2 EDO Z . 7.14 22.50 8.50
O2 EDO Z . 6.23 22.12 7.49
C1 EDO AA . 31.49 37.72 13.33
O1 EDO AA . 30.24 37.51 12.71
C2 EDO AA . 32.53 37.75 12.22
O2 EDO AA . 32.39 38.96 11.50
C1 EDO BA . 27.21 23.10 -12.57
O1 EDO BA . 27.20 24.44 -12.98
C2 EDO BA . 25.81 22.55 -12.63
O2 EDO BA . 25.67 21.88 -13.88
S SO4 CA . 8.27 -57.33 -28.96
O1 SO4 CA . 8.41 -57.88 -30.34
O2 SO4 CA . 8.06 -55.85 -29.06
O3 SO4 CA . 7.11 -58.00 -28.29
O4 SO4 CA . 9.52 -57.60 -28.14
C1 EDO DA . 23.64 -29.48 -17.61
O1 EDO DA . 22.70 -28.73 -16.88
C2 EDO DA . 24.48 -30.26 -16.64
O2 EDO DA . 25.02 -31.39 -17.30
C1 EDO EA . -26.52 13.56 -48.26
O1 EDO EA . -26.25 12.20 -48.07
C2 EDO EA . -25.85 14.35 -47.17
O2 EDO EA . -24.50 13.91 -46.99
C1 EDO FA . -32.25 10.34 -27.27
O1 EDO FA . -32.81 10.72 -26.02
C2 EDO FA . -33.15 10.85 -28.38
O2 EDO FA . -34.52 10.56 -28.14
C1 EDO GA . -2.06 25.92 -12.88
O1 EDO GA . -1.87 26.29 -14.24
C2 EDO GA . -3.37 26.44 -12.34
O2 EDO GA . -3.71 27.69 -12.92
#